data_1DG8
# 
_entry.id   1DG8 
# 
_audit_conform.dict_name       mmcif_pdbx.dic 
_audit_conform.dict_version    5.385 
_audit_conform.dict_location   http://mmcif.pdb.org/dictionaries/ascii/mmcif_pdbx.dic 
# 
loop_
_database_2.database_id 
_database_2.database_code 
_database_2.pdbx_database_accession 
_database_2.pdbx_DOI 
PDB   1DG8         pdb_00001dg8 10.2210/pdb1dg8/pdb 
RCSB  RCSB010060   ?            ?                   
WWPDB D_1000010060 ?            ?                   
# 
loop_
_pdbx_audit_revision_history.ordinal 
_pdbx_audit_revision_history.data_content_type 
_pdbx_audit_revision_history.major_revision 
_pdbx_audit_revision_history.minor_revision 
_pdbx_audit_revision_history.revision_date 
1 'Structure model' 1 0 2000-03-09 
2 'Structure model' 1 1 2008-04-27 
3 'Structure model' 1 2 2011-07-13 
4 'Structure model' 1 3 2024-02-07 
# 
_pdbx_audit_revision_details.ordinal             1 
_pdbx_audit_revision_details.revision_ordinal    1 
_pdbx_audit_revision_details.data_content_type   'Structure model' 
_pdbx_audit_revision_details.provider            repository 
_pdbx_audit_revision_details.type                'Initial release' 
_pdbx_audit_revision_details.description         ? 
_pdbx_audit_revision_details.details             ? 
# 
loop_
_pdbx_audit_revision_group.ordinal 
_pdbx_audit_revision_group.revision_ordinal 
_pdbx_audit_revision_group.data_content_type 
_pdbx_audit_revision_group.group 
1 2 'Structure model' 'Version format compliance' 
2 3 'Structure model' 'Non-polymer description'   
3 3 'Structure model' 'Version format compliance' 
4 4 'Structure model' 'Data collection'           
5 4 'Structure model' 'Database references'       
6 4 'Structure model' 'Derived calculations'      
# 
loop_
_pdbx_audit_revision_category.ordinal 
_pdbx_audit_revision_category.revision_ordinal 
_pdbx_audit_revision_category.data_content_type 
_pdbx_audit_revision_category.category 
1 4 'Structure model' chem_comp_atom 
2 4 'Structure model' chem_comp_bond 
3 4 'Structure model' database_2     
4 4 'Structure model' struct_site    
# 
loop_
_pdbx_audit_revision_item.ordinal 
_pdbx_audit_revision_item.revision_ordinal 
_pdbx_audit_revision_item.data_content_type 
_pdbx_audit_revision_item.item 
1 4 'Structure model' '_database_2.pdbx_DOI'                
2 4 'Structure model' '_database_2.pdbx_database_accession' 
3 4 'Structure model' '_struct_site.pdbx_auth_asym_id'      
4 4 'Structure model' '_struct_site.pdbx_auth_comp_id'      
5 4 'Structure model' '_struct_site.pdbx_auth_seq_id'       
# 
_pdbx_database_status.status_code                     REL 
_pdbx_database_status.entry_id                        1DG8 
_pdbx_database_status.recvd_initial_deposition_date   1999-11-23 
_pdbx_database_status.deposit_site                    RCSB 
_pdbx_database_status.process_site                    RCSB 
_pdbx_database_status.SG_entry                        . 
_pdbx_database_status.status_code_sf                  ? 
_pdbx_database_status.status_code_mr                  ? 
_pdbx_database_status.pdb_format_compatible           Y 
_pdbx_database_status.status_code_cs                  ? 
_pdbx_database_status.status_code_nmr_data            ? 
_pdbx_database_status.methods_development_category    ? 
# 
loop_
_pdbx_database_related.db_name 
_pdbx_database_related.db_id 
_pdbx_database_related.details 
_pdbx_database_related.content_type 
PDB 1DF7 . unspecified 
PDB 1DG5 . unspecified 
PDB 1DG7 . unspecified 
# 
loop_
_audit_author.name 
_audit_author.pdbx_ordinal 
'Li, R.'           1 
'Sirawaraporn, R.' 2 
'Chitnumsub, P.'   3 
'Sirawaraporn, W.' 4 
'Wooden, J.'       5 
'Athappilly, F.'   6 
'Turley, S.'       7 
'Hol, W.G.'        8 
# 
loop_
_citation.id 
_citation.title 
_citation.journal_abbrev 
_citation.journal_volume 
_citation.page_first 
_citation.page_last 
_citation.year 
_citation.journal_id_ASTM 
_citation.country 
_citation.journal_id_ISSN 
_citation.journal_id_CSD 
_citation.book_publisher 
_citation.pdbx_database_id_PubMed 
_citation.pdbx_database_id_DOI 
primary 
;Three-dimensional structure of M. tuberculosis dihydrofolate reductase reveals opportunities for the design of novel tuberculosis drugs.
;
J.Mol.Biol.  295 307   323   2000 JMOBAK UK 0022-2836 0070 ? 10623528 10.1006/jmbi.1999.3328 
1       
;Comparison of Two Independent Crystal Structures of Human Dihydrofolate Reductase Ternary Complexes Reduced with Nicotinamide Adenine Dinucleotide Phosphate and the Very Tight-Binding Inhibitor PT523
;
Biochemistry 36  13897 13903 1997 BICHAW US 0006-2960 0033 ? ?        10.1021/bi971711l      
# 
loop_
_citation_author.citation_id 
_citation_author.name 
_citation_author.ordinal 
_citation_author.identifier_ORCID 
primary 'Li, R.'           1  ? 
primary 'Sirawaraporn, R.' 2  ? 
primary 'Chitnumsub, P.'   3  ? 
primary 'Sirawaraporn, W.' 4  ? 
primary 'Wooden, J.'       5  ? 
primary 'Athappilly, F.'   6  ? 
primary 'Turley, S.'       7  ? 
primary 'Hol, W.G.'        8  ? 
1       'Cody, V.'         9  ? 
1       'Galitsky, N.'     10 ? 
1       'Luft, J.R.'       11 ? 
1       'Pangborn, W.'     12 ? 
1       'Rosowsky, A.'     13 ? 
1       'Blakely, R.L.'    14 ? 
# 
loop_
_entity.id 
_entity.type 
_entity.src_method 
_entity.pdbx_description 
_entity.formula_weight 
_entity.pdbx_number_of_molecules 
_entity.pdbx_ec 
_entity.pdbx_mutation 
_entity.pdbx_fragment 
_entity.details 
1 polymer     nat 'DIHYDROFOLATE REDUCTASE'                                   17660.992 1  1.5.1.3 ? ? ? 
2 non-polymer syn 'NADPH DIHYDRO-NICOTINAMIDE-ADENINE-DINUCLEOTIDE PHOSPHATE' 745.421   1  ?       ? ? ? 
3 non-polymer syn GLYCEROL                                                    92.094    5  ?       ? ? ? 
4 water       nat water                                                       18.015    96 ?       ? ? ? 
# 
_entity_name_com.entity_id   1 
_entity_name_com.name        DHFR 
# 
_entity_poly.entity_id                      1 
_entity_poly.type                           'polypeptide(L)' 
_entity_poly.nstd_linkage                   no 
_entity_poly.nstd_monomer                   no 
_entity_poly.pdbx_seq_one_letter_code       
;MVGLIWAQATSGVIGRGGDIPWRLPEDQAHFREITMGHTIVMGRRTWDSLPAKVRPLPGRRNVVLSRQADFMASGAEVVG
SLEEALTSPETWVIGGGQVYALALPYATRCEVTEVDIGLPREAGDALAPVLDETWRGETGEWRFSRSGLRYRLYSYHRS
;
_entity_poly.pdbx_seq_one_letter_code_can   
;MVGLIWAQATSGVIGRGGDIPWRLPEDQAHFREITMGHTIVMGRRTWDSLPAKVRPLPGRRNVVLSRQADFMASGAEVVG
SLEEALTSPETWVIGGGQVYALALPYATRCEVTEVDIGLPREAGDALAPVLDETWRGETGEWRFSRSGLRYRLYSYHRS
;
_entity_poly.pdbx_strand_id                 A 
_entity_poly.pdbx_target_identifier         ? 
# 
loop_
_pdbx_entity_nonpoly.entity_id 
_pdbx_entity_nonpoly.name 
_pdbx_entity_nonpoly.comp_id 
2 'NADPH DIHYDRO-NICOTINAMIDE-ADENINE-DINUCLEOTIDE PHOSPHATE' NDP 
3 GLYCEROL                                                    GOL 
4 water                                                       HOH 
# 
loop_
_entity_poly_seq.entity_id 
_entity_poly_seq.num 
_entity_poly_seq.mon_id 
_entity_poly_seq.hetero 
1 1   MET n 
1 2   VAL n 
1 3   GLY n 
1 4   LEU n 
1 5   ILE n 
1 6   TRP n 
1 7   ALA n 
1 8   GLN n 
1 9   ALA n 
1 10  THR n 
1 11  SER n 
1 12  GLY n 
1 13  VAL n 
1 14  ILE n 
1 15  GLY n 
1 16  ARG n 
1 17  GLY n 
1 18  GLY n 
1 19  ASP n 
1 20  ILE n 
1 21  PRO n 
1 22  TRP n 
1 23  ARG n 
1 24  LEU n 
1 25  PRO n 
1 26  GLU n 
1 27  ASP n 
1 28  GLN n 
1 29  ALA n 
1 30  HIS n 
1 31  PHE n 
1 32  ARG n 
1 33  GLU n 
1 34  ILE n 
1 35  THR n 
1 36  MET n 
1 37  GLY n 
1 38  HIS n 
1 39  THR n 
1 40  ILE n 
1 41  VAL n 
1 42  MET n 
1 43  GLY n 
1 44  ARG n 
1 45  ARG n 
1 46  THR n 
1 47  TRP n 
1 48  ASP n 
1 49  SER n 
1 50  LEU n 
1 51  PRO n 
1 52  ALA n 
1 53  LYS n 
1 54  VAL n 
1 55  ARG n 
1 56  PRO n 
1 57  LEU n 
1 58  PRO n 
1 59  GLY n 
1 60  ARG n 
1 61  ARG n 
1 62  ASN n 
1 63  VAL n 
1 64  VAL n 
1 65  LEU n 
1 66  SER n 
1 67  ARG n 
1 68  GLN n 
1 69  ALA n 
1 70  ASP n 
1 71  PHE n 
1 72  MET n 
1 73  ALA n 
1 74  SER n 
1 75  GLY n 
1 76  ALA n 
1 77  GLU n 
1 78  VAL n 
1 79  VAL n 
1 80  GLY n 
1 81  SER n 
1 82  LEU n 
1 83  GLU n 
1 84  GLU n 
1 85  ALA n 
1 86  LEU n 
1 87  THR n 
1 88  SER n 
1 89  PRO n 
1 90  GLU n 
1 91  THR n 
1 92  TRP n 
1 93  VAL n 
1 94  ILE n 
1 95  GLY n 
1 96  GLY n 
1 97  GLY n 
1 98  GLN n 
1 99  VAL n 
1 100 TYR n 
1 101 ALA n 
1 102 LEU n 
1 103 ALA n 
1 104 LEU n 
1 105 PRO n 
1 106 TYR n 
1 107 ALA n 
1 108 THR n 
1 109 ARG n 
1 110 CYS n 
1 111 GLU n 
1 112 VAL n 
1 113 THR n 
1 114 GLU n 
1 115 VAL n 
1 116 ASP n 
1 117 ILE n 
1 118 GLY n 
1 119 LEU n 
1 120 PRO n 
1 121 ARG n 
1 122 GLU n 
1 123 ALA n 
1 124 GLY n 
1 125 ASP n 
1 126 ALA n 
1 127 LEU n 
1 128 ALA n 
1 129 PRO n 
1 130 VAL n 
1 131 LEU n 
1 132 ASP n 
1 133 GLU n 
1 134 THR n 
1 135 TRP n 
1 136 ARG n 
1 137 GLY n 
1 138 GLU n 
1 139 THR n 
1 140 GLY n 
1 141 GLU n 
1 142 TRP n 
1 143 ARG n 
1 144 PHE n 
1 145 SER n 
1 146 ARG n 
1 147 SER n 
1 148 GLY n 
1 149 LEU n 
1 150 ARG n 
1 151 TYR n 
1 152 ARG n 
1 153 LEU n 
1 154 TYR n 
1 155 SER n 
1 156 TYR n 
1 157 HIS n 
1 158 ARG n 
1 159 SER n 
# 
_entity_src_nat.entity_id                  1 
_entity_src_nat.pdbx_src_id                1 
_entity_src_nat.pdbx_alt_source_flag       sample 
_entity_src_nat.pdbx_beg_seq_num           ? 
_entity_src_nat.pdbx_end_seq_num           ? 
_entity_src_nat.common_name                ? 
_entity_src_nat.pdbx_organism_scientific   'Mycobacterium tuberculosis' 
_entity_src_nat.pdbx_ncbi_taxonomy_id      1773 
_entity_src_nat.genus                      Mycobacterium 
_entity_src_nat.species                    ? 
_entity_src_nat.strain                     ? 
_entity_src_nat.tissue                     ? 
_entity_src_nat.tissue_fraction            ? 
_entity_src_nat.pdbx_secretion             ? 
_entity_src_nat.pdbx_fragment              ? 
_entity_src_nat.pdbx_variant               ? 
_entity_src_nat.pdbx_cell_line             ? 
_entity_src_nat.pdbx_atcc                  ? 
_entity_src_nat.pdbx_cellular_location     ? 
_entity_src_nat.pdbx_organ                 ? 
_entity_src_nat.pdbx_organelle             ? 
_entity_src_nat.pdbx_cell                  ? 
_entity_src_nat.pdbx_plasmid_name          ? 
_entity_src_nat.pdbx_plasmid_details       ? 
_entity_src_nat.details                    ? 
# 
loop_
_chem_comp.id 
_chem_comp.type 
_chem_comp.mon_nstd_flag 
_chem_comp.name 
_chem_comp.pdbx_synonyms 
_chem_comp.formula 
_chem_comp.formula_weight 
ALA 'L-peptide linking' y ALANINE                                                     ?                               'C3 H7 N O2' 
89.093  
ARG 'L-peptide linking' y ARGININE                                                    ?                               
'C6 H15 N4 O2 1'    175.209 
ASN 'L-peptide linking' y ASPARAGINE                                                  ?                               
'C4 H8 N2 O3'       132.118 
ASP 'L-peptide linking' y 'ASPARTIC ACID'                                             ?                               'C4 H7 N O4' 
133.103 
CYS 'L-peptide linking' y CYSTEINE                                                    ?                               
'C3 H7 N O2 S'      121.158 
GLN 'L-peptide linking' y GLUTAMINE                                                   ?                               
'C5 H10 N2 O3'      146.144 
GLU 'L-peptide linking' y 'GLUTAMIC ACID'                                             ?                               'C5 H9 N O4' 
147.129 
GLY 'peptide linking'   y GLYCINE                                                     ?                               'C2 H5 N O2' 
75.067  
GOL non-polymer         . GLYCEROL                                                    'GLYCERIN; PROPANE-1,2,3-TRIOL' 'C3 H8 O3' 
92.094  
HIS 'L-peptide linking' y HISTIDINE                                                   ?                               
'C6 H10 N3 O2 1'    156.162 
HOH non-polymer         . WATER                                                       ?                               'H2 O' 
18.015  
ILE 'L-peptide linking' y ISOLEUCINE                                                  ?                               
'C6 H13 N O2'       131.173 
LEU 'L-peptide linking' y LEUCINE                                                     ?                               
'C6 H13 N O2'       131.173 
LYS 'L-peptide linking' y LYSINE                                                      ?                               
'C6 H15 N2 O2 1'    147.195 
MET 'L-peptide linking' y METHIONINE                                                  ?                               
'C5 H11 N O2 S'     149.211 
NDP non-polymer         . 'NADPH DIHYDRO-NICOTINAMIDE-ADENINE-DINUCLEOTIDE PHOSPHATE' ?                               
'C21 H30 N7 O17 P3' 745.421 
PHE 'L-peptide linking' y PHENYLALANINE                                               ?                               
'C9 H11 N O2'       165.189 
PRO 'L-peptide linking' y PROLINE                                                     ?                               'C5 H9 N O2' 
115.130 
SER 'L-peptide linking' y SERINE                                                      ?                               'C3 H7 N O3' 
105.093 
THR 'L-peptide linking' y THREONINE                                                   ?                               'C4 H9 N O3' 
119.119 
TRP 'L-peptide linking' y TRYPTOPHAN                                                  ?                               
'C11 H12 N2 O2'     204.225 
TYR 'L-peptide linking' y TYROSINE                                                    ?                               
'C9 H11 N O3'       181.189 
VAL 'L-peptide linking' y VALINE                                                      ?                               
'C5 H11 N O2'       117.146 
# 
loop_
_pdbx_poly_seq_scheme.asym_id 
_pdbx_poly_seq_scheme.entity_id 
_pdbx_poly_seq_scheme.seq_id 
_pdbx_poly_seq_scheme.mon_id 
_pdbx_poly_seq_scheme.ndb_seq_num 
_pdbx_poly_seq_scheme.pdb_seq_num 
_pdbx_poly_seq_scheme.auth_seq_num 
_pdbx_poly_seq_scheme.pdb_mon_id 
_pdbx_poly_seq_scheme.auth_mon_id 
_pdbx_poly_seq_scheme.pdb_strand_id 
_pdbx_poly_seq_scheme.pdb_ins_code 
_pdbx_poly_seq_scheme.hetero 
A 1 1   MET 1   1   1   MET MET A . n 
A 1 2   VAL 2   2   2   VAL VAL A . n 
A 1 3   GLY 3   3   3   GLY GLY A . n 
A 1 4   LEU 4   4   4   LEU LEU A . n 
A 1 5   ILE 5   5   5   ILE ILE A . n 
A 1 6   TRP 6   6   6   TRP TRP A . n 
A 1 7   ALA 7   7   7   ALA ALA A . n 
A 1 8   GLN 8   8   8   GLN GLN A . n 
A 1 9   ALA 9   9   9   ALA ALA A . n 
A 1 10  THR 10  10  10  THR THR A . n 
A 1 11  SER 11  11  11  SER SER A . n 
A 1 12  GLY 12  12  12  GLY GLY A . n 
A 1 13  VAL 13  13  13  VAL VAL A . n 
A 1 14  ILE 14  14  14  ILE ILE A . n 
A 1 15  GLY 15  15  15  GLY GLY A . n 
A 1 16  ARG 16  16  16  ARG ARG A . n 
A 1 17  GLY 17  17  17  GLY GLY A . n 
A 1 18  GLY 18  18  18  GLY GLY A . n 
A 1 19  ASP 19  19  19  ASP ASP A . n 
A 1 20  ILE 20  20  20  ILE ILE A . n 
A 1 21  PRO 21  21  21  PRO PRO A . n 
A 1 22  TRP 22  22  22  TRP TRP A . n 
A 1 23  ARG 23  23  23  ARG ARG A . n 
A 1 24  LEU 24  24  24  LEU LEU A . n 
A 1 25  PRO 25  25  25  PRO PRO A . n 
A 1 26  GLU 26  26  26  GLU GLU A . n 
A 1 27  ASP 27  27  27  ASP ASP A . n 
A 1 28  GLN 28  28  28  GLN GLN A . n 
A 1 29  ALA 29  29  29  ALA ALA A . n 
A 1 30  HIS 30  30  30  HIS HIS A . n 
A 1 31  PHE 31  31  31  PHE PHE A . n 
A 1 32  ARG 32  32  32  ARG ARG A . n 
A 1 33  GLU 33  33  33  GLU GLU A . n 
A 1 34  ILE 34  34  34  ILE ILE A . n 
A 1 35  THR 35  35  35  THR THR A . n 
A 1 36  MET 36  36  36  MET MET A . n 
A 1 37  GLY 37  37  37  GLY GLY A . n 
A 1 38  HIS 38  38  38  HIS HIS A . n 
A 1 39  THR 39  39  39  THR THR A . n 
A 1 40  ILE 40  40  40  ILE ILE A . n 
A 1 41  VAL 41  41  41  VAL VAL A . n 
A 1 42  MET 42  42  42  MET MET A . n 
A 1 43  GLY 43  43  43  GLY GLY A . n 
A 1 44  ARG 44  44  44  ARG ARG A . n 
A 1 45  ARG 45  45  45  ARG ARG A . n 
A 1 46  THR 46  46  46  THR THR A . n 
A 1 47  TRP 47  47  47  TRP TRP A . n 
A 1 48  ASP 48  48  48  ASP ASP A . n 
A 1 49  SER 49  49  49  SER SER A . n 
A 1 50  LEU 50  50  50  LEU LEU A . n 
A 1 51  PRO 51  51  51  PRO PRO A . n 
A 1 52  ALA 52  52  52  ALA ALA A . n 
A 1 53  LYS 53  53  53  LYS LYS A . n 
A 1 54  VAL 54  54  54  VAL VAL A . n 
A 1 55  ARG 55  55  55  ARG ARG A . n 
A 1 56  PRO 56  56  56  PRO PRO A . n 
A 1 57  LEU 57  57  57  LEU LEU A . n 
A 1 58  PRO 58  58  58  PRO PRO A . n 
A 1 59  GLY 59  59  59  GLY GLY A . n 
A 1 60  ARG 60  60  60  ARG ARG A . n 
A 1 61  ARG 61  61  61  ARG ARG A . n 
A 1 62  ASN 62  62  62  ASN ASN A . n 
A 1 63  VAL 63  63  63  VAL VAL A . n 
A 1 64  VAL 64  64  64  VAL VAL A . n 
A 1 65  LEU 65  65  65  LEU LEU A . n 
A 1 66  SER 66  66  66  SER SER A . n 
A 1 67  ARG 67  67  67  ARG ARG A . n 
A 1 68  GLN 68  68  68  GLN GLN A . n 
A 1 69  ALA 69  69  69  ALA ALA A . n 
A 1 70  ASP 70  70  70  ASP ASP A . n 
A 1 71  PHE 71  71  71  PHE PHE A . n 
A 1 72  MET 72  72  72  MET MET A . n 
A 1 73  ALA 73  73  73  ALA ALA A . n 
A 1 74  SER 74  74  74  SER SER A . n 
A 1 75  GLY 75  75  75  GLY GLY A . n 
A 1 76  ALA 76  76  76  ALA ALA A . n 
A 1 77  GLU 77  77  77  GLU GLU A . n 
A 1 78  VAL 78  78  78  VAL VAL A . n 
A 1 79  VAL 79  79  79  VAL VAL A . n 
A 1 80  GLY 80  80  80  GLY GLY A . n 
A 1 81  SER 81  81  81  SER SER A . n 
A 1 82  LEU 82  82  82  LEU LEU A . n 
A 1 83  GLU 83  83  83  GLU GLU A . n 
A 1 84  GLU 84  84  84  GLU GLU A . n 
A 1 85  ALA 85  85  85  ALA ALA A . n 
A 1 86  LEU 86  86  86  LEU LEU A . n 
A 1 87  THR 87  87  87  THR THR A . n 
A 1 88  SER 88  88  88  SER SER A . n 
A 1 89  PRO 89  89  89  PRO PRO A . n 
A 1 90  GLU 90  90  90  GLU GLU A . n 
A 1 91  THR 91  91  91  THR THR A . n 
A 1 92  TRP 92  92  92  TRP TRP A . n 
A 1 93  VAL 93  93  93  VAL VAL A . n 
A 1 94  ILE 94  94  94  ILE ILE A . n 
A 1 95  GLY 95  95  95  GLY GLY A . n 
A 1 96  GLY 96  96  96  GLY GLY A . n 
A 1 97  GLY 97  97  97  GLY GLY A . n 
A 1 98  GLN 98  98  98  GLN GLN A . n 
A 1 99  VAL 99  99  99  VAL VAL A . n 
A 1 100 TYR 100 100 100 TYR TYR A . n 
A 1 101 ALA 101 101 101 ALA ALA A . n 
A 1 102 LEU 102 102 102 LEU LEU A . n 
A 1 103 ALA 103 103 103 ALA ALA A . n 
A 1 104 LEU 104 104 104 LEU LEU A . n 
A 1 105 PRO 105 105 105 PRO PRO A . n 
A 1 106 TYR 106 106 106 TYR TYR A . n 
A 1 107 ALA 107 107 107 ALA ALA A . n 
A 1 108 THR 108 108 108 THR THR A . n 
A 1 109 ARG 109 109 109 ARG ARG A . n 
A 1 110 CYS 110 110 110 CYS CYS A . n 
A 1 111 GLU 111 111 111 GLU GLU A . n 
A 1 112 VAL 112 112 112 VAL VAL A . n 
A 1 113 THR 113 113 113 THR THR A . n 
A 1 114 GLU 114 114 114 GLU GLU A . n 
A 1 115 VAL 115 115 115 VAL VAL A . n 
A 1 116 ASP 116 116 116 ASP ASP A . n 
A 1 117 ILE 117 117 117 ILE ILE A . n 
A 1 118 GLY 118 118 118 GLY GLY A . n 
A 1 119 LEU 119 119 119 LEU LEU A . n 
A 1 120 PRO 120 120 120 PRO PRO A . n 
A 1 121 ARG 121 121 121 ARG ARG A . n 
A 1 122 GLU 122 122 122 GLU GLU A . n 
A 1 123 ALA 123 123 123 ALA ALA A . n 
A 1 124 GLY 124 124 124 GLY GLY A . n 
A 1 125 ASP 125 125 125 ASP ASP A . n 
A 1 126 ALA 126 126 126 ALA ALA A . n 
A 1 127 LEU 127 127 127 LEU LEU A . n 
A 1 128 ALA 128 128 128 ALA ALA A . n 
A 1 129 PRO 129 129 129 PRO PRO A . n 
A 1 130 VAL 130 130 130 VAL VAL A . n 
A 1 131 LEU 131 131 131 LEU LEU A . n 
A 1 132 ASP 132 132 132 ASP ASP A . n 
A 1 133 GLU 133 133 133 GLU GLU A . n 
A 1 134 THR 134 134 134 THR THR A . n 
A 1 135 TRP 135 135 135 TRP TRP A . n 
A 1 136 ARG 136 136 136 ARG ARG A . n 
A 1 137 GLY 137 137 137 GLY GLY A . n 
A 1 138 GLU 138 138 138 GLU GLU A . n 
A 1 139 THR 139 139 139 THR THR A . n 
A 1 140 GLY 140 140 140 GLY GLY A . n 
A 1 141 GLU 141 141 141 GLU GLU A . n 
A 1 142 TRP 142 142 142 TRP TRP A . n 
A 1 143 ARG 143 143 143 ARG ARG A . n 
A 1 144 PHE 144 144 144 PHE PHE A . n 
A 1 145 SER 145 145 145 SER SER A . n 
A 1 146 ARG 146 146 146 ARG ARG A . n 
A 1 147 SER 147 147 147 SER SER A . n 
A 1 148 GLY 148 148 148 GLY GLY A . n 
A 1 149 LEU 149 149 149 LEU LEU A . n 
A 1 150 ARG 150 150 150 ARG ARG A . n 
A 1 151 TYR 151 151 151 TYR TYR A . n 
A 1 152 ARG 152 152 152 ARG ARG A . n 
A 1 153 LEU 153 153 153 LEU LEU A . n 
A 1 154 TYR 154 154 154 TYR TYR A . n 
A 1 155 SER 155 155 155 SER SER A . n 
A 1 156 TYR 156 156 156 TYR TYR A . n 
A 1 157 HIS 157 157 157 HIS HIS A . n 
A 1 158 ARG 158 158 158 ARG ARG A . n 
A 1 159 SER 159 159 159 SER SER A . n 
# 
loop_
_pdbx_nonpoly_scheme.asym_id 
_pdbx_nonpoly_scheme.entity_id 
_pdbx_nonpoly_scheme.mon_id 
_pdbx_nonpoly_scheme.ndb_seq_num 
_pdbx_nonpoly_scheme.pdb_seq_num 
_pdbx_nonpoly_scheme.auth_seq_num 
_pdbx_nonpoly_scheme.pdb_mon_id 
_pdbx_nonpoly_scheme.auth_mon_id 
_pdbx_nonpoly_scheme.pdb_strand_id 
_pdbx_nonpoly_scheme.pdb_ins_code 
B 2 NDP 1  160 1  NDP NDP A . 
C 3 GOL 1  161 1  GOL GOL A . 
D 3 GOL 1  162 2  GOL GOL A . 
E 3 GOL 1  163 3  GOL GOL A . 
F 3 GOL 1  164 4  GOL GOL A . 
G 3 GOL 1  165 5  GOL GOL A . 
H 4 HOH 1  166 1  HOH WAT A . 
H 4 HOH 2  167 2  HOH WAT A . 
H 4 HOH 3  168 3  HOH WAT A . 
H 4 HOH 4  169 4  HOH WAT A . 
H 4 HOH 5  170 5  HOH WAT A . 
H 4 HOH 6  171 6  HOH WAT A . 
H 4 HOH 7  172 7  HOH WAT A . 
H 4 HOH 8  173 8  HOH WAT A . 
H 4 HOH 9  174 9  HOH WAT A . 
H 4 HOH 10 175 10 HOH WAT A . 
H 4 HOH 11 176 11 HOH WAT A . 
H 4 HOH 12 177 12 HOH WAT A . 
H 4 HOH 13 178 13 HOH WAT A . 
H 4 HOH 14 179 14 HOH WAT A . 
H 4 HOH 15 180 15 HOH WAT A . 
H 4 HOH 16 181 16 HOH WAT A . 
H 4 HOH 17 182 17 HOH WAT A . 
H 4 HOH 18 183 18 HOH WAT A . 
H 4 HOH 19 184 19 HOH WAT A . 
H 4 HOH 20 185 20 HOH WAT A . 
H 4 HOH 21 186 21 HOH WAT A . 
H 4 HOH 22 187 22 HOH WAT A . 
H 4 HOH 23 188 23 HOH WAT A . 
H 4 HOH 24 189 24 HOH WAT A . 
H 4 HOH 25 190 25 HOH WAT A . 
H 4 HOH 26 191 26 HOH WAT A . 
H 4 HOH 27 192 27 HOH WAT A . 
H 4 HOH 28 193 28 HOH WAT A . 
H 4 HOH 29 194 29 HOH WAT A . 
H 4 HOH 30 195 30 HOH WAT A . 
H 4 HOH 31 196 31 HOH WAT A . 
H 4 HOH 32 197 32 HOH WAT A . 
H 4 HOH 33 198 33 HOH WAT A . 
H 4 HOH 34 199 34 HOH WAT A . 
H 4 HOH 35 200 35 HOH WAT A . 
H 4 HOH 36 201 36 HOH WAT A . 
H 4 HOH 37 202 37 HOH WAT A . 
H 4 HOH 38 203 38 HOH WAT A . 
H 4 HOH 39 204 39 HOH WAT A . 
H 4 HOH 40 205 40 HOH WAT A . 
H 4 HOH 41 206 41 HOH WAT A . 
H 4 HOH 42 207 42 HOH WAT A . 
H 4 HOH 43 208 43 HOH WAT A . 
H 4 HOH 44 209 44 HOH WAT A . 
H 4 HOH 45 210 45 HOH WAT A . 
H 4 HOH 46 211 46 HOH WAT A . 
H 4 HOH 47 212 47 HOH WAT A . 
H 4 HOH 48 213 48 HOH WAT A . 
H 4 HOH 49 214 49 HOH WAT A . 
H 4 HOH 50 215 50 HOH WAT A . 
H 4 HOH 51 216 51 HOH WAT A . 
H 4 HOH 52 217 52 HOH WAT A . 
H 4 HOH 53 218 53 HOH WAT A . 
H 4 HOH 54 219 54 HOH WAT A . 
H 4 HOH 55 220 55 HOH WAT A . 
H 4 HOH 56 221 56 HOH WAT A . 
H 4 HOH 57 222 57 HOH WAT A . 
H 4 HOH 58 223 58 HOH WAT A . 
H 4 HOH 59 224 59 HOH WAT A . 
H 4 HOH 60 225 60 HOH WAT A . 
H 4 HOH 61 226 61 HOH WAT A . 
H 4 HOH 62 227 62 HOH WAT A . 
H 4 HOH 63 228 63 HOH WAT A . 
H 4 HOH 64 229 64 HOH WAT A . 
H 4 HOH 65 230 65 HOH WAT A . 
H 4 HOH 66 231 66 HOH WAT A . 
H 4 HOH 67 232 67 HOH WAT A . 
H 4 HOH 68 233 68 HOH WAT A . 
H 4 HOH 69 234 69 HOH WAT A . 
H 4 HOH 70 235 70 HOH WAT A . 
H 4 HOH 71 236 71 HOH WAT A . 
H 4 HOH 72 237 72 HOH WAT A . 
H 4 HOH 73 238 73 HOH WAT A . 
H 4 HOH 74 239 74 HOH WAT A . 
H 4 HOH 75 240 75 HOH WAT A . 
H 4 HOH 76 241 76 HOH WAT A . 
H 4 HOH 77 242 77 HOH WAT A . 
H 4 HOH 78 243 78 HOH WAT A . 
H 4 HOH 79 244 79 HOH WAT A . 
H 4 HOH 80 245 80 HOH WAT A . 
H 4 HOH 81 246 81 HOH WAT A . 
H 4 HOH 82 247 82 HOH WAT A . 
H 4 HOH 83 248 83 HOH WAT A . 
H 4 HOH 84 249 84 HOH WAT A . 
H 4 HOH 85 250 85 HOH WAT A . 
H 4 HOH 86 251 86 HOH WAT A . 
H 4 HOH 87 252 87 HOH WAT A . 
H 4 HOH 88 253 88 HOH WAT A . 
H 4 HOH 89 254 89 HOH WAT A . 
H 4 HOH 90 255 90 HOH WAT A . 
H 4 HOH 91 256 91 HOH WAT A . 
H 4 HOH 92 257 92 HOH WAT A . 
H 4 HOH 93 258 93 HOH WAT A . 
H 4 HOH 94 259 94 HOH WAT A . 
H 4 HOH 95 260 95 HOH WAT A . 
H 4 HOH 96 261 96 HOH WAT A . 
# 
loop_
_software.name 
_software.classification 
_software.version 
_software.citation_id 
_software.pdbx_ordinal 
SHARP     phasing          . ? 1 
X-PLOR    refinement       . ? 2 
DENZO     'data reduction' . ? 3 
SCALEPACK 'data scaling'   . ? 4 
# 
_cell.entry_id           1DG8 
_cell.length_a           60.380 
_cell.length_b           60.380 
_cell.length_c           58.660 
_cell.angle_alpha        90.00 
_cell.angle_beta         90.00 
_cell.angle_gamma        90.00 
_cell.Z_PDB              4 
_cell.pdbx_unique_axis   ? 
_cell.length_a_esd       ? 
_cell.length_b_esd       ? 
_cell.length_c_esd       ? 
_cell.angle_alpha_esd    ? 
_cell.angle_beta_esd     ? 
_cell.angle_gamma_esd    ? 
# 
_symmetry.entry_id                         1DG8 
_symmetry.space_group_name_H-M             'P 41' 
_symmetry.pdbx_full_space_group_name_H-M   ? 
_symmetry.cell_setting                     ? 
_symmetry.Int_Tables_number                76 
_symmetry.space_group_name_Hall            ? 
# 
_exptl.entry_id          1DG8 
_exptl.method            'X-RAY DIFFRACTION' 
_exptl.crystals_number   1 
# 
_exptl_crystal.id                    1 
_exptl_crystal.density_meas          ? 
_exptl_crystal.density_Matthews      3.03 
_exptl_crystal.density_percent_sol   59.35 
_exptl_crystal.description           ? 
_exptl_crystal.F_000                 ? 
_exptl_crystal.preparation           ? 
# 
_exptl_crystal_grow.crystal_id      1 
_exptl_crystal_grow.method          'VAPOR DIFFUSION, HANGING DROP' 
_exptl_crystal_grow.temp            277 
_exptl_crystal_grow.temp_details    ? 
_exptl_crystal_grow.pH              4.5 
_exptl_crystal_grow.pdbx_details    
;AMMONIUM SULFATE, SODIUM ACETATE, GLYCEROL, NADPH, POTASSIUM PHOSPHATE, DTT, 
POTASSIUM CHLORIDE, pH 4.5, VAPOR DIFFUSION, HANGING DROP, temperature 277K
;
_exptl_crystal_grow.pdbx_pH_range   . 
# 
_diffrn.id                     1 
_diffrn.ambient_temp           100 
_diffrn.ambient_temp_details   ? 
_diffrn.crystal_id             1 
# 
_diffrn_detector.diffrn_id              1 
_diffrn_detector.detector               CCD 
_diffrn_detector.type                   SBC-2 
_diffrn_detector.pdbx_collection_date   1998-09-17 
_diffrn_detector.details                ? 
# 
_diffrn_radiation.diffrn_id                        1 
_diffrn_radiation.wavelength_id                    1 
_diffrn_radiation.pdbx_monochromatic_or_laue_m_l   M 
_diffrn_radiation.monochromator                    ? 
_diffrn_radiation.pdbx_diffrn_protocol             'SINGLE WAVELENGTH' 
_diffrn_radiation.pdbx_scattering_type             x-ray 
# 
_diffrn_radiation_wavelength.id           1 
_diffrn_radiation_wavelength.wavelength   1.0188 
_diffrn_radiation_wavelength.wt           1.0 
# 
_diffrn_source.diffrn_id                   1 
_diffrn_source.source                      SYNCHROTRON 
_diffrn_source.type                        'APS BEAMLINE 19-ID' 
_diffrn_source.pdbx_synchrotron_site       APS 
_diffrn_source.pdbx_synchrotron_beamline   19-ID 
_diffrn_source.pdbx_wavelength             1.0188 
_diffrn_source.pdbx_wavelength_list        1.0188 
# 
_reflns.entry_id                     1DG8 
_reflns.observed_criterion_sigma_I   ? 
_reflns.observed_criterion_sigma_F   ? 
_reflns.d_resolution_low             50.0 
_reflns.d_resolution_high            2.0 
_reflns.number_obs                   14339 
_reflns.number_all                   ? 
_reflns.percent_possible_obs         99.9 
_reflns.pdbx_Rmerge_I_obs            0.0420000 
_reflns.pdbx_Rsym_value              ? 
_reflns.pdbx_netI_over_sigmaI        ? 
_reflns.B_iso_Wilson_estimate        ? 
_reflns.pdbx_redundancy              3.7 
_reflns.R_free_details               ? 
_reflns.limit_h_max                  ? 
_reflns.limit_h_min                  ? 
_reflns.limit_k_max                  ? 
_reflns.limit_k_min                  ? 
_reflns.limit_l_max                  ? 
_reflns.limit_l_min                  ? 
_reflns.observed_criterion_F_max     ? 
_reflns.observed_criterion_F_min     ? 
_reflns.pdbx_chi_squared             ? 
_reflns.pdbx_scaling_rejects         ? 
_reflns.pdbx_ordinal                 1 
_reflns.pdbx_diffrn_id               1 
# 
_reflns_shell.d_res_high             2.00 
_reflns_shell.d_res_low              2.09 
_reflns_shell.percent_possible_all   ? 
_reflns_shell.Rmerge_I_obs           0.1780000 
_reflns_shell.pdbx_Rsym_value        ? 
_reflns_shell.meanI_over_sigI_obs    ? 
_reflns_shell.pdbx_redundancy        ? 
_reflns_shell.percent_possible_obs   ? 
_reflns_shell.number_unique_all      ? 
_reflns_shell.number_measured_all    ? 
_reflns_shell.number_measured_obs    ? 
_reflns_shell.number_unique_obs      ? 
_reflns_shell.pdbx_chi_squared       ? 
_reflns_shell.pdbx_ordinal           1 
_reflns_shell.pdbx_diffrn_id         1 
# 
_refine.entry_id                                 1DG8 
_refine.ls_number_reflns_obs                     14300 
_refine.ls_number_reflns_all                     ? 
_refine.pdbx_ls_sigma_I                          ? 
_refine.pdbx_ls_sigma_F                          1 
_refine.pdbx_data_cutoff_high_absF               ? 
_refine.pdbx_data_cutoff_low_absF                ? 
_refine.pdbx_data_cutoff_high_rms_absF           ? 
_refine.ls_d_res_low                             50.0 
_refine.ls_d_res_high                            2.0 
_refine.ls_percent_reflns_obs                    ? 
_refine.ls_R_factor_obs                          0.1830000 
_refine.ls_R_factor_all                          ? 
_refine.ls_R_factor_R_work                       0.1830000 
_refine.ls_R_factor_R_free                       0.2440000 
_refine.ls_R_factor_R_free_error                 ? 
_refine.ls_R_factor_R_free_error_details         ? 
_refine.ls_percent_reflns_R_free                 ? 
_refine.ls_number_reflns_R_free                  ? 
_refine.ls_number_parameters                     ? 
_refine.ls_number_restraints                     ? 
_refine.occupancy_min                            ? 
_refine.occupancy_max                            ? 
_refine.B_iso_mean                               ? 
_refine.aniso_B[1][1]                            ? 
_refine.aniso_B[2][2]                            ? 
_refine.aniso_B[3][3]                            ? 
_refine.aniso_B[1][2]                            ? 
_refine.aniso_B[1][3]                            ? 
_refine.aniso_B[2][3]                            ? 
_refine.solvent_model_details                    ? 
_refine.solvent_model_param_ksol                 ? 
_refine.solvent_model_param_bsol                 ? 
_refine.pdbx_ls_cross_valid_method               ? 
_refine.details                                  ? 
_refine.pdbx_starting_model                      ? 
_refine.pdbx_method_to_determine_struct          ? 
_refine.pdbx_isotropic_thermal_model             ? 
_refine.pdbx_stereochemistry_target_values       'ENGH & HUBER' 
_refine.pdbx_stereochem_target_val_spec_case     ? 
_refine.pdbx_R_Free_selection_details            ? 
_refine.pdbx_overall_ESU_R                       ? 
_refine.pdbx_overall_ESU_R_Free                  ? 
_refine.overall_SU_ML                            ? 
_refine.overall_SU_B                             ? 
_refine.ls_redundancy_reflns_obs                 ? 
_refine.B_iso_min                                ? 
_refine.B_iso_max                                ? 
_refine.pdbx_overall_phase_error                 ? 
_refine.correlation_coeff_Fo_to_Fc               ? 
_refine.correlation_coeff_Fo_to_Fc_free          ? 
_refine.pdbx_solvent_vdw_probe_radii             ? 
_refine.pdbx_solvent_ion_probe_radii             ? 
_refine.pdbx_solvent_shrinkage_radii             ? 
_refine.overall_SU_R_Cruickshank_DPI             ? 
_refine.overall_SU_R_free                        ? 
_refine.ls_wR_factor_R_free                      ? 
_refine.ls_wR_factor_R_work                      ? 
_refine.overall_FOM_free_R_set                   ? 
_refine.overall_FOM_work_R_set                   ? 
_refine.pdbx_refine_id                           'X-RAY DIFFRACTION' 
_refine.pdbx_diffrn_id                           1 
_refine.pdbx_TLS_residual_ADP_flag               ? 
_refine.pdbx_overall_SU_R_free_Cruickshank_DPI   ? 
_refine.pdbx_overall_SU_R_Blow_DPI               ? 
_refine.pdbx_overall_SU_R_free_Blow_DPI          ? 
# 
_refine_hist.pdbx_refine_id                   'X-RAY DIFFRACTION' 
_refine_hist.cycle_id                         LAST 
_refine_hist.pdbx_number_atoms_protein        1244 
_refine_hist.pdbx_number_atoms_nucleic_acid   0 
_refine_hist.pdbx_number_atoms_ligand         78 
_refine_hist.number_atoms_solvent             96 
_refine_hist.number_atoms_total               1418 
_refine_hist.d_res_high                       2.0 
_refine_hist.d_res_low                        50.0 
# 
loop_
_refine_ls_restr.type 
_refine_ls_restr.dev_ideal 
_refine_ls_restr.dev_ideal_target 
_refine_ls_restr.weight 
_refine_ls_restr.number 
_refine_ls_restr.pdbx_refine_id 
_refine_ls_restr.pdbx_restraint_function 
x_bond_d                0.015 ? ? ? 'X-RAY DIFFRACTION' ? 
x_bond_d_na             ?     ? ? ? 'X-RAY DIFFRACTION' ? 
x_bond_d_prot           ?     ? ? ? 'X-RAY DIFFRACTION' ? 
x_angle_d               ?     ? ? ? 'X-RAY DIFFRACTION' ? 
x_angle_d_na            ?     ? ? ? 'X-RAY DIFFRACTION' ? 
x_angle_d_prot          ?     ? ? ? 'X-RAY DIFFRACTION' ? 
x_angle_deg             1.9   ? ? ? 'X-RAY DIFFRACTION' ? 
x_angle_deg_na          ?     ? ? ? 'X-RAY DIFFRACTION' ? 
x_angle_deg_prot        ?     ? ? ? 'X-RAY DIFFRACTION' ? 
x_dihedral_angle_d      ?     ? ? ? 'X-RAY DIFFRACTION' ? 
x_dihedral_angle_d_na   ?     ? ? ? 'X-RAY DIFFRACTION' ? 
x_dihedral_angle_d_prot ?     ? ? ? 'X-RAY DIFFRACTION' ? 
x_improper_angle_d      ?     ? ? ? 'X-RAY DIFFRACTION' ? 
x_improper_angle_d_na   ?     ? ? ? 'X-RAY DIFFRACTION' ? 
x_improper_angle_d_prot ?     ? ? ? 'X-RAY DIFFRACTION' ? 
x_mcbond_it             ?     ? ? ? 'X-RAY DIFFRACTION' ? 
x_mcangle_it            ?     ? ? ? 'X-RAY DIFFRACTION' ? 
x_scbond_it             ?     ? ? ? 'X-RAY DIFFRACTION' ? 
x_scangle_it            ?     ? ? ? 'X-RAY DIFFRACTION' ? 
# 
_struct.entry_id                  1DG8 
_struct.title                     'DIHYDROFOLATE REDUCTASE OF MYCOBACTERIUM TUBERCULOSIS COMPLEXED WITH NADPH' 
_struct.pdbx_model_details        ? 
_struct.pdbx_CASP_flag            ? 
_struct.pdbx_model_type_details   ? 
# 
_struct_keywords.entry_id        1DG8 
_struct_keywords.pdbx_keywords   OXIDOREDUCTASE 
_struct_keywords.text            
;DIHYDROFOLATE REDUCTASE, STRUCTURE-BASED INHIBITOR DESIGN, FOLATEANALOGS, ROSSMANN FOLD, NICOTINAMIDE ADENINE DINUCLEOTIDE, TUBERCULOSIS, OXIDOREDUCTASE
;
# 
loop_
_struct_asym.id 
_struct_asym.pdbx_blank_PDB_chainid_flag 
_struct_asym.pdbx_modified 
_struct_asym.entity_id 
_struct_asym.details 
A N N 1 ? 
B N N 2 ? 
C N N 3 ? 
D N N 3 ? 
E N N 3 ? 
F N N 3 ? 
G N N 3 ? 
H N N 4 ? 
# 
_struct_ref.id                         1 
_struct_ref.db_name                    UNP 
_struct_ref.db_code                    DYR_MYCTU 
_struct_ref.entity_id                  1 
_struct_ref.pdbx_db_accession          P0A546 
_struct_ref.pdbx_align_begin           ? 
_struct_ref.pdbx_seq_one_letter_code   ? 
_struct_ref.pdbx_db_isoform            ? 
# 
_struct_ref_seq.align_id                      1 
_struct_ref_seq.ref_id                        1 
_struct_ref_seq.pdbx_PDB_id_code              1DG8 
_struct_ref_seq.pdbx_strand_id                A 
_struct_ref_seq.seq_align_beg                 1 
_struct_ref_seq.pdbx_seq_align_beg_ins_code   ? 
_struct_ref_seq.seq_align_end                 159 
_struct_ref_seq.pdbx_seq_align_end_ins_code   ? 
_struct_ref_seq.pdbx_db_accession             P0A546 
_struct_ref_seq.db_align_beg                  1 
_struct_ref_seq.pdbx_db_align_beg_ins_code    ? 
_struct_ref_seq.db_align_end                  159 
_struct_ref_seq.pdbx_db_align_end_ins_code    ? 
_struct_ref_seq.pdbx_auth_seq_align_beg       1 
_struct_ref_seq.pdbx_auth_seq_align_end       159 
# 
_pdbx_struct_assembly.id                   1 
_pdbx_struct_assembly.details              author_defined_assembly 
_pdbx_struct_assembly.method_details       ? 
_pdbx_struct_assembly.oligomeric_details   monomeric 
_pdbx_struct_assembly.oligomeric_count     1 
# 
_pdbx_struct_assembly_gen.assembly_id       1 
_pdbx_struct_assembly_gen.oper_expression   1 
_pdbx_struct_assembly_gen.asym_id_list      A,B,C,D,E,F,G,H 
# 
_pdbx_struct_oper_list.id                   1 
_pdbx_struct_oper_list.type                 'identity operation' 
_pdbx_struct_oper_list.name                 1_555 
_pdbx_struct_oper_list.symmetry_operation   x,y,z 
_pdbx_struct_oper_list.matrix[1][1]         1.0000000000 
_pdbx_struct_oper_list.matrix[1][2]         0.0000000000 
_pdbx_struct_oper_list.matrix[1][3]         0.0000000000 
_pdbx_struct_oper_list.vector[1]            0.0000000000 
_pdbx_struct_oper_list.matrix[2][1]         0.0000000000 
_pdbx_struct_oper_list.matrix[2][2]         1.0000000000 
_pdbx_struct_oper_list.matrix[2][3]         0.0000000000 
_pdbx_struct_oper_list.vector[2]            0.0000000000 
_pdbx_struct_oper_list.matrix[3][1]         0.0000000000 
_pdbx_struct_oper_list.matrix[3][2]         0.0000000000 
_pdbx_struct_oper_list.matrix[3][3]         1.0000000000 
_pdbx_struct_oper_list.vector[3]            0.0000000000 
# 
_struct_biol.id        1 
_struct_biol.details   ? 
# 
loop_
_struct_conf.conf_type_id 
_struct_conf.id 
_struct_conf.pdbx_PDB_helix_id 
_struct_conf.beg_label_comp_id 
_struct_conf.beg_label_asym_id 
_struct_conf.beg_label_seq_id 
_struct_conf.pdbx_beg_PDB_ins_code 
_struct_conf.end_label_comp_id 
_struct_conf.end_label_asym_id 
_struct_conf.end_label_seq_id 
_struct_conf.pdbx_end_PDB_ins_code 
_struct_conf.beg_auth_comp_id 
_struct_conf.beg_auth_asym_id 
_struct_conf.beg_auth_seq_id 
_struct_conf.end_auth_comp_id 
_struct_conf.end_auth_asym_id 
_struct_conf.end_auth_seq_id 
_struct_conf.pdbx_PDB_helix_class 
_struct_conf.details 
_struct_conf.pdbx_PDB_helix_length 
HELX_P HELX_P1 1 LEU A 24  ? GLU A 26  ? LEU A 24  GLU A 26  5 ? 3  
HELX_P HELX_P2 2 ASP A 27  ? MET A 36  ? ASP A 27  MET A 36  1 ? 10 
HELX_P HELX_P3 3 ARG A 44  ? LEU A 50  ? ARG A 44  LEU A 50  1 ? 7  
HELX_P HELX_P4 4 PRO A 51  ? ARG A 55  ? PRO A 51  ARG A 55  5 ? 5  
HELX_P HELX_P5 5 SER A 81  ? LEU A 86  ? SER A 81  LEU A 86  1 ? 6  
HELX_P HELX_P6 6 GLY A 96  ? LEU A 104 ? GLY A 96  LEU A 104 1 ? 9  
HELX_P HELX_P7 7 PRO A 105 ? ALA A 107 ? PRO A 105 ALA A 107 5 ? 3  
# 
_struct_conf_type.id          HELX_P 
_struct_conf_type.criteria    ? 
_struct_conf_type.reference   ? 
# 
loop_
_struct_mon_prot_cis.pdbx_id 
_struct_mon_prot_cis.label_comp_id 
_struct_mon_prot_cis.label_seq_id 
_struct_mon_prot_cis.label_asym_id 
_struct_mon_prot_cis.label_alt_id 
_struct_mon_prot_cis.pdbx_PDB_ins_code 
_struct_mon_prot_cis.auth_comp_id 
_struct_mon_prot_cis.auth_seq_id 
_struct_mon_prot_cis.auth_asym_id 
_struct_mon_prot_cis.pdbx_label_comp_id_2 
_struct_mon_prot_cis.pdbx_label_seq_id_2 
_struct_mon_prot_cis.pdbx_label_asym_id_2 
_struct_mon_prot_cis.pdbx_PDB_ins_code_2 
_struct_mon_prot_cis.pdbx_auth_comp_id_2 
_struct_mon_prot_cis.pdbx_auth_seq_id_2 
_struct_mon_prot_cis.pdbx_auth_asym_id_2 
_struct_mon_prot_cis.pdbx_PDB_model_num 
_struct_mon_prot_cis.pdbx_omega_angle 
1 ARG 55 A . ? ARG 55 A PRO 56 A ? PRO 56 A 1 -0.16 
2 GLY 95 A . ? GLY 95 A GLY 96 A ? GLY 96 A 1 -6.57 
# 
loop_
_struct_sheet.id 
_struct_sheet.type 
_struct_sheet.number_strands 
_struct_sheet.details 
A  ? 8 ? 
A1 ? 8 ? 
B  ? 2 ? 
# 
loop_
_struct_sheet_order.sheet_id 
_struct_sheet_order.range_id_1 
_struct_sheet_order.range_id_2 
_struct_sheet_order.offset 
_struct_sheet_order.sense 
A  1 2 ? parallel      
A  2 3 ? parallel      
A  3 4 ? parallel      
A  4 5 ? parallel      
A  5 6 ? parallel      
A  6 7 ? anti-parallel 
A  7 8 ? anti-parallel 
A1 1 2 ? parallel      
A1 2 3 ? parallel      
A1 3 4 ? parallel      
A1 4 5 ? parallel      
A1 5 6 ? parallel      
A1 6 7 ? anti-parallel 
A1 7 8 ? anti-parallel 
B  1 2 ? anti-parallel 
# 
loop_
_struct_sheet_range.sheet_id 
_struct_sheet_range.id 
_struct_sheet_range.beg_label_comp_id 
_struct_sheet_range.beg_label_asym_id 
_struct_sheet_range.beg_label_seq_id 
_struct_sheet_range.pdbx_beg_PDB_ins_code 
_struct_sheet_range.end_label_comp_id 
_struct_sheet_range.end_label_asym_id 
_struct_sheet_range.end_label_seq_id 
_struct_sheet_range.pdbx_end_PDB_ins_code 
_struct_sheet_range.beg_auth_comp_id 
_struct_sheet_range.beg_auth_asym_id 
_struct_sheet_range.beg_auth_seq_id 
_struct_sheet_range.end_auth_comp_id 
_struct_sheet_range.end_auth_asym_id 
_struct_sheet_range.end_auth_seq_id 
A  1 ALA A 76  ? VAL A 79  ? ALA A 76  VAL A 79  
A  2 ARG A 61  ? LEU A 65  ? ARG A 61  LEU A 65  
A  3 THR A 39  ? GLY A 43  ? THR A 39  GLY A 43  
A  4 THR A 91  ? GLY A 95  ? THR A 91  GLY A 95  
A  5 VAL A 2   ? ALA A 9   ? VAL A 2   ALA A 9   
A  6 ARG A 109 ? ASP A 116 ? ARG A 109 ASP A 116 
A  7 ARG A 150 ? HIS A 157 ? ARG A 150 HIS A 157 
A  8 ARG A 136 ? THR A 139 ? ARG A 136 THR A 139 
A1 1 ALA A 76  ? VAL A 79  ? ALA A 76  VAL A 79  
A1 2 ARG A 61  ? LEU A 65  ? ARG A 61  LEU A 65  
A1 3 THR A 39  ? GLY A 43  ? THR A 39  GLY A 43  
A1 4 THR A 91  ? GLY A 95  ? THR A 91  GLY A 95  
A1 5 VAL A 2   ? ALA A 9   ? VAL A 2   ALA A 9   
A1 6 ARG A 109 ? ASP A 116 ? ARG A 109 ASP A 116 
A1 7 ARG A 150 ? HIS A 157 ? ARG A 150 HIS A 157 
A1 8 ARG A 143 ? PHE A 144 ? ARG A 143 PHE A 144 
B  1 VAL A 13  ? GLY A 15  ? VAL A 13  GLY A 15  
B  2 ALA A 126 ? LEU A 127 ? ALA A 126 LEU A 127 
# 
loop_
_pdbx_struct_sheet_hbond.sheet_id 
_pdbx_struct_sheet_hbond.range_id_1 
_pdbx_struct_sheet_hbond.range_id_2 
_pdbx_struct_sheet_hbond.range_1_label_atom_id 
_pdbx_struct_sheet_hbond.range_1_label_comp_id 
_pdbx_struct_sheet_hbond.range_1_label_asym_id 
_pdbx_struct_sheet_hbond.range_1_label_seq_id 
_pdbx_struct_sheet_hbond.range_1_PDB_ins_code 
_pdbx_struct_sheet_hbond.range_1_auth_atom_id 
_pdbx_struct_sheet_hbond.range_1_auth_comp_id 
_pdbx_struct_sheet_hbond.range_1_auth_asym_id 
_pdbx_struct_sheet_hbond.range_1_auth_seq_id 
_pdbx_struct_sheet_hbond.range_2_label_atom_id 
_pdbx_struct_sheet_hbond.range_2_label_comp_id 
_pdbx_struct_sheet_hbond.range_2_label_asym_id 
_pdbx_struct_sheet_hbond.range_2_label_seq_id 
_pdbx_struct_sheet_hbond.range_2_PDB_ins_code 
_pdbx_struct_sheet_hbond.range_2_auth_atom_id 
_pdbx_struct_sheet_hbond.range_2_auth_comp_id 
_pdbx_struct_sheet_hbond.range_2_auth_asym_id 
_pdbx_struct_sheet_hbond.range_2_auth_seq_id 
A  1 2 N GLU A 77  ? N GLU A 77  O ASN A 62  ? O ASN A 62  
A  2 3 O ARG A 61  ? O ARG A 61  N ILE A 40  ? N ILE A 40  
A  3 4 O THR A 39  ? O THR A 39  N TRP A 92  ? N TRP A 92  
A  4 5 O THR A 91  ? O THR A 91  N GLY A 3   ? N GLY A 3   
A  5 6 N LEU A 4   ? N LEU A 4   O ARG A 109 ? O ARG A 109 
A  6 7 N ASP A 116 ? N ASP A 116 O ARG A 150 ? O ARG A 150 
A  7 8 O HIS A 157 ? O HIS A 157 N ARG A 136 ? N ARG A 136 
A1 1 2 N GLU A 77  ? N GLU A 77  O ASN A 62  ? O ASN A 62  
A1 2 3 O ARG A 61  ? O ARG A 61  N ILE A 40  ? N ILE A 40  
A1 3 4 O THR A 39  ? O THR A 39  N TRP A 92  ? N TRP A 92  
A1 4 5 O THR A 91  ? O THR A 91  N GLY A 3   ? N GLY A 3   
A1 5 6 N LEU A 4   ? N LEU A 4   O ARG A 109 ? O ARG A 109 
A1 6 7 N ASP A 116 ? N ASP A 116 O ARG A 150 ? O ARG A 150 
A1 7 8 O TYR A 151 ? O TYR A 151 N ARG A 143 ? N ARG A 143 
B  1 2 O GLY A 15  ? O GLY A 15  N ALA A 126 ? N ALA A 126 
# 
loop_
_struct_site.id 
_struct_site.pdbx_evidence_code 
_struct_site.pdbx_auth_asym_id 
_struct_site.pdbx_auth_comp_id 
_struct_site.pdbx_auth_seq_id 
_struct_site.pdbx_auth_ins_code 
_struct_site.pdbx_num_residues 
_struct_site.details 
AC1 Software A NDP 160 ? 28 'BINDING SITE FOR RESIDUE NDP A 160' 
AC2 Software A GOL 161 ? 7  'BINDING SITE FOR RESIDUE GOL A 161' 
AC3 Software A GOL 162 ? 11 'BINDING SITE FOR RESIDUE GOL A 162' 
AC4 Software A GOL 163 ? 4  'BINDING SITE FOR RESIDUE GOL A 163' 
AC5 Software A GOL 164 ? 6  'BINDING SITE FOR RESIDUE GOL A 164' 
AC6 Software A GOL 165 ? 4  'BINDING SITE FOR RESIDUE GOL A 165' 
# 
loop_
_struct_site_gen.id 
_struct_site_gen.site_id 
_struct_site_gen.pdbx_num_res 
_struct_site_gen.label_comp_id 
_struct_site_gen.label_asym_id 
_struct_site_gen.label_seq_id 
_struct_site_gen.pdbx_auth_ins_code 
_struct_site_gen.auth_comp_id 
_struct_site_gen.auth_asym_id 
_struct_site_gen.auth_seq_id 
_struct_site_gen.label_atom_id 
_struct_site_gen.label_alt_id 
_struct_site_gen.symmetry 
_struct_site_gen.details 
1  AC1 28 TRP A 6   ? TRP A 6   . ? 1_555 ? 
2  AC1 28 ALA A 7   ? ALA A 7   . ? 1_555 ? 
3  AC1 28 ILE A 14  ? ILE A 14  . ? 1_555 ? 
4  AC1 28 GLY A 18  ? GLY A 18  . ? 1_555 ? 
5  AC1 28 ASP A 19  ? ASP A 19  . ? 1_555 ? 
6  AC1 28 GLY A 43  ? GLY A 43  . ? 1_555 ? 
7  AC1 28 ARG A 44  ? ARG A 44  . ? 1_555 ? 
8  AC1 28 ARG A 45  ? ARG A 45  . ? 1_555 ? 
9  AC1 28 THR A 46  ? THR A 46  . ? 1_555 ? 
10 AC1 28 LEU A 65  ? LEU A 65  . ? 1_555 ? 
11 AC1 28 SER A 66  ? SER A 66  . ? 1_555 ? 
12 AC1 28 ARG A 67  ? ARG A 67  . ? 1_555 ? 
13 AC1 28 GLN A 68  ? GLN A 68  . ? 1_555 ? 
14 AC1 28 GLY A 80  ? GLY A 80  . ? 1_555 ? 
15 AC1 28 ILE A 94  ? ILE A 94  . ? 1_555 ? 
16 AC1 28 GLY A 96  ? GLY A 96  . ? 1_555 ? 
17 AC1 28 GLY A 97  ? GLY A 97  . ? 1_555 ? 
18 AC1 28 GLN A 98  ? GLN A 98  . ? 1_555 ? 
19 AC1 28 VAL A 99  ? VAL A 99  . ? 1_555 ? 
20 AC1 28 TYR A 100 ? TYR A 100 . ? 1_555 ? 
21 AC1 28 LEU A 102 ? LEU A 102 . ? 1_555 ? 
22 AC1 28 GOL C .   ? GOL A 161 . ? 1_555 ? 
23 AC1 28 GOL D .   ? GOL A 162 . ? 1_555 ? 
24 AC1 28 GOL G .   ? GOL A 165 . ? 1_555 ? 
25 AC1 28 HOH H .   ? HOH A 191 . ? 1_555 ? 
26 AC1 28 HOH H .   ? HOH A 203 . ? 1_555 ? 
27 AC1 28 HOH H .   ? HOH A 211 . ? 1_555 ? 
28 AC1 28 HOH H .   ? HOH A 213 . ? 1_555 ? 
29 AC2 7  GLY A 15  ? GLY A 15  . ? 1_555 ? 
30 AC2 7  ARG A 16  ? ARG A 16  . ? 1_555 ? 
31 AC2 7  GLY A 17  ? GLY A 17  . ? 1_555 ? 
32 AC2 7  GLY A 18  ? GLY A 18  . ? 1_555 ? 
33 AC2 7  NDP B .   ? NDP A 160 . ? 1_555 ? 
34 AC2 7  GOL F .   ? GOL A 164 . ? 1_555 ? 
35 AC2 7  HOH H .   ? HOH A 249 . ? 1_555 ? 
36 AC3 11 ARG A 45  ? ARG A 45  . ? 1_555 ? 
37 AC3 11 GLY A 97  ? GLY A 97  . ? 1_555 ? 
38 AC3 11 GLN A 98  ? GLN A 98  . ? 1_555 ? 
39 AC3 11 GLY A 124 ? GLY A 124 . ? 1_555 ? 
40 AC3 11 ALA A 126 ? ALA A 126 . ? 1_555 ? 
41 AC3 11 GLY A 148 ? GLY A 148 . ? 3_655 ? 
42 AC3 11 LEU A 149 ? LEU A 149 . ? 3_655 ? 
43 AC3 11 NDP B .   ? NDP A 160 . ? 1_555 ? 
44 AC3 11 GOL F .   ? GOL A 164 . ? 1_555 ? 
45 AC3 11 HOH H .   ? HOH A 171 . ? 3_655 ? 
46 AC3 11 HOH H .   ? HOH A 175 . ? 1_555 ? 
47 AC4 4  GLN A 8   ? GLN A 8   . ? 1_555 ? 
48 AC4 4  THR A 10  ? THR A 10  . ? 1_555 ? 
49 AC4 4  GLU A 114 ? GLU A 114 . ? 1_555 ? 
50 AC4 4  TYR A 156 ? TYR A 156 . ? 1_555 ? 
51 AC5 6  ILE A 117 ? ILE A 117 . ? 3_655 ? 
52 AC5 6  GLY A 118 ? GLY A 118 . ? 3_655 ? 
53 AC5 6  GLY A 124 ? GLY A 124 . ? 1_555 ? 
54 AC5 6  GOL C .   ? GOL A 161 . ? 1_555 ? 
55 AC5 6  GOL D .   ? GOL A 162 . ? 1_555 ? 
56 AC5 6  HOH H .   ? HOH A 204 . ? 1_555 ? 
57 AC6 4  PHE A 31  ? PHE A 31  . ? 1_555 ? 
58 AC6 4  LEU A 50  ? LEU A 50  . ? 1_555 ? 
59 AC6 4  ILE A 94  ? ILE A 94  . ? 1_555 ? 
60 AC6 4  NDP B .   ? NDP A 160 . ? 1_555 ? 
# 
loop_
_pdbx_validate_torsion.id 
_pdbx_validate_torsion.PDB_model_num 
_pdbx_validate_torsion.auth_comp_id 
_pdbx_validate_torsion.auth_asym_id 
_pdbx_validate_torsion.auth_seq_id 
_pdbx_validate_torsion.PDB_ins_code 
_pdbx_validate_torsion.label_alt_id 
_pdbx_validate_torsion.phi 
_pdbx_validate_torsion.psi 
1 1 PRO A 21  ? ? -66.65  29.27   
2 1 LEU A 24  ? ? -153.36 72.52   
3 1 ASP A 70  ? ? -178.10 -2.34   
4 1 ASP A 132 ? ? -84.60  -159.91 
# 
_pdbx_validate_planes.id              1 
_pdbx_validate_planes.PDB_model_num   1 
_pdbx_validate_planes.auth_comp_id    TYR 
_pdbx_validate_planes.auth_asym_id    A 
_pdbx_validate_planes.auth_seq_id     154 
_pdbx_validate_planes.PDB_ins_code    ? 
_pdbx_validate_planes.label_alt_id    ? 
_pdbx_validate_planes.rmsd            0.070 
_pdbx_validate_planes.type            'SIDE CHAIN' 
# 
loop_
_chem_comp_atom.comp_id 
_chem_comp_atom.atom_id 
_chem_comp_atom.type_symbol 
_chem_comp_atom.pdbx_aromatic_flag 
_chem_comp_atom.pdbx_stereo_config 
_chem_comp_atom.pdbx_ordinal 
ALA N    N N N 1   
ALA CA   C N S 2   
ALA C    C N N 3   
ALA O    O N N 4   
ALA CB   C N N 5   
ALA OXT  O N N 6   
ALA H    H N N 7   
ALA H2   H N N 8   
ALA HA   H N N 9   
ALA HB1  H N N 10  
ALA HB2  H N N 11  
ALA HB3  H N N 12  
ALA HXT  H N N 13  
ARG N    N N N 14  
ARG CA   C N S 15  
ARG C    C N N 16  
ARG O    O N N 17  
ARG CB   C N N 18  
ARG CG   C N N 19  
ARG CD   C N N 20  
ARG NE   N N N 21  
ARG CZ   C N N 22  
ARG NH1  N N N 23  
ARG NH2  N N N 24  
ARG OXT  O N N 25  
ARG H    H N N 26  
ARG H2   H N N 27  
ARG HA   H N N 28  
ARG HB2  H N N 29  
ARG HB3  H N N 30  
ARG HG2  H N N 31  
ARG HG3  H N N 32  
ARG HD2  H N N 33  
ARG HD3  H N N 34  
ARG HE   H N N 35  
ARG HH11 H N N 36  
ARG HH12 H N N 37  
ARG HH21 H N N 38  
ARG HH22 H N N 39  
ARG HXT  H N N 40  
ASN N    N N N 41  
ASN CA   C N S 42  
ASN C    C N N 43  
ASN O    O N N 44  
ASN CB   C N N 45  
ASN CG   C N N 46  
ASN OD1  O N N 47  
ASN ND2  N N N 48  
ASN OXT  O N N 49  
ASN H    H N N 50  
ASN H2   H N N 51  
ASN HA   H N N 52  
ASN HB2  H N N 53  
ASN HB3  H N N 54  
ASN HD21 H N N 55  
ASN HD22 H N N 56  
ASN HXT  H N N 57  
ASP N    N N N 58  
ASP CA   C N S 59  
ASP C    C N N 60  
ASP O    O N N 61  
ASP CB   C N N 62  
ASP CG   C N N 63  
ASP OD1  O N N 64  
ASP OD2  O N N 65  
ASP OXT  O N N 66  
ASP H    H N N 67  
ASP H2   H N N 68  
ASP HA   H N N 69  
ASP HB2  H N N 70  
ASP HB3  H N N 71  
ASP HD2  H N N 72  
ASP HXT  H N N 73  
CYS N    N N N 74  
CYS CA   C N R 75  
CYS C    C N N 76  
CYS O    O N N 77  
CYS CB   C N N 78  
CYS SG   S N N 79  
CYS OXT  O N N 80  
CYS H    H N N 81  
CYS H2   H N N 82  
CYS HA   H N N 83  
CYS HB2  H N N 84  
CYS HB3  H N N 85  
CYS HG   H N N 86  
CYS HXT  H N N 87  
GLN N    N N N 88  
GLN CA   C N S 89  
GLN C    C N N 90  
GLN O    O N N 91  
GLN CB   C N N 92  
GLN CG   C N N 93  
GLN CD   C N N 94  
GLN OE1  O N N 95  
GLN NE2  N N N 96  
GLN OXT  O N N 97  
GLN H    H N N 98  
GLN H2   H N N 99  
GLN HA   H N N 100 
GLN HB2  H N N 101 
GLN HB3  H N N 102 
GLN HG2  H N N 103 
GLN HG3  H N N 104 
GLN HE21 H N N 105 
GLN HE22 H N N 106 
GLN HXT  H N N 107 
GLU N    N N N 108 
GLU CA   C N S 109 
GLU C    C N N 110 
GLU O    O N N 111 
GLU CB   C N N 112 
GLU CG   C N N 113 
GLU CD   C N N 114 
GLU OE1  O N N 115 
GLU OE2  O N N 116 
GLU OXT  O N N 117 
GLU H    H N N 118 
GLU H2   H N N 119 
GLU HA   H N N 120 
GLU HB2  H N N 121 
GLU HB3  H N N 122 
GLU HG2  H N N 123 
GLU HG3  H N N 124 
GLU HE2  H N N 125 
GLU HXT  H N N 126 
GLY N    N N N 127 
GLY CA   C N N 128 
GLY C    C N N 129 
GLY O    O N N 130 
GLY OXT  O N N 131 
GLY H    H N N 132 
GLY H2   H N N 133 
GLY HA2  H N N 134 
GLY HA3  H N N 135 
GLY HXT  H N N 136 
GOL C1   C N N 137 
GOL O1   O N N 138 
GOL C2   C N N 139 
GOL O2   O N N 140 
GOL C3   C N N 141 
GOL O3   O N N 142 
GOL H11  H N N 143 
GOL H12  H N N 144 
GOL HO1  H N N 145 
GOL H2   H N N 146 
GOL HO2  H N N 147 
GOL H31  H N N 148 
GOL H32  H N N 149 
GOL HO3  H N N 150 
HIS N    N N N 151 
HIS CA   C N S 152 
HIS C    C N N 153 
HIS O    O N N 154 
HIS CB   C N N 155 
HIS CG   C Y N 156 
HIS ND1  N Y N 157 
HIS CD2  C Y N 158 
HIS CE1  C Y N 159 
HIS NE2  N Y N 160 
HIS OXT  O N N 161 
HIS H    H N N 162 
HIS H2   H N N 163 
HIS HA   H N N 164 
HIS HB2  H N N 165 
HIS HB3  H N N 166 
HIS HD1  H N N 167 
HIS HD2  H N N 168 
HIS HE1  H N N 169 
HIS HE2  H N N 170 
HIS HXT  H N N 171 
HOH O    O N N 172 
HOH H1   H N N 173 
HOH H2   H N N 174 
ILE N    N N N 175 
ILE CA   C N S 176 
ILE C    C N N 177 
ILE O    O N N 178 
ILE CB   C N S 179 
ILE CG1  C N N 180 
ILE CG2  C N N 181 
ILE CD1  C N N 182 
ILE OXT  O N N 183 
ILE H    H N N 184 
ILE H2   H N N 185 
ILE HA   H N N 186 
ILE HB   H N N 187 
ILE HG12 H N N 188 
ILE HG13 H N N 189 
ILE HG21 H N N 190 
ILE HG22 H N N 191 
ILE HG23 H N N 192 
ILE HD11 H N N 193 
ILE HD12 H N N 194 
ILE HD13 H N N 195 
ILE HXT  H N N 196 
LEU N    N N N 197 
LEU CA   C N S 198 
LEU C    C N N 199 
LEU O    O N N 200 
LEU CB   C N N 201 
LEU CG   C N N 202 
LEU CD1  C N N 203 
LEU CD2  C N N 204 
LEU OXT  O N N 205 
LEU H    H N N 206 
LEU H2   H N N 207 
LEU HA   H N N 208 
LEU HB2  H N N 209 
LEU HB3  H N N 210 
LEU HG   H N N 211 
LEU HD11 H N N 212 
LEU HD12 H N N 213 
LEU HD13 H N N 214 
LEU HD21 H N N 215 
LEU HD22 H N N 216 
LEU HD23 H N N 217 
LEU HXT  H N N 218 
LYS N    N N N 219 
LYS CA   C N S 220 
LYS C    C N N 221 
LYS O    O N N 222 
LYS CB   C N N 223 
LYS CG   C N N 224 
LYS CD   C N N 225 
LYS CE   C N N 226 
LYS NZ   N N N 227 
LYS OXT  O N N 228 
LYS H    H N N 229 
LYS H2   H N N 230 
LYS HA   H N N 231 
LYS HB2  H N N 232 
LYS HB3  H N N 233 
LYS HG2  H N N 234 
LYS HG3  H N N 235 
LYS HD2  H N N 236 
LYS HD3  H N N 237 
LYS HE2  H N N 238 
LYS HE3  H N N 239 
LYS HZ1  H N N 240 
LYS HZ2  H N N 241 
LYS HZ3  H N N 242 
LYS HXT  H N N 243 
MET N    N N N 244 
MET CA   C N S 245 
MET C    C N N 246 
MET O    O N N 247 
MET CB   C N N 248 
MET CG   C N N 249 
MET SD   S N N 250 
MET CE   C N N 251 
MET OXT  O N N 252 
MET H    H N N 253 
MET H2   H N N 254 
MET HA   H N N 255 
MET HB2  H N N 256 
MET HB3  H N N 257 
MET HG2  H N N 258 
MET HG3  H N N 259 
MET HE1  H N N 260 
MET HE2  H N N 261 
MET HE3  H N N 262 
MET HXT  H N N 263 
NDP PA   P N S 264 
NDP O1A  O N N 265 
NDP O2A  O N N 266 
NDP O5B  O N N 267 
NDP C5B  C N N 268 
NDP C4B  C N R 269 
NDP O4B  O N N 270 
NDP C3B  C N R 271 
NDP O3B  O N N 272 
NDP C2B  C N R 273 
NDP O2B  O N N 274 
NDP C1B  C N R 275 
NDP N9A  N Y N 276 
NDP C8A  C Y N 277 
NDP N7A  N Y N 278 
NDP C5A  C Y N 279 
NDP C6A  C Y N 280 
NDP N6A  N N N 281 
NDP N1A  N Y N 282 
NDP C2A  C Y N 283 
NDP N3A  N Y N 284 
NDP C4A  C Y N 285 
NDP O3   O N N 286 
NDP PN   P N S 287 
NDP O1N  O N N 288 
NDP O2N  O N N 289 
NDP O5D  O N N 290 
NDP C5D  C N N 291 
NDP C4D  C N R 292 
NDP O4D  O N N 293 
NDP C3D  C N S 294 
NDP O3D  O N N 295 
NDP C2D  C N R 296 
NDP O2D  O N N 297 
NDP C1D  C N R 298 
NDP N1N  N N N 299 
NDP C2N  C N N 300 
NDP C3N  C N N 301 
NDP C7N  C N N 302 
NDP O7N  O N N 303 
NDP N7N  N N N 304 
NDP C4N  C N N 305 
NDP C5N  C N N 306 
NDP C6N  C N N 307 
NDP P2B  P N N 308 
NDP O1X  O N N 309 
NDP O2X  O N N 310 
NDP O3X  O N N 311 
NDP HOA2 H N N 312 
NDP H51A H N N 313 
NDP H52A H N N 314 
NDP H4B  H N N 315 
NDP H3B  H N N 316 
NDP HO3A H N N 317 
NDP H2B  H N N 318 
NDP H1B  H N N 319 
NDP H8A  H N N 320 
NDP H61A H N N 321 
NDP H62A H N N 322 
NDP H2A  H N N 323 
NDP H21N H N N 324 
NDP H51N H N N 325 
NDP H52N H N N 326 
NDP H4D  H N N 327 
NDP H3D  H N N 328 
NDP HO3N H N N 329 
NDP H2D  H N N 330 
NDP HO2N H N N 331 
NDP H1D  H N N 332 
NDP H2N  H N N 333 
NDP H71N H N N 334 
NDP H72N H N N 335 
NDP H41N H N N 336 
NDP H42N H N N 337 
NDP H5N  H N N 338 
NDP H6N  H N N 339 
NDP HOP2 H N N 340 
NDP HOP3 H N N 341 
PHE N    N N N 342 
PHE CA   C N S 343 
PHE C    C N N 344 
PHE O    O N N 345 
PHE CB   C N N 346 
PHE CG   C Y N 347 
PHE CD1  C Y N 348 
PHE CD2  C Y N 349 
PHE CE1  C Y N 350 
PHE CE2  C Y N 351 
PHE CZ   C Y N 352 
PHE OXT  O N N 353 
PHE H    H N N 354 
PHE H2   H N N 355 
PHE HA   H N N 356 
PHE HB2  H N N 357 
PHE HB3  H N N 358 
PHE HD1  H N N 359 
PHE HD2  H N N 360 
PHE HE1  H N N 361 
PHE HE2  H N N 362 
PHE HZ   H N N 363 
PHE HXT  H N N 364 
PRO N    N N N 365 
PRO CA   C N S 366 
PRO C    C N N 367 
PRO O    O N N 368 
PRO CB   C N N 369 
PRO CG   C N N 370 
PRO CD   C N N 371 
PRO OXT  O N N 372 
PRO H    H N N 373 
PRO HA   H N N 374 
PRO HB2  H N N 375 
PRO HB3  H N N 376 
PRO HG2  H N N 377 
PRO HG3  H N N 378 
PRO HD2  H N N 379 
PRO HD3  H N N 380 
PRO HXT  H N N 381 
SER N    N N N 382 
SER CA   C N S 383 
SER C    C N N 384 
SER O    O N N 385 
SER CB   C N N 386 
SER OG   O N N 387 
SER OXT  O N N 388 
SER H    H N N 389 
SER H2   H N N 390 
SER HA   H N N 391 
SER HB2  H N N 392 
SER HB3  H N N 393 
SER HG   H N N 394 
SER HXT  H N N 395 
THR N    N N N 396 
THR CA   C N S 397 
THR C    C N N 398 
THR O    O N N 399 
THR CB   C N R 400 
THR OG1  O N N 401 
THR CG2  C N N 402 
THR OXT  O N N 403 
THR H    H N N 404 
THR H2   H N N 405 
THR HA   H N N 406 
THR HB   H N N 407 
THR HG1  H N N 408 
THR HG21 H N N 409 
THR HG22 H N N 410 
THR HG23 H N N 411 
THR HXT  H N N 412 
TRP N    N N N 413 
TRP CA   C N S 414 
TRP C    C N N 415 
TRP O    O N N 416 
TRP CB   C N N 417 
TRP CG   C Y N 418 
TRP CD1  C Y N 419 
TRP CD2  C Y N 420 
TRP NE1  N Y N 421 
TRP CE2  C Y N 422 
TRP CE3  C Y N 423 
TRP CZ2  C Y N 424 
TRP CZ3  C Y N 425 
TRP CH2  C Y N 426 
TRP OXT  O N N 427 
TRP H    H N N 428 
TRP H2   H N N 429 
TRP HA   H N N 430 
TRP HB2  H N N 431 
TRP HB3  H N N 432 
TRP HD1  H N N 433 
TRP HE1  H N N 434 
TRP HE3  H N N 435 
TRP HZ2  H N N 436 
TRP HZ3  H N N 437 
TRP HH2  H N N 438 
TRP HXT  H N N 439 
TYR N    N N N 440 
TYR CA   C N S 441 
TYR C    C N N 442 
TYR O    O N N 443 
TYR CB   C N N 444 
TYR CG   C Y N 445 
TYR CD1  C Y N 446 
TYR CD2  C Y N 447 
TYR CE1  C Y N 448 
TYR CE2  C Y N 449 
TYR CZ   C Y N 450 
TYR OH   O N N 451 
TYR OXT  O N N 452 
TYR H    H N N 453 
TYR H2   H N N 454 
TYR HA   H N N 455 
TYR HB2  H N N 456 
TYR HB3  H N N 457 
TYR HD1  H N N 458 
TYR HD2  H N N 459 
TYR HE1  H N N 460 
TYR HE2  H N N 461 
TYR HH   H N N 462 
TYR HXT  H N N 463 
VAL N    N N N 464 
VAL CA   C N S 465 
VAL C    C N N 466 
VAL O    O N N 467 
VAL CB   C N N 468 
VAL CG1  C N N 469 
VAL CG2  C N N 470 
VAL OXT  O N N 471 
VAL H    H N N 472 
VAL H2   H N N 473 
VAL HA   H N N 474 
VAL HB   H N N 475 
VAL HG11 H N N 476 
VAL HG12 H N N 477 
VAL HG13 H N N 478 
VAL HG21 H N N 479 
VAL HG22 H N N 480 
VAL HG23 H N N 481 
VAL HXT  H N N 482 
# 
loop_
_chem_comp_bond.comp_id 
_chem_comp_bond.atom_id_1 
_chem_comp_bond.atom_id_2 
_chem_comp_bond.value_order 
_chem_comp_bond.pdbx_aromatic_flag 
_chem_comp_bond.pdbx_stereo_config 
_chem_comp_bond.pdbx_ordinal 
ALA N   CA   sing N N 1   
ALA N   H    sing N N 2   
ALA N   H2   sing N N 3   
ALA CA  C    sing N N 4   
ALA CA  CB   sing N N 5   
ALA CA  HA   sing N N 6   
ALA C   O    doub N N 7   
ALA C   OXT  sing N N 8   
ALA CB  HB1  sing N N 9   
ALA CB  HB2  sing N N 10  
ALA CB  HB3  sing N N 11  
ALA OXT HXT  sing N N 12  
ARG N   CA   sing N N 13  
ARG N   H    sing N N 14  
ARG N   H2   sing N N 15  
ARG CA  C    sing N N 16  
ARG CA  CB   sing N N 17  
ARG CA  HA   sing N N 18  
ARG C   O    doub N N 19  
ARG C   OXT  sing N N 20  
ARG CB  CG   sing N N 21  
ARG CB  HB2  sing N N 22  
ARG CB  HB3  sing N N 23  
ARG CG  CD   sing N N 24  
ARG CG  HG2  sing N N 25  
ARG CG  HG3  sing N N 26  
ARG CD  NE   sing N N 27  
ARG CD  HD2  sing N N 28  
ARG CD  HD3  sing N N 29  
ARG NE  CZ   sing N N 30  
ARG NE  HE   sing N N 31  
ARG CZ  NH1  sing N N 32  
ARG CZ  NH2  doub N N 33  
ARG NH1 HH11 sing N N 34  
ARG NH1 HH12 sing N N 35  
ARG NH2 HH21 sing N N 36  
ARG NH2 HH22 sing N N 37  
ARG OXT HXT  sing N N 38  
ASN N   CA   sing N N 39  
ASN N   H    sing N N 40  
ASN N   H2   sing N N 41  
ASN CA  C    sing N N 42  
ASN CA  CB   sing N N 43  
ASN CA  HA   sing N N 44  
ASN C   O    doub N N 45  
ASN C   OXT  sing N N 46  
ASN CB  CG   sing N N 47  
ASN CB  HB2  sing N N 48  
ASN CB  HB3  sing N N 49  
ASN CG  OD1  doub N N 50  
ASN CG  ND2  sing N N 51  
ASN ND2 HD21 sing N N 52  
ASN ND2 HD22 sing N N 53  
ASN OXT HXT  sing N N 54  
ASP N   CA   sing N N 55  
ASP N   H    sing N N 56  
ASP N   H2   sing N N 57  
ASP CA  C    sing N N 58  
ASP CA  CB   sing N N 59  
ASP CA  HA   sing N N 60  
ASP C   O    doub N N 61  
ASP C   OXT  sing N N 62  
ASP CB  CG   sing N N 63  
ASP CB  HB2  sing N N 64  
ASP CB  HB3  sing N N 65  
ASP CG  OD1  doub N N 66  
ASP CG  OD2  sing N N 67  
ASP OD2 HD2  sing N N 68  
ASP OXT HXT  sing N N 69  
CYS N   CA   sing N N 70  
CYS N   H    sing N N 71  
CYS N   H2   sing N N 72  
CYS CA  C    sing N N 73  
CYS CA  CB   sing N N 74  
CYS CA  HA   sing N N 75  
CYS C   O    doub N N 76  
CYS C   OXT  sing N N 77  
CYS CB  SG   sing N N 78  
CYS CB  HB2  sing N N 79  
CYS CB  HB3  sing N N 80  
CYS SG  HG   sing N N 81  
CYS OXT HXT  sing N N 82  
GLN N   CA   sing N N 83  
GLN N   H    sing N N 84  
GLN N   H2   sing N N 85  
GLN CA  C    sing N N 86  
GLN CA  CB   sing N N 87  
GLN CA  HA   sing N N 88  
GLN C   O    doub N N 89  
GLN C   OXT  sing N N 90  
GLN CB  CG   sing N N 91  
GLN CB  HB2  sing N N 92  
GLN CB  HB3  sing N N 93  
GLN CG  CD   sing N N 94  
GLN CG  HG2  sing N N 95  
GLN CG  HG3  sing N N 96  
GLN CD  OE1  doub N N 97  
GLN CD  NE2  sing N N 98  
GLN NE2 HE21 sing N N 99  
GLN NE2 HE22 sing N N 100 
GLN OXT HXT  sing N N 101 
GLU N   CA   sing N N 102 
GLU N   H    sing N N 103 
GLU N   H2   sing N N 104 
GLU CA  C    sing N N 105 
GLU CA  CB   sing N N 106 
GLU CA  HA   sing N N 107 
GLU C   O    doub N N 108 
GLU C   OXT  sing N N 109 
GLU CB  CG   sing N N 110 
GLU CB  HB2  sing N N 111 
GLU CB  HB3  sing N N 112 
GLU CG  CD   sing N N 113 
GLU CG  HG2  sing N N 114 
GLU CG  HG3  sing N N 115 
GLU CD  OE1  doub N N 116 
GLU CD  OE2  sing N N 117 
GLU OE2 HE2  sing N N 118 
GLU OXT HXT  sing N N 119 
GLY N   CA   sing N N 120 
GLY N   H    sing N N 121 
GLY N   H2   sing N N 122 
GLY CA  C    sing N N 123 
GLY CA  HA2  sing N N 124 
GLY CA  HA3  sing N N 125 
GLY C   O    doub N N 126 
GLY C   OXT  sing N N 127 
GLY OXT HXT  sing N N 128 
GOL C1  O1   sing N N 129 
GOL C1  C2   sing N N 130 
GOL C1  H11  sing N N 131 
GOL C1  H12  sing N N 132 
GOL O1  HO1  sing N N 133 
GOL C2  O2   sing N N 134 
GOL C2  C3   sing N N 135 
GOL C2  H2   sing N N 136 
GOL O2  HO2  sing N N 137 
GOL C3  O3   sing N N 138 
GOL C3  H31  sing N N 139 
GOL C3  H32  sing N N 140 
GOL O3  HO3  sing N N 141 
HIS N   CA   sing N N 142 
HIS N   H    sing N N 143 
HIS N   H2   sing N N 144 
HIS CA  C    sing N N 145 
HIS CA  CB   sing N N 146 
HIS CA  HA   sing N N 147 
HIS C   O    doub N N 148 
HIS C   OXT  sing N N 149 
HIS CB  CG   sing N N 150 
HIS CB  HB2  sing N N 151 
HIS CB  HB3  sing N N 152 
HIS CG  ND1  sing Y N 153 
HIS CG  CD2  doub Y N 154 
HIS ND1 CE1  doub Y N 155 
HIS ND1 HD1  sing N N 156 
HIS CD2 NE2  sing Y N 157 
HIS CD2 HD2  sing N N 158 
HIS CE1 NE2  sing Y N 159 
HIS CE1 HE1  sing N N 160 
HIS NE2 HE2  sing N N 161 
HIS OXT HXT  sing N N 162 
HOH O   H1   sing N N 163 
HOH O   H2   sing N N 164 
ILE N   CA   sing N N 165 
ILE N   H    sing N N 166 
ILE N   H2   sing N N 167 
ILE CA  C    sing N N 168 
ILE CA  CB   sing N N 169 
ILE CA  HA   sing N N 170 
ILE C   O    doub N N 171 
ILE C   OXT  sing N N 172 
ILE CB  CG1  sing N N 173 
ILE CB  CG2  sing N N 174 
ILE CB  HB   sing N N 175 
ILE CG1 CD1  sing N N 176 
ILE CG1 HG12 sing N N 177 
ILE CG1 HG13 sing N N 178 
ILE CG2 HG21 sing N N 179 
ILE CG2 HG22 sing N N 180 
ILE CG2 HG23 sing N N 181 
ILE CD1 HD11 sing N N 182 
ILE CD1 HD12 sing N N 183 
ILE CD1 HD13 sing N N 184 
ILE OXT HXT  sing N N 185 
LEU N   CA   sing N N 186 
LEU N   H    sing N N 187 
LEU N   H2   sing N N 188 
LEU CA  C    sing N N 189 
LEU CA  CB   sing N N 190 
LEU CA  HA   sing N N 191 
LEU C   O    doub N N 192 
LEU C   OXT  sing N N 193 
LEU CB  CG   sing N N 194 
LEU CB  HB2  sing N N 195 
LEU CB  HB3  sing N N 196 
LEU CG  CD1  sing N N 197 
LEU CG  CD2  sing N N 198 
LEU CG  HG   sing N N 199 
LEU CD1 HD11 sing N N 200 
LEU CD1 HD12 sing N N 201 
LEU CD1 HD13 sing N N 202 
LEU CD2 HD21 sing N N 203 
LEU CD2 HD22 sing N N 204 
LEU CD2 HD23 sing N N 205 
LEU OXT HXT  sing N N 206 
LYS N   CA   sing N N 207 
LYS N   H    sing N N 208 
LYS N   H2   sing N N 209 
LYS CA  C    sing N N 210 
LYS CA  CB   sing N N 211 
LYS CA  HA   sing N N 212 
LYS C   O    doub N N 213 
LYS C   OXT  sing N N 214 
LYS CB  CG   sing N N 215 
LYS CB  HB2  sing N N 216 
LYS CB  HB3  sing N N 217 
LYS CG  CD   sing N N 218 
LYS CG  HG2  sing N N 219 
LYS CG  HG3  sing N N 220 
LYS CD  CE   sing N N 221 
LYS CD  HD2  sing N N 222 
LYS CD  HD3  sing N N 223 
LYS CE  NZ   sing N N 224 
LYS CE  HE2  sing N N 225 
LYS CE  HE3  sing N N 226 
LYS NZ  HZ1  sing N N 227 
LYS NZ  HZ2  sing N N 228 
LYS NZ  HZ3  sing N N 229 
LYS OXT HXT  sing N N 230 
MET N   CA   sing N N 231 
MET N   H    sing N N 232 
MET N   H2   sing N N 233 
MET CA  C    sing N N 234 
MET CA  CB   sing N N 235 
MET CA  HA   sing N N 236 
MET C   O    doub N N 237 
MET C   OXT  sing N N 238 
MET CB  CG   sing N N 239 
MET CB  HB2  sing N N 240 
MET CB  HB3  sing N N 241 
MET CG  SD   sing N N 242 
MET CG  HG2  sing N N 243 
MET CG  HG3  sing N N 244 
MET SD  CE   sing N N 245 
MET CE  HE1  sing N N 246 
MET CE  HE2  sing N N 247 
MET CE  HE3  sing N N 248 
MET OXT HXT  sing N N 249 
NDP PA  O1A  doub N N 250 
NDP PA  O2A  sing N N 251 
NDP PA  O5B  sing N N 252 
NDP PA  O3   sing N N 253 
NDP O2A HOA2 sing N N 254 
NDP O5B C5B  sing N N 255 
NDP C5B C4B  sing N N 256 
NDP C5B H51A sing N N 257 
NDP C5B H52A sing N N 258 
NDP C4B O4B  sing N N 259 
NDP C4B C3B  sing N N 260 
NDP C4B H4B  sing N N 261 
NDP O4B C1B  sing N N 262 
NDP C3B O3B  sing N N 263 
NDP C3B C2B  sing N N 264 
NDP C3B H3B  sing N N 265 
NDP O3B HO3A sing N N 266 
NDP C2B O2B  sing N N 267 
NDP C2B C1B  sing N N 268 
NDP C2B H2B  sing N N 269 
NDP O2B P2B  sing N N 270 
NDP C1B N9A  sing N N 271 
NDP C1B H1B  sing N N 272 
NDP N9A C8A  sing Y N 273 
NDP N9A C4A  sing Y N 274 
NDP C8A N7A  doub Y N 275 
NDP C8A H8A  sing N N 276 
NDP N7A C5A  sing Y N 277 
NDP C5A C6A  sing Y N 278 
NDP C5A C4A  doub Y N 279 
NDP C6A N6A  sing N N 280 
NDP C6A N1A  doub Y N 281 
NDP N6A H61A sing N N 282 
NDP N6A H62A sing N N 283 
NDP N1A C2A  sing Y N 284 
NDP C2A N3A  doub Y N 285 
NDP C2A H2A  sing N N 286 
NDP N3A C4A  sing Y N 287 
NDP O3  PN   sing N N 288 
NDP PN  O1N  doub N N 289 
NDP PN  O2N  sing N N 290 
NDP PN  O5D  sing N N 291 
NDP O2N H21N sing N N 292 
NDP O5D C5D  sing N N 293 
NDP C5D C4D  sing N N 294 
NDP C5D H51N sing N N 295 
NDP C5D H52N sing N N 296 
NDP C4D O4D  sing N N 297 
NDP C4D C3D  sing N N 298 
NDP C4D H4D  sing N N 299 
NDP O4D C1D  sing N N 300 
NDP C3D O3D  sing N N 301 
NDP C3D C2D  sing N N 302 
NDP C3D H3D  sing N N 303 
NDP O3D HO3N sing N N 304 
NDP C2D O2D  sing N N 305 
NDP C2D C1D  sing N N 306 
NDP C2D H2D  sing N N 307 
NDP O2D HO2N sing N N 308 
NDP C1D N1N  sing N N 309 
NDP C1D H1D  sing N N 310 
NDP N1N C2N  sing N N 311 
NDP N1N C6N  sing N N 312 
NDP C2N C3N  doub N N 313 
NDP C2N H2N  sing N N 314 
NDP C3N C7N  sing N N 315 
NDP C3N C4N  sing N N 316 
NDP C7N O7N  doub N N 317 
NDP C7N N7N  sing N N 318 
NDP N7N H71N sing N N 319 
NDP N7N H72N sing N N 320 
NDP C4N C5N  sing N N 321 
NDP C4N H41N sing N N 322 
NDP C4N H42N sing N N 323 
NDP C5N C6N  doub N N 324 
NDP C5N H5N  sing N N 325 
NDP C6N H6N  sing N N 326 
NDP P2B O1X  doub N N 327 
NDP P2B O2X  sing N N 328 
NDP P2B O3X  sing N N 329 
NDP O2X HOP2 sing N N 330 
NDP O3X HOP3 sing N N 331 
PHE N   CA   sing N N 332 
PHE N   H    sing N N 333 
PHE N   H2   sing N N 334 
PHE CA  C    sing N N 335 
PHE CA  CB   sing N N 336 
PHE CA  HA   sing N N 337 
PHE C   O    doub N N 338 
PHE C   OXT  sing N N 339 
PHE CB  CG   sing N N 340 
PHE CB  HB2  sing N N 341 
PHE CB  HB3  sing N N 342 
PHE CG  CD1  doub Y N 343 
PHE CG  CD2  sing Y N 344 
PHE CD1 CE1  sing Y N 345 
PHE CD1 HD1  sing N N 346 
PHE CD2 CE2  doub Y N 347 
PHE CD2 HD2  sing N N 348 
PHE CE1 CZ   doub Y N 349 
PHE CE1 HE1  sing N N 350 
PHE CE2 CZ   sing Y N 351 
PHE CE2 HE2  sing N N 352 
PHE CZ  HZ   sing N N 353 
PHE OXT HXT  sing N N 354 
PRO N   CA   sing N N 355 
PRO N   CD   sing N N 356 
PRO N   H    sing N N 357 
PRO CA  C    sing N N 358 
PRO CA  CB   sing N N 359 
PRO CA  HA   sing N N 360 
PRO C   O    doub N N 361 
PRO C   OXT  sing N N 362 
PRO CB  CG   sing N N 363 
PRO CB  HB2  sing N N 364 
PRO CB  HB3  sing N N 365 
PRO CG  CD   sing N N 366 
PRO CG  HG2  sing N N 367 
PRO CG  HG3  sing N N 368 
PRO CD  HD2  sing N N 369 
PRO CD  HD3  sing N N 370 
PRO OXT HXT  sing N N 371 
SER N   CA   sing N N 372 
SER N   H    sing N N 373 
SER N   H2   sing N N 374 
SER CA  C    sing N N 375 
SER CA  CB   sing N N 376 
SER CA  HA   sing N N 377 
SER C   O    doub N N 378 
SER C   OXT  sing N N 379 
SER CB  OG   sing N N 380 
SER CB  HB2  sing N N 381 
SER CB  HB3  sing N N 382 
SER OG  HG   sing N N 383 
SER OXT HXT  sing N N 384 
THR N   CA   sing N N 385 
THR N   H    sing N N 386 
THR N   H2   sing N N 387 
THR CA  C    sing N N 388 
THR CA  CB   sing N N 389 
THR CA  HA   sing N N 390 
THR C   O    doub N N 391 
THR C   OXT  sing N N 392 
THR CB  OG1  sing N N 393 
THR CB  CG2  sing N N 394 
THR CB  HB   sing N N 395 
THR OG1 HG1  sing N N 396 
THR CG2 HG21 sing N N 397 
THR CG2 HG22 sing N N 398 
THR CG2 HG23 sing N N 399 
THR OXT HXT  sing N N 400 
TRP N   CA   sing N N 401 
TRP N   H    sing N N 402 
TRP N   H2   sing N N 403 
TRP CA  C    sing N N 404 
TRP CA  CB   sing N N 405 
TRP CA  HA   sing N N 406 
TRP C   O    doub N N 407 
TRP C   OXT  sing N N 408 
TRP CB  CG   sing N N 409 
TRP CB  HB2  sing N N 410 
TRP CB  HB3  sing N N 411 
TRP CG  CD1  doub Y N 412 
TRP CG  CD2  sing Y N 413 
TRP CD1 NE1  sing Y N 414 
TRP CD1 HD1  sing N N 415 
TRP CD2 CE2  doub Y N 416 
TRP CD2 CE3  sing Y N 417 
TRP NE1 CE2  sing Y N 418 
TRP NE1 HE1  sing N N 419 
TRP CE2 CZ2  sing Y N 420 
TRP CE3 CZ3  doub Y N 421 
TRP CE3 HE3  sing N N 422 
TRP CZ2 CH2  doub Y N 423 
TRP CZ2 HZ2  sing N N 424 
TRP CZ3 CH2  sing Y N 425 
TRP CZ3 HZ3  sing N N 426 
TRP CH2 HH2  sing N N 427 
TRP OXT HXT  sing N N 428 
TYR N   CA   sing N N 429 
TYR N   H    sing N N 430 
TYR N   H2   sing N N 431 
TYR CA  C    sing N N 432 
TYR CA  CB   sing N N 433 
TYR CA  HA   sing N N 434 
TYR C   O    doub N N 435 
TYR C   OXT  sing N N 436 
TYR CB  CG   sing N N 437 
TYR CB  HB2  sing N N 438 
TYR CB  HB3  sing N N 439 
TYR CG  CD1  doub Y N 440 
TYR CG  CD2  sing Y N 441 
TYR CD1 CE1  sing Y N 442 
TYR CD1 HD1  sing N N 443 
TYR CD2 CE2  doub Y N 444 
TYR CD2 HD2  sing N N 445 
TYR CE1 CZ   doub Y N 446 
TYR CE1 HE1  sing N N 447 
TYR CE2 CZ   sing Y N 448 
TYR CE2 HE2  sing N N 449 
TYR CZ  OH   sing N N 450 
TYR OH  HH   sing N N 451 
TYR OXT HXT  sing N N 452 
VAL N   CA   sing N N 453 
VAL N   H    sing N N 454 
VAL N   H2   sing N N 455 
VAL CA  C    sing N N 456 
VAL CA  CB   sing N N 457 
VAL CA  HA   sing N N 458 
VAL C   O    doub N N 459 
VAL C   OXT  sing N N 460 
VAL CB  CG1  sing N N 461 
VAL CB  CG2  sing N N 462 
VAL CB  HB   sing N N 463 
VAL CG1 HG11 sing N N 464 
VAL CG1 HG12 sing N N 465 
VAL CG1 HG13 sing N N 466 
VAL CG2 HG21 sing N N 467 
VAL CG2 HG22 sing N N 468 
VAL CG2 HG23 sing N N 469 
VAL OXT HXT  sing N N 470 
# 
_atom_sites.entry_id                    1DG8 
_atom_sites.fract_transf_matrix[1][1]   -0.00825434 
_atom_sites.fract_transf_matrix[1][2]   0.01033604 
_atom_sites.fract_transf_matrix[1][3]   0.00996654 
_atom_sites.fract_transf_matrix[2][1]   -0.00199487 
_atom_sites.fract_transf_matrix[2][2]   0.01055903 
_atom_sites.fract_transf_matrix[2][3]   -0.01260266 
_atom_sites.fract_transf_matrix[3][1]   -0.01463561 
_atom_sites.fract_transf_matrix[3][2]   -0.00770059 
_atom_sites.fract_transf_matrix[3][3]   -0.00413521 
_atom_sites.fract_transf_vector[1]      0.131408 
_atom_sites.fract_transf_vector[2]      0.340987 
_atom_sites.fract_transf_vector[3]      0.158060 
# 
loop_
_atom_type.symbol 
C 
N 
O 
P 
S 
# 
loop_
_atom_site.group_PDB 
_atom_site.id 
_atom_site.type_symbol 
_atom_site.label_atom_id 
_atom_site.label_alt_id 
_atom_site.label_comp_id 
_atom_site.label_asym_id 
_atom_site.label_entity_id 
_atom_site.label_seq_id 
_atom_site.pdbx_PDB_ins_code 
_atom_site.Cartn_x 
_atom_site.Cartn_y 
_atom_site.Cartn_z 
_atom_site.occupancy 
_atom_site.B_iso_or_equiv 
_atom_site.pdbx_formal_charge 
_atom_site.auth_seq_id 
_atom_site.auth_comp_id 
_atom_site.auth_asym_id 
_atom_site.auth_atom_id 
_atom_site.pdbx_PDB_model_num 
ATOM   1    N N   . MET A 1 1   ? 12.257  -8.864  6.693   1.00 28.50 ? 1   MET A N   1 
ATOM   2    C CA  . MET A 1 1   ? 11.958  -7.433  6.342   1.00 27.59 ? 1   MET A CA  1 
ATOM   3    C C   . MET A 1 1   ? 10.519  -7.291  5.847   1.00 25.42 ? 1   MET A C   1 
ATOM   4    O O   . MET A 1 1   ? 10.108  -7.964  4.899   1.00 26.00 ? 1   MET A O   1 
ATOM   5    C CB  . MET A 1 1   ? 12.915  -6.944  5.235   1.00 29.68 ? 1   MET A CB  1 
ATOM   6    C CG  . MET A 1 1   ? 13.013  -5.405  5.001   1.00 33.33 ? 1   MET A CG  1 
ATOM   7    S SD  . MET A 1 1   ? 11.550  -4.478  4.349   1.00 34.21 ? 1   MET A SD  1 
ATOM   8    C CE  . MET A 1 1   ? 11.452  -5.070  2.685   1.00 31.95 ? 1   MET A CE  1 
ATOM   9    N N   . VAL A 1 2   ? 9.735   -6.468  6.531   1.00 22.39 ? 2   VAL A N   1 
ATOM   10   C CA  . VAL A 1 2   ? 8.371   -6.206  6.091   1.00 18.93 ? 2   VAL A CA  1 
ATOM   11   C C   . VAL A 1 2   ? 8.313   -4.717  5.798   1.00 18.15 ? 2   VAL A C   1 
ATOM   12   O O   . VAL A 1 2   ? 8.746   -3.899  6.623   1.00 17.53 ? 2   VAL A O   1 
ATOM   13   C CB  . VAL A 1 2   ? 7.311   -6.586  7.130   1.00 16.68 ? 2   VAL A CB  1 
ATOM   14   C CG1 . VAL A 1 2   ? 5.959   -6.022  6.729   1.00 16.59 ? 2   VAL A CG1 1 
ATOM   15   C CG2 . VAL A 1 2   ? 7.207   -8.093  7.225   1.00 15.83 ? 2   VAL A CG2 1 
ATOM   16   N N   . GLY A 1 3   ? 7.884   -4.380  4.586   1.00 16.28 ? 3   GLY A N   1 
ATOM   17   C CA  . GLY A 1 3   ? 7.766   -2.983  4.211   1.00 13.37 ? 3   GLY A CA  1 
ATOM   18   C C   . GLY A 1 3   ? 6.318   -2.636  3.903   1.00 13.68 ? 3   GLY A C   1 
ATOM   19   O O   . GLY A 1 3   ? 5.509   -3.548  3.661   1.00 13.26 ? 3   GLY A O   1 
ATOM   20   N N   . LEU A 1 4   ? 5.959   -1.355  4.058   1.00 12.88 ? 4   LEU A N   1 
ATOM   21   C CA  . LEU A 1 4   ? 4.619   -0.850  3.722   1.00 13.62 ? 4   LEU A CA  1 
ATOM   22   C C   . LEU A 1 4   ? 4.806   0.125   2.556   1.00 13.86 ? 4   LEU A C   1 
ATOM   23   O O   . LEU A 1 4   ? 5.779   0.867   2.532   1.00 14.06 ? 4   LEU A O   1 
ATOM   24   C CB  . LEU A 1 4   ? 3.989   -0.097  4.897   1.00 14.82 ? 4   LEU A CB  1 
ATOM   25   C CG  . LEU A 1 4   ? 3.094   -0.872  5.865   1.00 18.41 ? 4   LEU A CG  1 
ATOM   26   C CD1 . LEU A 1 4   ? 3.846   -2.088  6.384   1.00 15.42 ? 4   LEU A CD1 1 
ATOM   27   C CD2 . LEU A 1 4   ? 2.617   0.040   7.009   1.00 14.28 ? 4   LEU A CD2 1 
ATOM   28   N N   . ILE A 1 5   ? 3.941   0.064   1.552   1.00 14.71 ? 5   ILE A N   1 
ATOM   29   C CA  . ILE A 1 5   ? 4.040   1.003   0.429   1.00 14.18 ? 5   ILE A CA  1 
ATOM   30   C C   . ILE A 1 5   ? 2.644   1.546   0.160   1.00 14.82 ? 5   ILE A C   1 
ATOM   31   O O   . ILE A 1 5   ? 1.679   0.786   0.085   1.00 15.03 ? 5   ILE A O   1 
ATOM   32   C CB  . ILE A 1 5   ? 4.663   0.374   -0.860  1.00 13.12 ? 5   ILE A CB  1 
ATOM   33   C CG1 . ILE A 1 5   ? 4.685   1.417   -1.985  1.00 12.62 ? 5   ILE A CG1 1 
ATOM   34   C CG2 . ILE A 1 5   ? 3.870   -0.822  -1.322  1.00 11.70 ? 5   ILE A CG2 1 
ATOM   35   C CD1 . ILE A 1 5   ? 5.611   1.060   -3.148  1.00 12.47 ? 5   ILE A CD1 1 
ATOM   36   N N   . TRP A 1 6   ? 2.524   2.869   0.085   1.00 15.14 ? 6   TRP A N   1 
ATOM   37   C CA  . TRP A 1 6   ? 1.225   3.482   -0.151  1.00 14.19 ? 6   TRP A CA  1 
ATOM   38   C C   . TRP A 1 6   ? 1.353   4.911   -0.674  1.00 13.73 ? 6   TRP A C   1 
ATOM   39   O O   . TRP A 1 6   ? 2.420   5.521   -0.587  1.00 13.43 ? 6   TRP A O   1 
ATOM   40   C CB  . TRP A 1 6   ? 0.411   3.481   1.162   1.00 14.80 ? 6   TRP A CB  1 
ATOM   41   C CG  . TRP A 1 6   ? 0.820   4.529   2.212   1.00 14.74 ? 6   TRP A CG  1 
ATOM   42   C CD1 . TRP A 1 6   ? 0.450   5.858   2.239   1.00 13.63 ? 6   TRP A CD1 1 
ATOM   43   C CD2 . TRP A 1 6   ? 1.601   4.316   3.391   1.00 13.25 ? 6   TRP A CD2 1 
ATOM   44   N NE1 . TRP A 1 6   ? 0.944   6.465   3.360   1.00 12.73 ? 6   TRP A NE1 1 
ATOM   45   C CE2 . TRP A 1 6   ? 1.656   5.552   4.085   1.00 14.10 ? 6   TRP A CE2 1 
ATOM   46   C CE3 . TRP A 1 6   ? 2.256   3.206   3.937   1.00 13.92 ? 6   TRP A CE3 1 
ATOM   47   C CZ2 . TRP A 1 6   ? 2.341   5.706   5.299   1.00 14.16 ? 6   TRP A CZ2 1 
ATOM   48   C CZ3 . TRP A 1 6   ? 2.939   3.355   5.152   1.00 13.30 ? 6   TRP A CZ3 1 
ATOM   49   C CH2 . TRP A 1 6   ? 2.974   4.599   5.818   1.00 14.72 ? 6   TRP A CH2 1 
ATOM   50   N N   . ALA A 1 7   ? 0.245   5.451   -1.168  1.00 13.00 ? 7   ALA A N   1 
ATOM   51   C CA  . ALA A 1 7   ? 0.189   6.823   -1.660  1.00 14.60 ? 7   ALA A CA  1 
ATOM   52   C C   . ALA A 1 7   ? -0.941  7.469   -0.872  1.00 15.34 ? 7   ALA A C   1 
ATOM   53   O O   . ALA A 1 7   ? -2.023  6.893   -0.777  1.00 15.03 ? 7   ALA A O   1 
ATOM   54   C CB  . ALA A 1 7   ? -0.131  6.863   -3.175  1.00 14.44 ? 7   ALA A CB  1 
ATOM   55   N N   . GLN A 1 8   ? -0.687  8.652   -0.307  1.00 14.33 ? 8   GLN A N   1 
ATOM   56   C CA  . GLN A 1 8   ? -1.692  9.345   0.481   1.00 14.92 ? 8   GLN A CA  1 
ATOM   57   C C   . GLN A 1 8   ? -1.797  10.821  0.164   1.00 15.89 ? 8   GLN A C   1 
ATOM   58   O O   . GLN A 1 8   ? -0.828  11.451  -0.256  1.00 14.67 ? 8   GLN A O   1 
ATOM   59   C CB  . GLN A 1 8   ? -1.372  9.238   1.981   1.00 13.09 ? 8   GLN A CB  1 
ATOM   60   C CG  . GLN A 1 8   ? -0.133  10.033  2.405   1.00 14.96 ? 8   GLN A CG  1 
ATOM   61   C CD  . GLN A 1 8   ? 0.029   10.130  3.912   1.00 17.45 ? 8   GLN A CD  1 
ATOM   62   O OE1 . GLN A 1 8   ? 0.526   9.204   4.554   1.00 18.51 ? 8   GLN A OE1 1 
ATOM   63   N NE2 . GLN A 1 8   ? -0.365  11.264  4.482   1.00 15.45 ? 8   GLN A NE2 1 
ATOM   64   N N   . ALA A 1 9   ? -3.000  11.352  0.372   1.00 17.88 ? 9   ALA A N   1 
ATOM   65   C CA  . ALA A 1 9   ? -3.260  12.778  0.239   1.00 17.91 ? 9   ALA A CA  1 
ATOM   66   C C   . ALA A 1 9   ? -2.542  13.335  1.471   1.00 17.89 ? 9   ALA A C   1 
ATOM   67   O O   . ALA A 1 9   ? -2.301  12.611  2.436   1.00 18.55 ? 9   ALA A O   1 
ATOM   68   C CB  . ALA A 1 9   ? -4.784  13.053  0.337   1.00 16.55 ? 9   ALA A CB  1 
ATOM   69   N N   . THR A 1 10  ? -2.136  14.589  1.426   1.00 18.61 ? 10  THR A N   1 
ATOM   70   C CA  . THR A 1 10  ? -1.461  15.200  2.567   1.00 19.06 ? 10  THR A CA  1 
ATOM   71   C C   . THR A 1 10  ? -2.252  14.942  3.858   1.00 18.85 ? 10  THR A C   1 
ATOM   72   O O   . THR A 1 10  ? -1.679  14.753  4.942   1.00 17.88 ? 10  THR A O   1 
ATOM   73   C CB  . THR A 1 10  ? -1.348  16.721  2.328   1.00 19.45 ? 10  THR A CB  1 
ATOM   74   O OG1 . THR A 1 10  ? -0.450  16.937  1.239   1.00 21.28 ? 10  THR A OG1 1 
ATOM   75   C CG2 . THR A 1 10  ? -0.853  17.461  3.555   1.00 17.84 ? 10  THR A CG2 1 
ATOM   76   N N   . SER A 1 11  ? -3.569  14.887  3.701   1.00 18.76 ? 11  SER A N   1 
ATOM   77   C CA  . SER A 1 11  ? -4.514  14.678  4.789   1.00 19.50 ? 11  SER A CA  1 
ATOM   78   C C   . SER A 1 11  ? -4.464  13.285  5.416   1.00 21.04 ? 11  SER A C   1 
ATOM   79   O O   . SER A 1 11  ? -4.991  13.083  6.523   1.00 21.54 ? 11  SER A O   1 
ATOM   80   C CB  . SER A 1 11  ? -5.924  14.886  4.265   1.00 20.52 ? 11  SER A CB  1 
ATOM   81   O OG  . SER A 1 11  ? -6.245  13.859  3.326   1.00 21.21 ? 11  SER A OG  1 
ATOM   82   N N   . GLY A 1 12  ? -3.909  12.312  4.693   1.00 19.73 ? 12  GLY A N   1 
ATOM   83   C CA  . GLY A 1 12  ? -3.861  10.958  5.229   1.00 17.34 ? 12  GLY A CA  1 
ATOM   84   C C   . GLY A 1 12  ? -4.835  10.032  4.522   1.00 17.31 ? 12  GLY A C   1 
ATOM   85   O O   . GLY A 1 12  ? -4.782  8.822   4.715   1.00 16.94 ? 12  GLY A O   1 
ATOM   86   N N   . VAL A 1 13  ? -5.725  10.591  3.702   1.00 16.17 ? 13  VAL A N   1 
ATOM   87   C CA  . VAL A 1 13  ? -6.674  9.777   2.949   1.00 15.47 ? 13  VAL A CA  1 
ATOM   88   C C   . VAL A 1 13  ? -5.943  8.953   1.887   1.00 15.05 ? 13  VAL A C   1 
ATOM   89   O O   . VAL A 1 13  ? -5.098  9.483   1.153   1.00 13.47 ? 13  VAL A O   1 
ATOM   90   C CB  . VAL A 1 13  ? -7.726  10.636  2.244   1.00 16.47 ? 13  VAL A CB  1 
ATOM   91   C CG1 . VAL A 1 13  ? -8.680  9.749   1.412   1.00 14.63 ? 13  VAL A CG1 1 
ATOM   92   C CG2 . VAL A 1 13  ? -8.490  11.424  3.265   1.00 17.45 ? 13  VAL A CG2 1 
ATOM   93   N N   . ILE A 1 14  ? -6.222  7.650   1.856   1.00 14.22 ? 14  ILE A N   1 
ATOM   94   C CA  . ILE A 1 14  ? -5.617  6.761   0.876   1.00 14.77 ? 14  ILE A CA  1 
ATOM   95   C C   . ILE A 1 14  ? -6.687  6.077   0.020   1.00 16.68 ? 14  ILE A C   1 
ATOM   96   O O   . ILE A 1 14  ? -6.377  5.516   -1.035  1.00 19.25 ? 14  ILE A O   1 
ATOM   97   C CB  . ILE A 1 14  ? -4.715  5.652   1.518   1.00 15.05 ? 14  ILE A CB  1 
ATOM   98   C CG1 . ILE A 1 14  ? -5.565  4.695   2.370   1.00 14.42 ? 14  ILE A CG1 1 
ATOM   99   C CG2 . ILE A 1 14  ? -3.553  6.274   2.290   1.00 11.95 ? 14  ILE A CG2 1 
ATOM   100  C CD1 . ILE A 1 14  ? -4.987  3.306   2.511   1.00 15.07 ? 14  ILE A CD1 1 
ATOM   101  N N   . GLY A 1 15  ? -7.942  6.130   0.471   1.00 16.90 ? 15  GLY A N   1 
ATOM   102  C CA  . GLY A 1 15  ? -9.026  5.502   -0.258  1.00 15.58 ? 15  GLY A CA  1 
ATOM   103  C C   . GLY A 1 15  ? -10.369 6.043   0.179   1.00 17.51 ? 15  GLY A C   1 
ATOM   104  O O   . GLY A 1 15  ? -10.553 6.436   1.335   1.00 17.44 ? 15  GLY A O   1 
ATOM   105  N N   . ARG A 1 16  ? -11.299 6.097   -0.764  1.00 19.09 ? 16  ARG A N   1 
ATOM   106  C CA  . ARG A 1 16  ? -12.663 6.582   -0.527  1.00 23.02 ? 16  ARG A CA  1 
ATOM   107  C C   . ARG A 1 16  ? -13.596 5.893   -1.522  1.00 24.41 ? 16  ARG A C   1 
ATOM   108  O O   . ARG A 1 16  ? -13.300 5.836   -2.711  1.00 25.97 ? 16  ARG A O   1 
ATOM   109  C CB  . ARG A 1 16  ? -12.746 8.100   -0.694  1.00 22.69 ? 16  ARG A CB  1 
ATOM   110  C CG  . ARG A 1 16  ? -14.152 8.663   -0.505  1.00 22.02 ? 16  ARG A CG  1 
ATOM   111  C CD  . ARG A 1 16  ? -14.115 10.186  -0.483  1.00 22.27 ? 16  ARG A CD  1 
ATOM   112  N NE  . ARG A 1 16  ? -13.283 10.684  0.618   1.00 22.93 ? 16  ARG A NE  1 
ATOM   113  C CZ  . ARG A 1 16  ? -12.892 11.949  0.764   1.00 21.72 ? 16  ARG A CZ  1 
ATOM   114  N NH1 . ARG A 1 16  ? -13.247 12.861  -0.123  1.00 24.56 ? 16  ARG A NH1 1 
ATOM   115  N NH2 . ARG A 1 16  ? -12.171 12.317  1.818   1.00 21.65 ? 16  ARG A NH2 1 
ATOM   116  N N   . GLY A 1 17  ? -14.677 5.306   -1.017  1.00 26.38 ? 17  GLY A N   1 
ATOM   117  C CA  . GLY A 1 17  ? -15.619 4.611   -1.876  1.00 27.07 ? 17  GLY A CA  1 
ATOM   118  C C   . GLY A 1 17  ? -15.029 3.447   -2.653  1.00 27.95 ? 17  GLY A C   1 
ATOM   119  O O   . GLY A 1 17  ? -15.396 3.208   -3.810  1.00 27.63 ? 17  GLY A O   1 
ATOM   120  N N   . GLY A 1 18  ? -14.116 2.715   -2.027  1.00 27.73 ? 18  GLY A N   1 
ATOM   121  C CA  . GLY A 1 18  ? -13.507 1.583   -2.700  1.00 28.75 ? 18  GLY A CA  1 
ATOM   122  C C   . GLY A 1 18  ? -12.421 1.911   -3.715  1.00 30.13 ? 18  GLY A C   1 
ATOM   123  O O   . GLY A 1 18  ? -11.841 0.994   -4.294  1.00 31.95 ? 18  GLY A O   1 
ATOM   124  N N   . ASP A 1 19  ? -12.117 3.195   -3.907  1.00 31.17 ? 19  ASP A N   1 
ATOM   125  C CA  . ASP A 1 19  ? -11.085 3.622   -4.863  1.00 32.65 ? 19  ASP A CA  1 
ATOM   126  C C   . ASP A 1 19  ? -10.040 4.558   -4.265  1.00 30.82 ? 19  ASP A C   1 
ATOM   127  O O   . ASP A 1 19  ? -10.087 4.908   -3.086  1.00 30.03 ? 19  ASP A O   1 
ATOM   128  C CB  . ASP A 1 19  ? -11.714 4.382   -6.033  1.00 37.49 ? 19  ASP A CB  1 
ATOM   129  C CG  . ASP A 1 19  ? -12.708 3.556   -6.805  1.00 42.99 ? 19  ASP A CG  1 
ATOM   130  O OD1 . ASP A 1 19  ? -13.894 3.972   -6.887  1.00 45.89 ? 19  ASP A OD1 1 
ATOM   131  O OD2 . ASP A 1 19  ? -12.296 2.494   -7.332  1.00 46.69 ? 19  ASP A OD2 1 
ATOM   132  N N   . ILE A 1 20  ? -9.092  4.949   -5.112  1.00 28.32 ? 20  ILE A N   1 
ATOM   133  C CA  . ILE A 1 20  ? -8.044  5.898   -4.762  1.00 27.20 ? 20  ILE A CA  1 
ATOM   134  C C   . ILE A 1 20  ? -8.619  7.219   -5.347  1.00 27.20 ? 20  ILE A C   1 
ATOM   135  O O   . ILE A 1 20  ? -8.910  7.292   -6.536  1.00 24.97 ? 20  ILE A O   1 
ATOM   136  C CB  . ILE A 1 20  ? -6.683  5.479   -5.403  1.00 26.46 ? 20  ILE A CB  1 
ATOM   137  C CG1 . ILE A 1 20  ? -6.223  4.137   -4.817  1.00 24.53 ? 20  ILE A CG1 1 
ATOM   138  C CG2 . ILE A 1 20  ? -5.616  6.518   -5.131  1.00 25.37 ? 20  ILE A CG2 1 
ATOM   139  C CD1 . ILE A 1 20  ? -4.818  3.728   -5.220  1.00 22.84 ? 20  ILE A CD1 1 
ATOM   140  N N   . PRO A 1 21  ? -8.856  8.247   -4.492  1.00 27.49 ? 21  PRO A N   1 
ATOM   141  C CA  . PRO A 1 21  ? -9.411  9.550   -4.881  1.00 27.36 ? 21  PRO A CA  1 
ATOM   142  C C   . PRO A 1 21  ? -8.576  10.464  -5.779  1.00 27.36 ? 21  PRO A C   1 
ATOM   143  O O   . PRO A 1 21  ? -8.704  11.680  -5.704  1.00 28.05 ? 21  PRO A O   1 
ATOM   144  C CB  . PRO A 1 21  ? -9.692  10.237  -3.530  1.00 27.12 ? 21  PRO A CB  1 
ATOM   145  C CG  . PRO A 1 21  ? -9.692  9.144   -2.537  1.00 27.01 ? 21  PRO A CG  1 
ATOM   146  C CD  . PRO A 1 21  ? -8.615  8.222   -3.040  1.00 26.65 ? 21  PRO A CD  1 
ATOM   147  N N   . TRP A 1 22  ? -7.727  9.896   -6.628  1.00 27.41 ? 22  TRP A N   1 
ATOM   148  C CA  . TRP A 1 22  ? -6.913  10.718  -7.529  1.00 27.65 ? 22  TRP A CA  1 
ATOM   149  C C   . TRP A 1 22  ? -6.257  9.840   -8.589  1.00 28.72 ? 22  TRP A C   1 
ATOM   150  O O   . TRP A 1 22  ? -6.275  8.607   -8.503  1.00 26.74 ? 22  TRP A O   1 
ATOM   151  C CB  . TRP A 1 22  ? -5.829  11.503  -6.748  1.00 25.26 ? 22  TRP A CB  1 
ATOM   152  C CG  . TRP A 1 22  ? -4.856  10.608  -6.013  1.00 21.37 ? 22  TRP A CG  1 
ATOM   153  C CD1 . TRP A 1 22  ? -3.792  9.952   -6.547  1.00 22.30 ? 22  TRP A CD1 1 
ATOM   154  C CD2 . TRP A 1 22  ? -4.899  10.238  -4.628  1.00 20.55 ? 22  TRP A CD2 1 
ATOM   155  N NE1 . TRP A 1 22  ? -3.170  9.187   -5.588  1.00 20.73 ? 22  TRP A NE1 1 
ATOM   156  C CE2 . TRP A 1 22  ? -3.835  9.342   -4.401  1.00 19.17 ? 22  TRP A CE2 1 
ATOM   157  C CE3 . TRP A 1 22  ? -5.745  10.567  -3.554  1.00 20.42 ? 22  TRP A CE3 1 
ATOM   158  C CZ2 . TRP A 1 22  ? -3.586  8.767   -3.144  1.00 17.87 ? 22  TRP A CZ2 1 
ATOM   159  C CZ3 . TRP A 1 22  ? -5.489  9.988   -2.293  1.00 18.16 ? 22  TRP A CZ3 1 
ATOM   160  C CH2 . TRP A 1 22  ? -4.422  9.102   -2.109  1.00 15.64 ? 22  TRP A CH2 1 
ATOM   161  N N   . ARG A 1 23  ? -5.673  10.496  -9.585  1.00 32.26 ? 23  ARG A N   1 
ATOM   162  C CA  . ARG A 1 23  ? -4.980  9.804   -10.665 1.00 35.74 ? 23  ARG A CA  1 
ATOM   163  C C   . ARG A 1 23  ? -3.534  10.261  -10.601 1.00 34.50 ? 23  ARG A C   1 
ATOM   164  O O   . ARG A 1 23  ? -3.253  11.462  -10.562 1.00 34.08 ? 23  ARG A O   1 
ATOM   165  C CB  . ARG A 1 23  ? -5.568  10.132  -12.057 1.00 39.80 ? 23  ARG A CB  1 
ATOM   166  C CG  . ARG A 1 23  ? -6.936  10.846  -12.099 1.00 46.20 ? 23  ARG A CG  1 
ATOM   167  C CD  . ARG A 1 23  ? -6.818  12.363  -11.815 1.00 51.15 ? 23  ARG A CD  1 
ATOM   168  N NE  . ARG A 1 23  ? -7.470  12.753  -10.553 1.00 55.14 ? 23  ARG A NE  1 
ATOM   169  C CZ  . ARG A 1 23  ? -7.065  13.745  -9.757  1.00 54.95 ? 23  ARG A CZ  1 
ATOM   170  N NH1 . ARG A 1 23  ? -5.999  14.463  -10.075 1.00 55.35 ? 23  ARG A NH1 1 
ATOM   171  N NH2 . ARG A 1 23  ? -7.748  14.051  -8.659  1.00 55.86 ? 23  ARG A NH2 1 
ATOM   172  N N   . LEU A 1 24  ? -2.623  9.297   -10.543 1.00 34.29 ? 24  LEU A N   1 
ATOM   173  C CA  . LEU A 1 24  ? -1.201  9.596   -10.477 1.00 34.28 ? 24  LEU A CA  1 
ATOM   174  C C   . LEU A 1 24  ? -0.473  8.416   -11.073 1.00 34.19 ? 24  LEU A C   1 
ATOM   175  O O   . LEU A 1 24  ? 0.154   7.648   -10.350 1.00 34.31 ? 24  LEU A O   1 
ATOM   176  C CB  . LEU A 1 24  ? -0.752  9.791   -9.022  1.00 33.80 ? 24  LEU A CB  1 
ATOM   177  C CG  . LEU A 1 24  ? 0.633   10.414  -8.820  1.00 35.00 ? 24  LEU A CG  1 
ATOM   178  C CD1 . LEU A 1 24  ? 0.497   11.920  -8.822  1.00 35.42 ? 24  LEU A CD1 1 
ATOM   179  C CD2 . LEU A 1 24  ? 1.210   9.991   -7.502  1.00 34.83 ? 24  LEU A CD2 1 
ATOM   180  N N   . PRO A 1 25  ? -0.541  8.252   -12.409 1.00 35.11 ? 25  PRO A N   1 
ATOM   181  C CA  . PRO A 1 25  ? 0.123   7.138   -13.099 1.00 34.68 ? 25  PRO A CA  1 
ATOM   182  C C   . PRO A 1 25  ? 1.630   7.050   -12.888 1.00 33.90 ? 25  PRO A C   1 
ATOM   183  O O   . PRO A 1 25  ? 2.201   5.971   -12.982 1.00 34.51 ? 25  PRO A O   1 
ATOM   184  C CB  . PRO A 1 25  ? -0.253  7.362   -14.567 1.00 34.99 ? 25  PRO A CB  1 
ATOM   185  C CG  . PRO A 1 25  ? -0.498  8.828   -14.633 1.00 35.60 ? 25  PRO A CG  1 
ATOM   186  C CD  . PRO A 1 25  ? -1.254  9.106   -13.371 1.00 35.09 ? 25  PRO A CD  1 
ATOM   187  N N   . GLU A 1 26  ? 2.263   8.173   -12.561 1.00 32.75 ? 26  GLU A N   1 
ATOM   188  C CA  . GLU A 1 26  ? 3.706   8.211   -12.312 1.00 33.75 ? 26  GLU A CA  1 
ATOM   189  C C   . GLU A 1 26  ? 4.101   7.352   -11.118 1.00 35.00 ? 26  GLU A C   1 
ATOM   190  O O   . GLU A 1 26  ? 5.250   6.933   -10.975 1.00 35.21 ? 26  GLU A O   1 
ATOM   191  C CB  . GLU A 1 26  ? 4.152   9.641   -12.046 1.00 34.47 ? 26  GLU A CB  1 
ATOM   192  C CG  . GLU A 1 26  ? 4.143   10.533  -13.271 1.00 33.41 ? 26  GLU A CG  1 
ATOM   193  C CD  . GLU A 1 26  ? 2.782   11.082  -13.607 1.00 34.61 ? 26  GLU A CD  1 
ATOM   194  O OE1 . GLU A 1 26  ? 1.750   10.616  -13.068 1.00 34.77 ? 26  GLU A OE1 1 
ATOM   195  O OE2 . GLU A 1 26  ? 2.748   12.012  -14.430 1.00 36.36 ? 26  GLU A OE2 1 
ATOM   196  N N   . ASP A 1 27  ? 3.123   7.087   -10.269 1.00 35.40 ? 27  ASP A N   1 
ATOM   197  C CA  . ASP A 1 27  ? 3.329   6.298   -9.077  1.00 37.86 ? 27  ASP A CA  1 
ATOM   198  C C   . ASP A 1 27  ? 3.454   4.812   -9.380  1.00 37.99 ? 27  ASP A C   1 
ATOM   199  O O   . ASP A 1 27  ? 4.196   4.100   -8.696  1.00 36.67 ? 27  ASP A O   1 
ATOM   200  C CB  . ASP A 1 27  ? 2.158   6.509   -8.131  1.00 37.38 ? 27  ASP A CB  1 
ATOM   201  C CG  . ASP A 1 27  ? 2.563   6.413   -6.694  1.00 39.81 ? 27  ASP A CG  1 
ATOM   202  O OD1 . ASP A 1 27  ? 3.678   6.898   -6.352  1.00 39.00 ? 27  ASP A OD1 1 
ATOM   203  O OD2 . ASP A 1 27  ? 1.758   5.853   -5.912  1.00 42.08 ? 27  ASP A OD2 1 
ATOM   204  N N   . GLN A 1 28  ? 2.695   4.360   -10.380 1.00 37.88 ? 28  GLN A N   1 
ATOM   205  C CA  . GLN A 1 28  ? 2.668   2.961   -10.807 1.00 38.14 ? 28  GLN A CA  1 
ATOM   206  C C   . GLN A 1 28  ? 4.058   2.345   -11.006 1.00 36.46 ? 28  GLN A C   1 
ATOM   207  O O   . GLN A 1 28  ? 4.294   1.198   -10.614 1.00 35.67 ? 28  GLN A O   1 
ATOM   208  C CB  . GLN A 1 28  ? 1.855   2.818   -12.100 1.00 40.03 ? 28  GLN A CB  1 
ATOM   209  C CG  . GLN A 1 28  ? 0.507   2.110   -11.953 1.00 45.38 ? 28  GLN A CG  1 
ATOM   210  C CD  . GLN A 1 28  ? -0.622  3.034   -11.514 1.00 48.03 ? 28  GLN A CD  1 
ATOM   211  O OE1 . GLN A 1 28  ? -0.563  4.248   -11.717 1.00 50.90 ? 28  GLN A OE1 1 
ATOM   212  N NE2 . GLN A 1 28  ? -1.676  2.454   -10.928 1.00 48.89 ? 28  GLN A NE2 1 
ATOM   213  N N   . ALA A 1 29  ? 4.980   3.122   -11.571 1.00 34.90 ? 29  ALA A N   1 
ATOM   214  C CA  . ALA A 1 29  ? 6.331   2.645   -11.844 1.00 33.29 ? 29  ALA A CA  1 
ATOM   215  C C   . ALA A 1 29  ? 7.222   2.531   -10.624 1.00 32.30 ? 29  ALA A C   1 
ATOM   216  O O   . ALA A 1 29  ? 8.172   1.746   -10.622 1.00 32.09 ? 29  ALA A O   1 
ATOM   217  C CB  . ALA A 1 29  ? 7.004   3.518   -12.902 1.00 33.37 ? 29  ALA A CB  1 
ATOM   218  N N   . HIS A 1 30  ? 6.990   3.381   -9.626  1.00 30.93 ? 30  HIS A N   1 
ATOM   219  C CA  . HIS A 1 30  ? 7.793   3.330   -8.411  1.00 28.06 ? 30  HIS A CA  1 
ATOM   220  C C   . HIS A 1 30  ? 7.301   2.137   -7.601  1.00 25.74 ? 30  HIS A C   1 
ATOM   221  O O   . HIS A 1 30  ? 8.090   1.425   -6.992  1.00 26.58 ? 30  HIS A O   1 
ATOM   222  C CB  . HIS A 1 30  ? 7.651   4.621   -7.604  1.00 28.96 ? 30  HIS A CB  1 
ATOM   223  C CG  . HIS A 1 30  ? 8.326   4.567   -6.272  1.00 28.35 ? 30  HIS A CG  1 
ATOM   224  N ND1 . HIS A 1 30  ? 7.630   4.629   -5.081  1.00 28.70 ? 30  HIS A ND1 1 
ATOM   225  C CD2 . HIS A 1 30  ? 9.623   4.362   -5.938  1.00 30.20 ? 30  HIS A CD2 1 
ATOM   226  C CE1 . HIS A 1 30  ? 8.468   4.454   -4.077  1.00 29.87 ? 30  HIS A CE1 1 
ATOM   227  N NE2 . HIS A 1 30  ? 9.684   4.290   -4.568  1.00 30.97 ? 30  HIS A NE2 1 
ATOM   228  N N   . PHE A 1 31  ? 5.988   1.930   -7.618  1.00 25.23 ? 31  PHE A N   1 
ATOM   229  C CA  . PHE A 1 31  ? 5.346   0.816   -6.925  1.00 24.25 ? 31  PHE A CA  1 
ATOM   230  C C   . PHE A 1 31  ? 5.915   -0.477  -7.509  1.00 25.54 ? 31  PHE A C   1 
ATOM   231  O O   . PHE A 1 31  ? 6.354   -1.377  -6.791  1.00 24.03 ? 31  PHE A O   1 
ATOM   232  C CB  . PHE A 1 31  ? 3.826   0.873   -7.175  1.00 22.78 ? 31  PHE A CB  1 
ATOM   233  C CG  . PHE A 1 31  ? 3.061   -0.320  -6.638  1.00 21.90 ? 31  PHE A CG  1 
ATOM   234  C CD1 . PHE A 1 31  ? 2.602   -0.344  -5.308  1.00 20.50 ? 31  PHE A CD1 1 
ATOM   235  C CD2 . PHE A 1 31  ? 2.795   -1.420  -7.458  1.00 20.69 ? 31  PHE A CD2 1 
ATOM   236  C CE1 . PHE A 1 31  ? 1.898   -1.439  -4.806  1.00 15.62 ? 31  PHE A CE1 1 
ATOM   237  C CE2 . PHE A 1 31  ? 2.093   -2.516  -6.967  1.00 20.88 ? 31  PHE A CE2 1 
ATOM   238  C CZ  . PHE A 1 31  ? 1.642   -2.519  -5.626  1.00 18.62 ? 31  PHE A CZ  1 
ATOM   239  N N   . ARG A 1 32  ? 5.891   -0.550  -8.834  1.00 26.79 ? 32  ARG A N   1 
ATOM   240  C CA  . ARG A 1 32  ? 6.375   -1.709  -9.561  1.00 30.05 ? 32  ARG A CA  1 
ATOM   241  C C   . ARG A 1 32  ? 7.843   -1.982  -9.244  1.00 30.51 ? 32  ARG A C   1 
ATOM   242  O O   . ARG A 1 32  ? 8.225   -3.121  -8.978  1.00 31.79 ? 32  ARG A O   1 
ATOM   243  C CB  . ARG A 1 32  ? 6.165   -1.485  -11.061 1.00 34.58 ? 32  ARG A CB  1 
ATOM   244  C CG  . ARG A 1 32  ? 6.327   -2.717  -11.902 1.00 39.61 ? 32  ARG A CG  1 
ATOM   245  C CD  . ARG A 1 32  ? 6.031   -2.453  -13.368 1.00 43.99 ? 32  ARG A CD  1 
ATOM   246  N NE  . ARG A 1 32  ? 6.075   -3.709  -14.119 1.00 48.16 ? 32  ARG A NE  1 
ATOM   247  C CZ  . ARG A 1 32  ? 7.190   -4.369  -14.453 1.00 50.14 ? 32  ARG A CZ  1 
ATOM   248  N NH1 . ARG A 1 32  ? 8.399   -3.905  -14.118 1.00 49.66 ? 32  ARG A NH1 1 
ATOM   249  N NH2 . ARG A 1 32  ? 7.094   -5.530  -15.090 1.00 50.18 ? 32  ARG A NH2 1 
ATOM   250  N N   . GLU A 1 33  ? 8.657   -0.930  -9.224  1.00 30.45 ? 33  GLU A N   1 
ATOM   251  C CA  . GLU A 1 33  ? 10.077  -1.060  -8.926  1.00 30.51 ? 33  GLU A CA  1 
ATOM   252  C C   . GLU A 1 33  ? 10.353  -1.560  -7.498  1.00 28.92 ? 33  GLU A C   1 
ATOM   253  O O   . GLU A 1 33  ? 11.255  -2.364  -7.280  1.00 28.36 ? 33  GLU A O   1 
ATOM   254  C CB  . GLU A 1 33  ? 10.790  0.267   -9.205  1.00 33.56 ? 33  GLU A CB  1 
ATOM   255  C CG  . GLU A 1 33  ? 11.917  0.625   -8.235  1.00 43.21 ? 33  GLU A CG  1 
ATOM   256  C CD  . GLU A 1 33  ? 13.217  -0.161  -8.442  1.00 49.40 ? 33  GLU A CD  1 
ATOM   257  O OE1 . GLU A 1 33  ? 14.288  0.394   -8.093  1.00 53.29 ? 33  GLU A OE1 1 
ATOM   258  O OE2 . GLU A 1 33  ? 13.190  -1.318  -8.939  1.00 52.49 ? 33  GLU A OE2 1 
ATOM   259  N N   . ILE A 1 34  ? 9.596   -1.077  -6.521  1.00 26.64 ? 34  ILE A N   1 
ATOM   260  C CA  . ILE A 1 34  ? 9.806   -1.510  -5.141  1.00 23.93 ? 34  ILE A CA  1 
ATOM   261  C C   . ILE A 1 34  ? 9.359   -2.966  -4.920  1.00 23.23 ? 34  ILE A C   1 
ATOM   262  O O   . ILE A 1 34  ? 10.120  -3.804  -4.419  1.00 22.95 ? 34  ILE A O   1 
ATOM   263  C CB  . ILE A 1 34  ? 9.034   -0.579  -4.185  1.00 22.71 ? 34  ILE A CB  1 
ATOM   264  C CG1 . ILE A 1 34  ? 9.709   0.795   -4.133  1.00 22.77 ? 34  ILE A CG1 1 
ATOM   265  C CG2 . ILE A 1 34  ? 8.878   -1.201  -2.817  1.00 19.66 ? 34  ILE A CG2 1 
ATOM   266  C CD1 . ILE A 1 34  ? 11.073  0.773   -3.504  1.00 24.30 ? 34  ILE A CD1 1 
ATOM   267  N N   . THR A 1 35  ? 8.152   -3.264  -5.393  1.00 22.04 ? 35  THR A N   1 
ATOM   268  C CA  . THR A 1 35  ? 7.509   -4.565  -5.213  1.00 19.71 ? 35  THR A CA  1 
ATOM   269  C C   . THR A 1 35  ? 7.876   -5.720  -6.133  1.00 21.17 ? 35  THR A C   1 
ATOM   270  O O   . THR A 1 35  ? 7.732   -6.862  -5.736  1.00 21.67 ? 35  THR A O   1 
ATOM   271  C CB  . THR A 1 35  ? 5.972   -4.396  -5.242  1.00 19.85 ? 35  THR A CB  1 
ATOM   272  O OG1 . THR A 1 35  ? 5.569   -3.955  -6.543  1.00 19.14 ? 35  THR A OG1 1 
ATOM   273  C CG2 . THR A 1 35  ? 5.511   -3.350  -4.208  1.00 15.77 ? 35  THR A CG2 1 
ATOM   274  N N   . MET A 1 36  ? 8.346   -5.441  -7.351  1.00 22.21 ? 36  MET A N   1 
ATOM   275  C CA  . MET A 1 36  ? 8.672   -6.503  -8.310  1.00 22.54 ? 36  MET A CA  1 
ATOM   276  C C   . MET A 1 36  ? 9.592   -7.614  -7.804  1.00 22.23 ? 36  MET A C   1 
ATOM   277  O O   . MET A 1 36  ? 10.634  -7.350  -7.201  1.00 21.69 ? 36  MET A O   1 
ATOM   278  C CB  . MET A 1 36  ? 9.232   -5.908  -9.605  1.00 24.79 ? 36  MET A CB  1 
ATOM   279  C CG  . MET A 1 36  ? 9.303   -6.903  -10.764 1.00 25.69 ? 36  MET A CG  1 
ATOM   280  S SD  . MET A 1 36  ? 7.721   -7.697  -11.182 1.00 32.21 ? 36  MET A SD  1 
ATOM   281  C CE  . MET A 1 36  ? 6.788   -6.363  -11.710 1.00 27.02 ? 36  MET A CE  1 
ATOM   282  N N   . GLY A 1 37  ? 9.178   -8.859  -8.053  1.00 22.61 ? 37  GLY A N   1 
ATOM   283  C CA  . GLY A 1 37  ? 9.942   -10.029 -7.641  1.00 22.85 ? 37  GLY A CA  1 
ATOM   284  C C   . GLY A 1 37  ? 9.830   -10.406 -6.166  1.00 23.51 ? 37  GLY A C   1 
ATOM   285  O O   . GLY A 1 37  ? 10.532  -11.299 -5.690  1.00 23.24 ? 37  GLY A O   1 
ATOM   286  N N   . HIS A 1 38  ? 8.946   -9.734  -5.434  1.00 22.02 ? 38  HIS A N   1 
ATOM   287  C CA  . HIS A 1 38  ? 8.775   -10.023 -4.018  1.00 21.52 ? 38  HIS A CA  1 
ATOM   288  C C   . HIS A 1 38  ? 7.371   -10.514 -3.724  1.00 18.33 ? 38  HIS A C   1 
ATOM   289  O O   . HIS A 1 38  ? 6.536   -10.655 -4.617  1.00 17.21 ? 38  HIS A O   1 
ATOM   290  C CB  . HIS A 1 38  ? 9.055   -8.762  -3.187  1.00 24.02 ? 38  HIS A CB  1 
ATOM   291  C CG  . HIS A 1 38  ? 10.428  -8.209  -3.379  1.00 28.06 ? 38  HIS A CG  1 
ATOM   292  N ND1 . HIS A 1 38  ? 11.556  -9.003  -3.394  1.00 30.93 ? 38  HIS A ND1 1 
ATOM   293  C CD2 . HIS A 1 38  ? 10.860  -6.943  -3.591  1.00 29.29 ? 38  HIS A CD2 1 
ATOM   294  C CE1 . HIS A 1 38  ? 12.622  -8.254  -3.610  1.00 29.92 ? 38  HIS A CE1 1 
ATOM   295  N NE2 . HIS A 1 38  ? 12.229  -7.001  -3.732  1.00 32.00 ? 38  HIS A NE2 1 
ATOM   296  N N   . THR A 1 39  ? 7.153   -10.855 -2.465  1.00 16.10 ? 39  THR A N   1 
ATOM   297  C CA  . THR A 1 39  ? 5.843   -11.276 -2.006  1.00 15.58 ? 39  THR A CA  1 
ATOM   298  C C   . THR A 1 39  ? 5.103   -9.998  -1.616  1.00 15.64 ? 39  THR A C   1 
ATOM   299  O O   . THR A 1 39  ? 5.680   -9.106  -0.974  1.00 13.66 ? 39  THR A O   1 
ATOM   300  C CB  . THR A 1 39  ? 5.945   -12.184 -0.756  1.00 15.79 ? 39  THR A CB  1 
ATOM   301  O OG1 . THR A 1 39  ? 6.525   -13.433 -1.133  1.00 15.87 ? 39  THR A OG1 1 
ATOM   302  C CG2 . THR A 1 39  ? 4.576   -12.465 -0.174  1.00 13.54 ? 39  THR A CG2 1 
ATOM   303  N N   . ILE A 1 40  ? 3.874   -9.868  -2.096  1.00 15.23 ? 40  ILE A N   1 
ATOM   304  C CA  . ILE A 1 40  ? 3.064   -8.723  -1.745  1.00 16.35 ? 40  ILE A CA  1 
ATOM   305  C C   . ILE A 1 40  ? 1.844   -9.233  -0.979  1.00 17.37 ? 40  ILE A C   1 
ATOM   306  O O   . ILE A 1 40  ? 1.256   -10.272 -1.328  1.00 17.62 ? 40  ILE A O   1 
ATOM   307  C CB  . ILE A 1 40  ? 2.652   -7.884  -2.967  1.00 16.93 ? 40  ILE A CB  1 
ATOM   308  C CG1 . ILE A 1 40  ? 1.801   -8.703  -3.942  1.00 14.80 ? 40  ILE A CG1 1 
ATOM   309  C CG2 . ILE A 1 40  ? 3.903   -7.303  -3.622  1.00 18.01 ? 40  ILE A CG2 1 
ATOM   310  C CD1 . ILE A 1 40  ? 1.370   -7.945  -5.133  1.00 12.20 ? 40  ILE A CD1 1 
ATOM   311  N N   . VAL A 1 41  ? 1.527   -8.514  0.097   1.00 15.47 ? 41  VAL A N   1 
ATOM   312  C CA  . VAL A 1 41  ? 0.423   -8.819  0.997   1.00 14.50 ? 41  VAL A CA  1 
ATOM   313  C C   . VAL A 1 41  ? -0.616  -7.686  0.966   1.00 14.35 ? 41  VAL A C   1 
ATOM   314  O O   . VAL A 1 41  ? -0.281  -6.504  1.013   1.00 13.04 ? 41  VAL A O   1 
ATOM   315  C CB  . VAL A 1 41  ? 0.983   -9.032  2.430   1.00 14.73 ? 41  VAL A CB  1 
ATOM   316  C CG1 . VAL A 1 41  ? -0.143  -9.161  3.463   1.00 14.47 ? 41  VAL A CG1 1 
ATOM   317  C CG2 . VAL A 1 41  ? 1.910   -10.256 2.422   1.00 13.06 ? 41  VAL A CG2 1 
ATOM   318  N N   . MET A 1 42  ? -1.882  -8.058  0.852   1.00 14.30 ? 42  MET A N   1 
ATOM   319  C CA  . MET A 1 42  ? -2.938  -7.070  0.791   1.00 15.68 ? 42  MET A CA  1 
ATOM   320  C C   . MET A 1 42  ? -4.193  -7.601  1.460   1.00 17.31 ? 42  MET A C   1 
ATOM   321  O O   . MET A 1 42  ? -4.349  -8.815  1.621   1.00 16.92 ? 42  MET A O   1 
ATOM   322  C CB  . MET A 1 42  ? -3.253  -6.753  -0.677  1.00 15.70 ? 42  MET A CB  1 
ATOM   323  C CG  . MET A 1 42  ? -3.973  -7.882  -1.418  1.00 14.32 ? 42  MET A CG  1 
ATOM   324  S SD  . MET A 1 42  ? -3.944  -7.625  -3.177  1.00 17.51 ? 42  MET A SD  1 
ATOM   325  C CE  . MET A 1 42  ? -2.423  -8.536  -3.615  1.00 14.07 ? 42  MET A CE  1 
ATOM   326  N N   . GLY A 1 43  ? -5.070  -6.685  1.864   1.00 16.77 ? 43  GLY A N   1 
ATOM   327  C CA  . GLY A 1 43  ? -6.334  -7.084  2.450   1.00 16.37 ? 43  GLY A CA  1 
ATOM   328  C C   . GLY A 1 43  ? -7.314  -7.425  1.338   1.00 16.06 ? 43  GLY A C   1 
ATOM   329  O O   . GLY A 1 43  ? -7.167  -6.980  0.199   1.00 13.32 ? 43  GLY A O   1 
ATOM   330  N N   . ARG A 1 44  ? -8.322  -8.220  1.668   1.00 15.85 ? 44  ARG A N   1 
ATOM   331  C CA  . ARG A 1 44  ? -9.308  -8.639  0.688   1.00 18.33 ? 44  ARG A CA  1 
ATOM   332  C C   . ARG A 1 44  ? -9.936  -7.503  -0.173  1.00 18.98 ? 44  ARG A C   1 
ATOM   333  O O   . ARG A 1 44  ? -10.194 -7.671  -1.382  1.00 17.59 ? 44  ARG A O   1 
ATOM   334  C CB  . ARG A 1 44  ? -10.365 -9.482  1.399   1.00 17.97 ? 44  ARG A CB  1 
ATOM   335  C CG  . ARG A 1 44  ? -11.225 -10.289 0.466   1.00 21.84 ? 44  ARG A CG  1 
ATOM   336  C CD  . ARG A 1 44  ? -12.483 -9.543  0.075   1.00 23.07 ? 44  ARG A CD  1 
ATOM   337  N NE  . ARG A 1 44  ? -13.280 -9.175  1.248   1.00 27.50 ? 44  ARG A NE  1 
ATOM   338  C CZ  . ARG A 1 44  ? -14.251 -8.262  1.237   1.00 27.90 ? 44  ARG A CZ  1 
ATOM   339  N NH1 . ARG A 1 44  ? -14.550 -7.623  0.109   1.00 27.86 ? 44  ARG A NH1 1 
ATOM   340  N NH2 . ARG A 1 44  ? -14.910 -7.976  2.353   1.00 27.77 ? 44  ARG A NH2 1 
ATOM   341  N N   . ARG A 1 45  ? -10.196 -6.348  0.435   1.00 19.57 ? 45  ARG A N   1 
ATOM   342  C CA  . ARG A 1 45  ? -10.783 -5.251  -0.330  1.00 19.68 ? 45  ARG A CA  1 
ATOM   343  C C   . ARG A 1 45  ? -9.805  -4.676  -1.337  1.00 20.44 ? 45  ARG A C   1 
ATOM   344  O O   . ARG A 1 45  ? -10.222 -4.219  -2.400  1.00 22.07 ? 45  ARG A O   1 
ATOM   345  C CB  . ARG A 1 45  ? -11.289 -4.134  0.566   1.00 19.45 ? 45  ARG A CB  1 
ATOM   346  C CG  . ARG A 1 45  ? -12.438 -4.510  1.456   1.00 22.33 ? 45  ARG A CG  1 
ATOM   347  C CD  . ARG A 1 45  ? -12.847 -3.271  2.203   1.00 26.24 ? 45  ARG A CD  1 
ATOM   348  N NE  . ARG A 1 45  ? -14.011 -3.489  3.036   1.00 30.05 ? 45  ARG A NE  1 
ATOM   349  C CZ  . ARG A 1 45  ? -14.234 -2.852  4.176   1.00 32.30 ? 45  ARG A CZ  1 
ATOM   350  N NH1 . ARG A 1 45  ? -13.369 -1.949  4.623   1.00 33.26 ? 45  ARG A NH1 1 
ATOM   351  N NH2 . ARG A 1 45  ? -15.310 -3.143  4.892   1.00 35.88 ? 45  ARG A NH2 1 
ATOM   352  N N   . THR A 1 46  ? -8.516  -4.671  -1.003  1.00 19.45 ? 46  THR A N   1 
ATOM   353  C CA  . THR A 1 46  ? -7.517  -4.147  -1.932  1.00 19.64 ? 46  THR A CA  1 
ATOM   354  C C   . THR A 1 46  ? -7.458  -5.059  -3.148  1.00 19.38 ? 46  THR A C   1 
ATOM   355  O O   . THR A 1 46  ? -7.365  -4.590  -4.276  1.00 19.50 ? 46  THR A O   1 
ATOM   356  C CB  . THR A 1 46  ? -6.136  -4.010  -1.267  1.00 19.99 ? 46  THR A CB  1 
ATOM   357  O OG1 . THR A 1 46  ? -6.229  -3.031  -0.233  1.00 17.34 ? 46  THR A OG1 1 
ATOM   358  C CG2 . THR A 1 46  ? -5.079  -3.563  -2.271  1.00 17.29 ? 46  THR A CG2 1 
ATOM   359  N N   . TRP A 1 47  ? -7.577  -6.357  -2.902  1.00 21.37 ? 47  TRP A N   1 
ATOM   360  C CA  . TRP A 1 47  ? -7.569  -7.346  -3.967  1.00 23.73 ? 47  TRP A CA  1 
ATOM   361  C C   . TRP A 1 47  ? -8.734  -7.051  -4.897  1.00 23.88 ? 47  TRP A C   1 
ATOM   362  O O   . TRP A 1 47  ? -8.543  -6.900  -6.094  1.00 24.92 ? 47  TRP A O   1 
ATOM   363  C CB  . TRP A 1 47  ? -7.694  -8.756  -3.380  1.00 25.68 ? 47  TRP A CB  1 
ATOM   364  C CG  . TRP A 1 47  ? -7.994  -9.816  -4.400  1.00 26.92 ? 47  TRP A CG  1 
ATOM   365  C CD1 . TRP A 1 47  ? -9.227  -10.319 -4.715  1.00 28.79 ? 47  TRP A CD1 1 
ATOM   366  C CD2 . TRP A 1 47  ? -7.059  -10.478 -5.262  1.00 25.72 ? 47  TRP A CD2 1 
ATOM   367  N NE1 . TRP A 1 47  ? -9.113  -11.246 -5.728  1.00 27.95 ? 47  TRP A NE1 1 
ATOM   368  C CE2 . TRP A 1 47  ? -7.797  -11.365 -6.080  1.00 26.19 ? 47  TRP A CE2 1 
ATOM   369  C CE3 . TRP A 1 47  ? -5.671  -10.406 -5.432  1.00 24.72 ? 47  TRP A CE3 1 
ATOM   370  C CZ2 . TRP A 1 47  ? -7.191  -12.172 -7.048  1.00 25.05 ? 47  TRP A CZ2 1 
ATOM   371  C CZ3 . TRP A 1 47  ? -5.071  -11.207 -6.402  1.00 22.21 ? 47  TRP A CZ3 1 
ATOM   372  C CH2 . TRP A 1 47  ? -5.830  -12.075 -7.191  1.00 23.71 ? 47  TRP A CH2 1 
ATOM   373  N N   . ASP A 1 48  ? -9.931  -6.921  -4.337  1.00 25.86 ? 48  ASP A N   1 
ATOM   374  C CA  . ASP A 1 48  ? -11.131 -6.621  -5.140  1.00 27.69 ? 48  ASP A CA  1 
ATOM   375  C C   . ASP A 1 48  ? -11.006 -5.318  -5.912  1.00 27.89 ? 48  ASP A C   1 
ATOM   376  O O   . ASP A 1 48  ? -11.571 -5.191  -6.987  1.00 30.11 ? 48  ASP A O   1 
ATOM   377  C CB  . ASP A 1 48  ? -12.393 -6.528  -4.268  1.00 27.67 ? 48  ASP A CB  1 
ATOM   378  C CG  . ASP A 1 48  ? -12.792 -7.855  -3.652  1.00 29.12 ? 48  ASP A CG  1 
ATOM   379  O OD1 . ASP A 1 48  ? -13.410 -7.813  -2.567  1.00 31.16 ? 48  ASP A OD1 1 
ATOM   380  O OD2 . ASP A 1 48  ? -12.500 -8.930  -4.234  1.00 29.67 ? 48  ASP A OD2 1 
ATOM   381  N N   . SER A 1 49  ? -10.286 -4.346  -5.361  1.00 27.50 ? 49  SER A N   1 
ATOM   382  C CA  . SER A 1 49  ? -10.144 -3.059  -6.034  1.00 28.67 ? 49  SER A CA  1 
ATOM   383  C C   . SER A 1 49  ? -9.113  -3.101  -7.155  1.00 28.90 ? 49  SER A C   1 
ATOM   384  O O   . SER A 1 49  ? -9.007  -2.164  -7.947  1.00 28.45 ? 49  SER A O   1 
ATOM   385  C CB  . SER A 1 49  ? -9.829  -1.925  -5.037  1.00 27.29 ? 49  SER A CB  1 
ATOM   386  O OG  . SER A 1 49  ? -8.490  -1.959  -4.581  1.00 31.20 ? 49  SER A OG  1 
ATOM   387  N N   . LEU A 1 50  ? -8.324  -4.166  -7.217  1.00 29.09 ? 50  LEU A N   1 
ATOM   388  C CA  . LEU A 1 50  ? -7.336  -4.272  -8.291  1.00 29.68 ? 50  LEU A CA  1 
ATOM   389  C C   . LEU A 1 50  ? -8.088  -4.532  -9.605  1.00 32.27 ? 50  LEU A C   1 
ATOM   390  O O   . LEU A 1 50  ? -9.011  -5.351  -9.644  1.00 32.51 ? 50  LEU A O   1 
ATOM   391  C CB  . LEU A 1 50  ? -6.374  -5.429  -8.030  1.00 25.34 ? 50  LEU A CB  1 
ATOM   392  C CG  . LEU A 1 50  ? -5.337  -5.328  -6.925  1.00 22.46 ? 50  LEU A CG  1 
ATOM   393  C CD1 . LEU A 1 50  ? -4.615  -6.653  -6.857  1.00 21.15 ? 50  LEU A CD1 1 
ATOM   394  C CD2 . LEU A 1 50  ? -4.352  -4.187  -7.196  1.00 21.97 ? 50  LEU A CD2 1 
ATOM   395  N N   . PRO A 1 51  ? -7.751  -3.794  -10.680 1.00 34.35 ? 51  PRO A N   1 
ATOM   396  C CA  . PRO A 1 51  ? -8.449  -4.032  -11.951 1.00 35.19 ? 51  PRO A CA  1 
ATOM   397  C C   . PRO A 1 51  ? -8.193  -5.489  -12.381 1.00 35.94 ? 51  PRO A C   1 
ATOM   398  O O   . PRO A 1 51  ? -7.130  -6.041  -12.089 1.00 35.17 ? 51  PRO A O   1 
ATOM   399  C CB  . PRO A 1 51  ? -7.759  -3.050  -12.898 1.00 35.20 ? 51  PRO A CB  1 
ATOM   400  C CG  . PRO A 1 51  ? -7.338  -1.934  -11.978 1.00 35.95 ? 51  PRO A CG  1 
ATOM   401  C CD  . PRO A 1 51  ? -6.765  -2.708  -10.817 1.00 34.06 ? 51  PRO A CD  1 
ATOM   402  N N   . ALA A 1 52  ? -9.171  -6.109  -13.044 1.00 35.73 ? 52  ALA A N   1 
ATOM   403  C CA  . ALA A 1 52  ? -9.057  -7.499  -13.505 1.00 34.02 ? 52  ALA A CA  1 
ATOM   404  C C   . ALA A 1 52  ? -7.828  -7.830  -14.369 1.00 34.26 ? 52  ALA A C   1 
ATOM   405  O O   . ALA A 1 52  ? -7.349  -8.968  -14.363 1.00 32.87 ? 52  ALA A O   1 
ATOM   406  C CB  . ALA A 1 52  ? -10.321 -7.894  -14.241 1.00 34.90 ? 52  ALA A CB  1 
ATOM   407  N N   . LYS A 1 53  ? -7.318  -6.837  -15.102 1.00 35.54 ? 53  LYS A N   1 
ATOM   408  C CA  . LYS A 1 53  ? -6.168  -7.033  -15.973 1.00 36.24 ? 53  LYS A CA  1 
ATOM   409  C C   . LYS A 1 53  ? -4.857  -7.156  -15.239 1.00 35.47 ? 53  LYS A C   1 
ATOM   410  O O   . LYS A 1 53  ? -3.896  -7.673  -15.794 1.00 35.83 ? 53  LYS A O   1 
ATOM   411  C CB  . LYS A 1 53  ? -6.083  -5.935  -17.041 1.00 39.48 ? 53  LYS A CB  1 
ATOM   412  C CG  . LYS A 1 53  ? -5.948  -4.517  -16.515 1.00 44.34 ? 53  LYS A CG  1 
ATOM   413  C CD  . LYS A 1 53  ? -6.060  -3.480  -17.642 1.00 49.18 ? 53  LYS A CD  1 
ATOM   414  C CE  . LYS A 1 53  ? -5.878  -2.038  -17.121 1.00 51.45 ? 53  LYS A CE  1 
ATOM   415  N NZ  . LYS A 1 53  ? -6.841  -1.657  -16.026 1.00 53.05 ? 53  LYS A NZ  1 
ATOM   416  N N   . VAL A 1 54  ? -4.800  -6.658  -14.005 1.00 35.28 ? 54  VAL A N   1 
ATOM   417  C CA  . VAL A 1 54  ? -3.573  -6.757  -13.201 1.00 34.26 ? 54  VAL A CA  1 
ATOM   418  C C   . VAL A 1 54  ? -3.833  -7.466  -11.880 1.00 33.66 ? 54  VAL A C   1 
ATOM   419  O O   . VAL A 1 54  ? -3.144  -7.247  -10.892 1.00 35.14 ? 54  VAL A O   1 
ATOM   420  C CB  . VAL A 1 54  ? -2.939  -5.380  -12.936 1.00 34.76 ? 54  VAL A CB  1 
ATOM   421  C CG1 . VAL A 1 54  ? -2.255  -4.874  -14.192 1.00 36.75 ? 54  VAL A CG1 1 
ATOM   422  C CG2 . VAL A 1 54  ? -3.998  -4.383  -12.481 1.00 36.00 ? 54  VAL A CG2 1 
ATOM   423  N N   . ARG A 1 55  ? -4.845  -8.316  -11.867 1.00 32.33 ? 55  ARG A N   1 
ATOM   424  C CA  . ARG A 1 55  ? -5.203  -9.069  -10.683 1.00 31.50 ? 55  ARG A CA  1 
ATOM   425  C C   . ARG A 1 55  ? -5.059  -10.545 -11.045 1.00 31.40 ? 55  ARG A C   1 
ATOM   426  O O   . ARG A 1 55  ? -5.872  -11.077 -11.802 1.00 32.92 ? 55  ARG A O   1 
ATOM   427  C CB  . ARG A 1 55  ? -6.649  -8.768  -10.293 1.00 29.85 ? 55  ARG A CB  1 
ATOM   428  C CG  . ARG A 1 55  ? -7.008  -9.289  -8.943  1.00 32.99 ? 55  ARG A CG  1 
ATOM   429  C CD  . ARG A 1 55  ? -8.332  -8.780  -8.449  1.00 35.34 ? 55  ARG A CD  1 
ATOM   430  N NE  . ARG A 1 55  ? -9.458  -9.495  -9.029  1.00 40.41 ? 55  ARG A NE  1 
ATOM   431  C CZ  . ARG A 1 55  ? -10.359 -8.948  -9.842  1.00 42.17 ? 55  ARG A CZ  1 
ATOM   432  N NH1 . ARG A 1 55  ? -10.275 -7.667  -10.186 1.00 40.26 ? 55  ARG A NH1 1 
ATOM   433  N NH2 . ARG A 1 55  ? -11.347 -9.692  -10.318 1.00 43.76 ? 55  ARG A NH2 1 
ATOM   434  N N   . PRO A 1 56  ? -4.027  -11.232 -10.515 1.00 30.42 ? 56  PRO A N   1 
ATOM   435  C CA  . PRO A 1 56  ? -2.960  -10.792 -9.608  1.00 29.47 ? 56  PRO A CA  1 
ATOM   436  C C   . PRO A 1 56  ? -1.898  -9.954  -10.291 1.00 28.27 ? 56  PRO A C   1 
ATOM   437  O O   . PRO A 1 56  ? -1.740  -10.020 -11.510 1.00 29.39 ? 56  PRO A O   1 
ATOM   438  C CB  . PRO A 1 56  ? -2.345  -12.108 -9.160  1.00 30.33 ? 56  PRO A CB  1 
ATOM   439  C CG  . PRO A 1 56  ? -2.435  -12.936 -10.427 1.00 30.04 ? 56  PRO A CG  1 
ATOM   440  C CD  . PRO A 1 56  ? -3.864  -12.663 -10.845 1.00 30.63 ? 56  PRO A CD  1 
ATOM   441  N N   . LEU A 1 57  ? -1.166  -9.176  -9.499  1.00 26.63 ? 57  LEU A N   1 
ATOM   442  C CA  . LEU A 1 57  ? -0.089  -8.339  -10.026 1.00 25.77 ? 57  LEU A CA  1 
ATOM   443  C C   . LEU A 1 57  ? 1.024   -9.275  -10.499 1.00 26.21 ? 57  LEU A C   1 
ATOM   444  O O   . LEU A 1 57  ? 1.572   -10.046 -9.700  1.00 24.72 ? 57  LEU A O   1 
ATOM   445  C CB  . LEU A 1 57  ? 0.437   -7.385  -8.945  1.00 24.72 ? 57  LEU A CB  1 
ATOM   446  C CG  . LEU A 1 57  ? -0.588  -6.350  -8.470  1.00 24.95 ? 57  LEU A CG  1 
ATOM   447  C CD1 . LEU A 1 57  ? -0.054  -5.593  -7.286  1.00 24.94 ? 57  LEU A CD1 1 
ATOM   448  C CD2 . LEU A 1 57  ? -0.902  -5.390  -9.596  1.00 26.19 ? 57  LEU A CD2 1 
ATOM   449  N N   . PRO A 1 58  ? 1.381   -9.206  -11.802 1.00 26.96 ? 58  PRO A N   1 
ATOM   450  C CA  . PRO A 1 58  ? 2.423   -10.038 -12.423 1.00 25.49 ? 58  PRO A CA  1 
ATOM   451  C C   . PRO A 1 58  ? 3.785   -9.901  -11.780 1.00 23.97 ? 58  PRO A C   1 
ATOM   452  O O   . PRO A 1 58  ? 4.150   -8.823  -11.316 1.00 24.59 ? 58  PRO A O   1 
ATOM   453  C CB  . PRO A 1 58  ? 2.485   -9.501  -13.859 1.00 27.38 ? 58  PRO A CB  1 
ATOM   454  C CG  . PRO A 1 58  ? 1.135   -8.888  -14.081 1.00 28.96 ? 58  PRO A CG  1 
ATOM   455  C CD  . PRO A 1 58  ? 0.868   -8.215  -12.769 1.00 27.24 ? 58  PRO A CD  1 
ATOM   456  N N   . GLY A 1 59  ? 4.531   -11.002 -11.764 1.00 22.26 ? 59  GLY A N   1 
ATOM   457  C CA  . GLY A 1 59  ? 5.881   -10.983 -11.240 1.00 20.08 ? 59  GLY A CA  1 
ATOM   458  C C   . GLY A 1 59  ? 6.021   -10.874 -9.742  1.00 19.53 ? 59  GLY A C   1 
ATOM   459  O O   . GLY A 1 59  ? 7.116   -10.587 -9.254  1.00 20.41 ? 59  GLY A O   1 
ATOM   460  N N   . ARG A 1 60  ? 4.929   -11.114 -9.023  1.00 18.57 ? 60  ARG A N   1 
ATOM   461  C CA  . ARG A 1 60  ? 4.929   -11.054 -7.561  1.00 18.72 ? 60  ARG A CA  1 
ATOM   462  C C   . ARG A 1 60  ? 4.060   -12.152 -6.961  1.00 18.00 ? 60  ARG A C   1 
ATOM   463  O O   . ARG A 1 60  ? 3.079   -12.576 -7.567  1.00 17.71 ? 60  ARG A O   1 
ATOM   464  C CB  . ARG A 1 60  ? 4.414   -9.686  -7.085  1.00 18.00 ? 60  ARG A CB  1 
ATOM   465  C CG  . ARG A 1 60  ? 5.447   -8.586  -7.191  1.00 19.64 ? 60  ARG A CG  1 
ATOM   466  C CD  . ARG A 1 60  ? 4.842   -7.234  -7.510  1.00 20.84 ? 60  ARG A CD  1 
ATOM   467  N NE  . ARG A 1 60  ? 4.246   -7.193  -8.847  1.00 21.58 ? 60  ARG A NE  1 
ATOM   468  C CZ  . ARG A 1 60  ? 3.839   -6.086  -9.460  1.00 19.89 ? 60  ARG A CZ  1 
ATOM   469  N NH1 . ARG A 1 60  ? 3.970   -4.903  -8.870  1.00 19.58 ? 60  ARG A NH1 1 
ATOM   470  N NH2 . ARG A 1 60  ? 3.249   -6.178  -10.646 1.00 20.40 ? 60  ARG A NH2 1 
ATOM   471  N N   . ARG A 1 61  ? 4.441   -12.640 -5.784  1.00 17.30 ? 61  ARG A N   1 
ATOM   472  C CA  . ARG A 1 61  ? 3.624   -13.647 -5.120  1.00 16.62 ? 61  ARG A CA  1 
ATOM   473  C C   . ARG A 1 61  ? 2.551   -12.871 -4.366  1.00 15.69 ? 61  ARG A C   1 
ATOM   474  O O   . ARG A 1 61  ? 2.859   -12.217 -3.376  1.00 15.08 ? 61  ARG A O   1 
ATOM   475  C CB  . ARG A 1 61  ? 4.449   -14.454 -4.125  1.00 15.77 ? 61  ARG A CB  1 
ATOM   476  C CG  . ARG A 1 61  ? 3.655   -15.577 -3.502  1.00 14.92 ? 61  ARG A CG  1 
ATOM   477  C CD  . ARG A 1 61  ? 4.484   -16.255 -2.466  1.00 18.45 ? 61  ARG A CD  1 
ATOM   478  N NE  . ARG A 1 61  ? 3.779   -17.365 -1.829  1.00 20.07 ? 61  ARG A NE  1 
ATOM   479  C CZ  . ARG A 1 61  ? 4.270   -18.073 -0.818  1.00 17.61 ? 61  ARG A CZ  1 
ATOM   480  N NH1 . ARG A 1 61  ? 5.465   -17.786 -0.332  1.00 14.87 ? 61  ARG A NH1 1 
ATOM   481  N NH2 . ARG A 1 61  ? 3.559   -19.055 -0.286  1.00 17.49 ? 61  ARG A NH2 1 
ATOM   482  N N   . ASN A 1 62  ? 1.316   -12.896 -4.874  1.00 17.13 ? 62  ASN A N   1 
ATOM   483  C CA  . ASN A 1 62  ? 0.190   -12.155 -4.267  1.00 17.64 ? 62  ASN A CA  1 
ATOM   484  C C   . ASN A 1 62  ? -0.423  -12.930 -3.108  1.00 18.55 ? 62  ASN A C   1 
ATOM   485  O O   . ASN A 1 62  ? -0.838  -14.088 -3.274  1.00 19.76 ? 62  ASN A O   1 
ATOM   486  C CB  . ASN A 1 62  ? -0.918  -11.869 -5.292  1.00 16.67 ? 62  ASN A CB  1 
ATOM   487  C CG  . ASN A 1 62  ? -0.489  -10.918 -6.399  1.00 18.01 ? 62  ASN A CG  1 
ATOM   488  O OD1 . ASN A 1 62  ? 0.593   -11.065 -6.975  1.00 19.02 ? 62  ASN A OD1 1 
ATOM   489  N ND2 . ASN A 1 62  ? -1.368  -9.985  -6.756  1.00 12.08 ? 62  ASN A ND2 1 
ATOM   490  N N   . VAL A 1 63  ? -0.498  -12.292 -1.946  1.00 16.79 ? 63  VAL A N   1 
ATOM   491  C CA  . VAL A 1 63  ? -1.053  -12.937 -0.757  1.00 15.99 ? 63  VAL A CA  1 
ATOM   492  C C   . VAL A 1 63  ? -2.183  -12.044 -0.312  1.00 17.57 ? 63  VAL A C   1 
ATOM   493  O O   . VAL A 1 63  ? -2.005  -10.827 -0.210  1.00 17.03 ? 63  VAL A O   1 
ATOM   494  C CB  . VAL A 1 63  ? -0.012  -13.028 0.360   1.00 14.42 ? 63  VAL A CB  1 
ATOM   495  C CG1 . VAL A 1 63  ? -0.609  -13.694 1.598   1.00 14.25 ? 63  VAL A CG1 1 
ATOM   496  C CG2 . VAL A 1 63  ? 1.214   -13.785 -0.141  1.00 13.15 ? 63  VAL A CG2 1 
ATOM   497  N N   . VAL A 1 64  ? -3.355  -12.642 -0.118  1.00 17.58 ? 64  VAL A N   1 
ATOM   498  C CA  . VAL A 1 64  ? -4.550  -11.905 0.281   1.00 18.94 ? 64  VAL A CA  1 
ATOM   499  C C   . VAL A 1 64  ? -5.085  -12.345 1.656   1.00 20.13 ? 64  VAL A C   1 
ATOM   500  O O   . VAL A 1 64  ? -5.323  -13.526 1.894   1.00 20.03 ? 64  VAL A O   1 
ATOM   501  C CB  . VAL A 1 64  ? -5.655  -12.059 -0.796  1.00 19.53 ? 64  VAL A CB  1 
ATOM   502  C CG1 . VAL A 1 64  ? -6.879  -11.174 -0.472  1.00 21.01 ? 64  VAL A CG1 1 
ATOM   503  C CG2 . VAL A 1 64  ? -5.094  -11.710 -2.182  1.00 19.38 ? 64  VAL A CG2 1 
ATOM   504  N N   . LEU A 1 65  ? -5.187  -11.390 2.575   1.00 21.43 ? 65  LEU A N   1 
ATOM   505  C CA  . LEU A 1 65  ? -5.703  -11.638 3.919   1.00 23.05 ? 65  LEU A CA  1 
ATOM   506  C C   . LEU A 1 65  ? -7.218  -11.551 3.879   1.00 24.91 ? 65  LEU A C   1 
ATOM   507  O O   . LEU A 1 65  ? -7.777  -10.543 3.412   1.00 24.31 ? 65  LEU A O   1 
ATOM   508  C CB  . LEU A 1 65  ? -5.213  -10.575 4.893   1.00 21.72 ? 65  LEU A CB  1 
ATOM   509  C CG  . LEU A 1 65  ? -4.294  -10.996 6.019   1.00 24.10 ? 65  LEU A CG  1 
ATOM   510  C CD1 . LEU A 1 65  ? -4.112  -9.826  6.963   1.00 25.47 ? 65  LEU A CD1 1 
ATOM   511  C CD2 . LEU A 1 65  ? -4.898  -12.133 6.779   1.00 24.51 ? 65  LEU A CD2 1 
ATOM   512  N N   . SER A 1 66  ? -7.875  -12.594 4.386   1.00 26.44 ? 66  SER A N   1 
ATOM   513  C CA  . SER A 1 66  ? -9.330  -12.637 4.449   1.00 28.52 ? 66  SER A CA  1 
ATOM   514  C C   . SER A 1 66  ? -9.798  -13.523 5.597   1.00 30.76 ? 66  SER A C   1 
ATOM   515  O O   . SER A 1 66  ? -9.116  -14.487 5.955   1.00 29.38 ? 66  SER A O   1 
ATOM   516  C CB  . SER A 1 66  ? -9.918  -13.148 3.141   1.00 27.60 ? 66  SER A CB  1 
ATOM   517  O OG  . SER A 1 66  ? -11.335 -13.151 3.213   1.00 29.16 ? 66  SER A OG  1 
ATOM   518  N N   . ARG A 1 67  ? -10.907 -13.135 6.233   1.00 32.92 ? 67  ARG A N   1 
ATOM   519  C CA  . ARG A 1 67  ? -11.485 -13.931 7.319   1.00 35.69 ? 67  ARG A CA  1 
ATOM   520  C C   . ARG A 1 67  ? -12.505 -14.956 6.786   1.00 38.02 ? 67  ARG A C   1 
ATOM   521  O O   . ARG A 1 67  ? -13.189 -15.603 7.576   1.00 37.74 ? 67  ARG A O   1 
ATOM   522  C CB  . ARG A 1 67  ? -12.143 -13.051 8.386   1.00 33.53 ? 67  ARG A CB  1 
ATOM   523  C CG  . ARG A 1 67  ? -11.162 -12.357 9.318   1.00 32.23 ? 67  ARG A CG  1 
ATOM   524  C CD  . ARG A 1 67  ? -11.843 -11.894 10.608  1.00 29.91 ? 67  ARG A CD  1 
ATOM   525  N NE  . ARG A 1 67  ? -11.032 -10.930 11.356  1.00 27.76 ? 67  ARG A NE  1 
ATOM   526  C CZ  . ARG A 1 67  ? -10.881 -9.649  11.009  1.00 27.19 ? 67  ARG A CZ  1 
ATOM   527  N NH1 . ARG A 1 67  ? -11.479 -9.169  9.920   1.00 25.83 ? 67  ARG A NH1 1 
ATOM   528  N NH2 . ARG A 1 67  ? -10.154 -8.836  11.761  1.00 25.78 ? 67  ARG A NH2 1 
ATOM   529  N N   . GLN A 1 68  ? -12.634 -15.049 5.452   1.00 39.70 ? 68  GLN A N   1 
ATOM   530  C CA  . GLN A 1 68  ? -13.538 -16.003 4.786   1.00 41.30 ? 68  GLN A CA  1 
ATOM   531  C C   . GLN A 1 68  ? -12.647 -17.149 4.345   1.00 43.50 ? 68  GLN A C   1 
ATOM   532  O O   . GLN A 1 68  ? -11.969 -17.039 3.316   1.00 43.57 ? 68  GLN A O   1 
ATOM   533  C CB  . GLN A 1 68  ? -14.165 -15.405 3.516   1.00 40.97 ? 68  GLN A CB  1 
ATOM   534  C CG  . GLN A 1 68  ? -14.982 -14.128 3.696   1.00 43.28 ? 68  GLN A CG  1 
ATOM   535  C CD  . GLN A 1 68  ? -15.413 -13.510 2.360   1.00 43.41 ? 68  GLN A CD  1 
ATOM   536  O OE1 . GLN A 1 68  ? -16.007 -14.185 1.505   1.00 44.84 ? 68  GLN A OE1 1 
ATOM   537  N NE2 . GLN A 1 68  ? -15.103 -12.225 2.176   1.00 37.91 ? 68  GLN A NE2 1 
ATOM   538  N N   . ALA A 1 69  ? -12.608 -18.230 5.125   1.00 46.41 ? 69  ALA A N   1 
ATOM   539  C CA  . ALA A 1 69  ? -11.769 -19.393 4.783   1.00 49.22 ? 69  ALA A CA  1 
ATOM   540  C C   . ALA A 1 69  ? -12.380 -20.191 3.627   1.00 50.20 ? 69  ALA A C   1 
ATOM   541  O O   . ALA A 1 69  ? -12.640 -21.384 3.739   1.00 52.40 ? 69  ALA A O   1 
ATOM   542  C CB  . ALA A 1 69  ? -11.570 -20.280 6.005   1.00 49.81 ? 69  ALA A CB  1 
ATOM   543  N N   . ASP A 1 70  ? -12.551 -19.521 2.494   1.00 51.95 ? 70  ASP A N   1 
ATOM   544  C CA  . ASP A 1 70  ? -13.170 -20.104 1.315   1.00 51.08 ? 70  ASP A CA  1 
ATOM   545  C C   . ASP A 1 70  ? -13.136 -19.041 0.228   1.00 50.42 ? 70  ASP A C   1 
ATOM   546  O O   . ASP A 1 70  ? -13.628 -19.274 -0.881  1.00 51.38 ? 70  ASP A O   1 
ATOM   547  C CB  . ASP A 1 70  ? -14.641 -20.422 1.631   1.00 52.78 ? 70  ASP A CB  1 
ATOM   548  C CG  . ASP A 1 70  ? -15.356 -19.253 2.344   1.00 54.33 ? 70  ASP A CG  1 
ATOM   549  O OD1 . ASP A 1 70  ? -15.477 -19.291 3.594   1.00 53.98 ? 70  ASP A OD1 1 
ATOM   550  O OD2 . ASP A 1 70  ? -15.768 -18.283 1.657   1.00 55.33 ? 70  ASP A OD2 1 
ATOM   551  N N   . PHE A 1 71  ? -12.627 -17.854 0.572   1.00 47.81 ? 71  PHE A N   1 
ATOM   552  C CA  . PHE A 1 71  ? -12.563 -16.751 -0.380  1.00 45.16 ? 71  PHE A CA  1 
ATOM   553  C C   . PHE A 1 71  ? -11.769 -17.170 -1.618  1.00 44.30 ? 71  PHE A C   1 
ATOM   554  O O   . PHE A 1 71  ? -10.731 -17.829 -1.506  1.00 44.15 ? 71  PHE A O   1 
ATOM   555  C CB  . PHE A 1 71  ? -11.966 -15.484 0.267   1.00 42.81 ? 71  PHE A CB  1 
ATOM   556  C CG  . PHE A 1 71  ? -11.892 -14.306 -0.676  1.00 39.59 ? 71  PHE A CG  1 
ATOM   557  C CD1 . PHE A 1 71  ? -13.050 -13.686 -1.122  1.00 38.28 ? 71  PHE A CD1 1 
ATOM   558  C CD2 . PHE A 1 71  ? -10.663 -13.874 -1.185  1.00 39.47 ? 71  PHE A CD2 1 
ATOM   559  C CE1 . PHE A 1 71  ? -12.993 -12.657 -2.069  1.00 37.46 ? 71  PHE A CE1 1 
ATOM   560  C CE2 . PHE A 1 71  ? -10.594 -12.852 -2.128  1.00 36.87 ? 71  PHE A CE2 1 
ATOM   561  C CZ  . PHE A 1 71  ? -11.764 -12.243 -2.574  1.00 37.20 ? 71  PHE A CZ  1 
ATOM   562  N N   . MET A 1 72  ? -12.298 -16.824 -2.792  1.00 44.07 ? 72  MET A N   1 
ATOM   563  C CA  . MET A 1 72  ? -11.670 -17.167 -4.065  1.00 45.63 ? 72  MET A CA  1 
ATOM   564  C C   . MET A 1 72  ? -10.845 -16.015 -4.615  1.00 42.92 ? 72  MET A C   1 
ATOM   565  O O   . MET A 1 72  ? -11.365 -14.916 -4.834  1.00 43.25 ? 72  MET A O   1 
ATOM   566  C CB  . MET A 1 72  ? -12.727 -17.543 -5.118  1.00 50.07 ? 72  MET A CB  1 
ATOM   567  C CG  . MET A 1 72  ? -13.839 -18.471 -4.628  1.00 56.81 ? 72  MET A CG  1 
ATOM   568  S SD  . MET A 1 72  ? -13.320 -20.166 -4.134  1.00 63.86 ? 72  MET A SD  1 
ATOM   569  C CE  . MET A 1 72  ? -14.920 -21.045 -4.281  1.00 61.97 ? 72  MET A CE  1 
ATOM   570  N N   . ALA A 1 73  ? -9.568  -16.283 -4.863  1.00 40.23 ? 73  ALA A N   1 
ATOM   571  C CA  . ALA A 1 73  ? -8.670  -15.284 -5.420  1.00 38.15 ? 73  ALA A CA  1 
ATOM   572  C C   . ALA A 1 73  ? -7.674  -16.012 -6.315  1.00 38.07 ? 73  ALA A C   1 
ATOM   573  O O   . ALA A 1 73  ? -6.622  -16.464 -5.871  1.00 37.35 ? 73  ALA A O   1 
ATOM   574  C CB  . ALA A 1 73  ? -7.960  -14.547 -4.314  1.00 38.07 ? 73  ALA A CB  1 
ATOM   575  N N   . SER A 1 74  ? -8.045  -16.143 -7.580  1.00 38.19 ? 74  SER A N   1 
ATOM   576  C CA  . SER A 1 74  ? -7.237  -16.840 -8.583  1.00 38.27 ? 74  SER A CA  1 
ATOM   577  C C   . SER A 1 74  ? -5.856  -16.223 -8.785  1.00 35.43 ? 74  SER A C   1 
ATOM   578  O O   . SER A 1 74  ? -5.748  -15.031 -9.102  1.00 36.18 ? 74  SER A O   1 
ATOM   579  C CB  . SER A 1 74  ? -7.984  -16.846 -9.923  1.00 41.40 ? 74  SER A CB  1 
ATOM   580  O OG  . SER A 1 74  ? -8.214  -15.506 -10.358 1.00 45.95 ? 74  SER A OG  1 
ATOM   581  N N   . GLY A 1 75  ? -4.814  -17.044 -8.654  1.00 31.34 ? 75  GLY A N   1 
ATOM   582  C CA  . GLY A 1 75  ? -3.457  -16.553 -8.827  1.00 26.70 ? 75  GLY A CA  1 
ATOM   583  C C   . GLY A 1 75  ? -2.881  -15.901 -7.583  1.00 24.45 ? 75  GLY A C   1 
ATOM   584  O O   . GLY A 1 75  ? -1.760  -15.388 -7.588  1.00 24.18 ? 75  GLY A O   1 
ATOM   585  N N   . ALA A 1 76  ? -3.636  -15.957 -6.497  1.00 24.14 ? 76  ALA A N   1 
ATOM   586  C CA  . ALA A 1 76  ? -3.214  -15.374 -5.234  1.00 23.81 ? 76  ALA A CA  1 
ATOM   587  C C   . ALA A 1 76  ? -3.351  -16.379 -4.109  1.00 23.58 ? 76  ALA A C   1 
ATOM   588  O O   . ALA A 1 76  ? -4.104  -17.339 -4.215  1.00 23.55 ? 76  ALA A O   1 
ATOM   589  C CB  . ALA A 1 76  ? -4.053  -14.153 -4.928  1.00 23.39 ? 76  ALA A CB  1 
ATOM   590  N N   . GLU A 1 77  ? -2.609  -16.145 -3.035  1.00 23.46 ? 77  GLU A N   1 
ATOM   591  C CA  . GLU A 1 77  ? -2.651  -16.991 -1.866  1.00 22.47 ? 77  GLU A CA  1 
ATOM   592  C C   . GLU A 1 77  ? -3.569  -16.349 -0.813  1.00 24.20 ? 77  GLU A C   1 
ATOM   593  O O   . GLU A 1 77  ? -3.324  -15.230 -0.371  1.00 25.65 ? 77  GLU A O   1 
ATOM   594  C CB  . GLU A 1 77  ? -1.250  -17.156 -1.286  1.00 20.69 ? 77  GLU A CB  1 
ATOM   595  C CG  . GLU A 1 77  ? -1.186  -18.146 -0.143  1.00 22.40 ? 77  GLU A CG  1 
ATOM   596  C CD  . GLU A 1 77  ? 0.101   -18.075 0.620   1.00 23.75 ? 77  GLU A CD  1 
ATOM   597  O OE1 . GLU A 1 77  ? 0.605   -19.121 1.046   1.00 27.01 ? 77  GLU A OE1 1 
ATOM   598  O OE2 . GLU A 1 77  ? 0.625   -16.972 0.825   1.00 28.82 ? 77  GLU A OE2 1 
ATOM   599  N N   . VAL A 1 78  ? -4.627  -17.057 -0.428  1.00 24.03 ? 78  VAL A N   1 
ATOM   600  C CA  . VAL A 1 78  ? -5.565  -16.568 0.577   1.00 23.83 ? 78  VAL A CA  1 
ATOM   601  C C   . VAL A 1 78  ? -5.171  -17.148 1.928   1.00 23.27 ? 78  VAL A C   1 
ATOM   602  O O   . VAL A 1 78  ? -4.997  -18.350 2.059   1.00 22.22 ? 78  VAL A O   1 
ATOM   603  C CB  . VAL A 1 78  ? -7.043  -16.949 0.221   1.00 25.19 ? 78  VAL A CB  1 
ATOM   604  C CG1 . VAL A 1 78  ? -8.039  -16.387 1.274   1.00 23.89 ? 78  VAL A CG1 1 
ATOM   605  C CG2 . VAL A 1 78  ? -7.394  -16.429 -1.177  1.00 23.82 ? 78  VAL A CG2 1 
ATOM   606  N N   . VAL A 1 79  ? -4.879  -16.268 2.880   1.00 23.37 ? 79  VAL A N   1 
ATOM   607  C CA  . VAL A 1 79  ? -4.509  -16.672 4.223   1.00 22.24 ? 79  VAL A CA  1 
ATOM   608  C C   . VAL A 1 79  ? -5.519  -16.022 5.155   1.00 24.02 ? 79  VAL A C   1 
ATOM   609  O O   . VAL A 1 79  ? -6.224  -15.083 4.770   1.00 23.08 ? 79  VAL A O   1 
ATOM   610  C CB  . VAL A 1 79  ? -3.068  -16.252 4.611   1.00 23.05 ? 79  VAL A CB  1 
ATOM   611  C CG1 . VAL A 1 79  ? -2.050  -17.129 3.905   1.00 24.30 ? 79  VAL A CG1 1 
ATOM   612  C CG2 . VAL A 1 79  ? -2.812  -14.795 4.265   1.00 23.71 ? 79  VAL A CG2 1 
ATOM   613  N N   . GLY A 1 80  ? -5.610  -16.535 6.374   1.00 25.29 ? 80  GLY A N   1 
ATOM   614  C CA  . GLY A 1 80  ? -6.569  -15.994 7.322   1.00 27.46 ? 80  GLY A CA  1 
ATOM   615  C C   . GLY A 1 80  ? -5.972  -15.307 8.532   1.00 27.81 ? 80  GLY A C   1 
ATOM   616  O O   . GLY A 1 80  ? -6.698  -14.858 9.412   1.00 30.17 ? 80  GLY A O   1 
ATOM   617  N N   . SER A 1 81  ? -4.652  -15.242 8.590   1.00 28.98 ? 81  SER A N   1 
ATOM   618  C CA  . SER A 1 81  ? -3.970  -14.596 9.693   1.00 30.50 ? 81  SER A CA  1 
ATOM   619  C C   . SER A 1 81  ? -2.782  -13.835 9.134   1.00 31.89 ? 81  SER A C   1 
ATOM   620  O O   . SER A 1 81  ? -2.196  -14.215 8.112   1.00 31.42 ? 81  SER A O   1 
ATOM   621  C CB  . SER A 1 81  ? -3.508  -15.625 10.732  1.00 30.84 ? 81  SER A CB  1 
ATOM   622  O OG  . SER A 1 81  ? -2.367  -16.346 10.297  1.00 31.06 ? 81  SER A OG  1 
ATOM   623  N N   . LEU A 1 82  ? -2.437  -12.747 9.801   1.00 32.34 ? 82  LEU A N   1 
ATOM   624  C CA  . LEU A 1 82  ? -1.329  -11.921 9.379   1.00 32.98 ? 82  LEU A CA  1 
ATOM   625  C C   . LEU A 1 82  ? 0.000   -12.672 9.498   1.00 34.87 ? 82  LEU A C   1 
ATOM   626  O O   . LEU A 1 82  ? 0.882   -12.489 8.660   1.00 35.04 ? 82  LEU A O   1 
ATOM   627  C CB  . LEU A 1 82  ? -1.342  -10.617 10.184  1.00 33.20 ? 82  LEU A CB  1 
ATOM   628  C CG  . LEU A 1 82  ? -0.383  -9.461  9.910   1.00 33.11 ? 82  LEU A CG  1 
ATOM   629  C CD1 . LEU A 1 82  ? 0.891   -9.743  10.618  1.00 34.88 ? 82  LEU A CD1 1 
ATOM   630  C CD2 . LEU A 1 82  ? -0.159  -9.228  8.430   1.00 33.42 ? 82  LEU A CD2 1 
ATOM   631  N N   . GLU A 1 83  ? 0.136   -13.555 10.490  1.00 36.30 ? 83  GLU A N   1 
ATOM   632  C CA  . GLU A 1 83  ? 1.392   -14.305 10.642  1.00 38.09 ? 83  GLU A CA  1 
ATOM   633  C C   . GLU A 1 83  ? 1.641   -15.234 9.451   1.00 36.09 ? 83  GLU A C   1 
ATOM   634  O O   . GLU A 1 83  ? 2.777   -15.431 9.048   1.00 35.44 ? 83  GLU A O   1 
ATOM   635  C CB  . GLU A 1 83  ? 1.416   -15.096 11.950  1.00 41.49 ? 83  GLU A CB  1 
ATOM   636  C CG  . GLU A 1 83  ? 0.340   -16.167 12.058  1.00 48.38 ? 83  GLU A CG  1 
ATOM   637  C CD  . GLU A 1 83  ? 0.864   -17.485 12.647  1.00 53.14 ? 83  GLU A CD  1 
ATOM   638  O OE1 . GLU A 1 83  ? 2.072   -17.556 13.003  1.00 53.11 ? 83  GLU A OE1 1 
ATOM   639  O OE2 . GLU A 1 83  ? 0.060   -18.456 12.738  1.00 53.93 ? 83  GLU A OE2 1 
ATOM   640  N N   . GLU A 1 84  ? 0.563   -15.774 8.889   1.00 36.29 ? 84  GLU A N   1 
ATOM   641  C CA  . GLU A 1 84  ? 0.634   -16.658 7.726   1.00 36.56 ? 84  GLU A CA  1 
ATOM   642  C C   . GLU A 1 84  ? 1.029   -15.867 6.472   1.00 35.90 ? 84  GLU A C   1 
ATOM   643  O O   . GLU A 1 84  ? 1.603   -16.412 5.530   1.00 35.88 ? 84  GLU A O   1 
ATOM   644  C CB  . GLU A 1 84  ? -0.729  -17.300 7.465   1.00 39.33 ? 84  GLU A CB  1 
ATOM   645  C CG  . GLU A 1 84  ? -1.211  -18.311 8.499   1.00 42.01 ? 84  GLU A CG  1 
ATOM   646  C CD  . GLU A 1 84  ? -2.579  -18.871 8.127   1.00 44.81 ? 84  GLU A CD  1 
ATOM   647  O OE1 . GLU A 1 84  ? -2.633  -19.824 7.325   1.00 47.99 ? 84  GLU A OE1 1 
ATOM   648  O OE2 . GLU A 1 84  ? -3.608  -18.343 8.602   1.00 46.12 ? 84  GLU A OE2 1 
ATOM   649  N N   . ALA A 1 85  ? 0.677   -14.586 6.459   1.00 34.06 ? 85  ALA A N   1 
ATOM   650  C CA  . ALA A 1 85  ? 0.982   -13.711 5.334   1.00 32.87 ? 85  ALA A CA  1 
ATOM   651  C C   . ALA A 1 85  ? 2.410   -13.214 5.301   1.00 32.61 ? 85  ALA A C   1 
ATOM   652  O O   . ALA A 1 85  ? 2.944   -12.968 4.229   1.00 33.13 ? 85  ALA A O   1 
ATOM   653  C CB  . ALA A 1 85  ? 0.039   -12.520 5.332   1.00 31.05 ? 85  ALA A CB  1 
ATOM   654  N N   . LEU A 1 86  ? 3.053   -13.131 6.459   1.00 32.93 ? 86  LEU A N   1 
ATOM   655  C CA  . LEU A 1 86  ? 4.406   -12.581 6.536   1.00 34.68 ? 86  LEU A CA  1 
ATOM   656  C C   . LEU A 1 86  ? 5.607   -13.517 6.632   1.00 36.77 ? 86  LEU A C   1 
ATOM   657  O O   . LEU A 1 86  ? 6.629   -13.149 7.215   1.00 37.96 ? 86  LEU A O   1 
ATOM   658  C CB  . LEU A 1 86  ? 4.465   -11.557 7.678   1.00 34.16 ? 86  LEU A CB  1 
ATOM   659  C CG  . LEU A 1 86  ? 3.368   -10.481 7.676   1.00 34.92 ? 86  LEU A CG  1 
ATOM   660  C CD1 . LEU A 1 86  ? 3.574   -9.541  8.834   1.00 33.43 ? 86  LEU A CD1 1 
ATOM   661  C CD2 . LEU A 1 86  ? 3.362   -9.705  6.357   1.00 33.74 ? 86  LEU A CD2 1 
ATOM   662  N N   . THR A 1 87  ? 5.520   -14.697 6.024   1.00 38.83 ? 87  THR A N   1 
ATOM   663  C CA  . THR A 1 87  ? 6.631   -15.659 6.076   1.00 39.49 ? 87  THR A CA  1 
ATOM   664  C C   . THR A 1 87  ? 7.828   -15.374 5.159   1.00 39.71 ? 87  THR A C   1 
ATOM   665  O O   . THR A 1 87  ? 8.921   -15.890 5.386   1.00 39.79 ? 87  THR A O   1 
ATOM   666  C CB  . THR A 1 87  ? 6.158   -17.128 5.849   1.00 39.01 ? 87  THR A CB  1 
ATOM   667  O OG1 . THR A 1 87  ? 4.839   -17.143 5.290   1.00 38.66 ? 87  THR A OG1 1 
ATOM   668  C CG2 . THR A 1 87  ? 6.149   -17.896 7.173   1.00 42.33 ? 87  THR A CG2 1 
ATOM   669  N N   . SER A 1 88  ? 7.634   -14.559 4.127   1.00 39.40 ? 88  SER A N   1 
ATOM   670  C CA  . SER A 1 88  ? 8.734   -14.256 3.218   1.00 39.63 ? 88  SER A CA  1 
ATOM   671  C C   . SER A 1 88  ? 9.645   -13.176 3.787   1.00 41.22 ? 88  SER A C   1 
ATOM   672  O O   . SER A 1 88  ? 9.180   -12.256 4.470   1.00 44.25 ? 88  SER A O   1 
ATOM   673  C CB  . SER A 1 88  ? 8.197   -13.789 1.861   1.00 38.83 ? 88  SER A CB  1 
ATOM   674  O OG  . SER A 1 88  ? 7.223   -14.689 1.342   1.00 39.74 ? 88  SER A OG  1 
ATOM   675  N N   . PRO A 1 89  ? 10.960  -13.295 3.540   1.00 41.11 ? 89  PRO A N   1 
ATOM   676  C CA  . PRO A 1 89  ? 12.013  -12.369 3.979   1.00 40.21 ? 89  PRO A CA  1 
ATOM   677  C C   . PRO A 1 89  ? 11.768  -10.949 3.457   1.00 39.52 ? 89  PRO A C   1 
ATOM   678  O O   . PRO A 1 89  ? 11.983  -9.981  4.189   1.00 41.58 ? 89  PRO A O   1 
ATOM   679  C CB  . PRO A 1 89  ? 13.274  -12.975 3.361   1.00 41.66 ? 89  PRO A CB  1 
ATOM   680  C CG  . PRO A 1 89  ? 12.998  -14.430 3.442   1.00 41.83 ? 89  PRO A CG  1 
ATOM   681  C CD  . PRO A 1 89  ? 11.560  -14.510 2.960   1.00 42.09 ? 89  PRO A CD  1 
ATOM   682  N N   . GLU A 1 90  ? 11.393  -10.816 2.185   1.00 37.10 ? 90  GLU A N   1 
ATOM   683  C CA  . GLU A 1 90  ? 11.084  -9.497  1.635   1.00 35.14 ? 90  GLU A CA  1 
ATOM   684  C C   . GLU A 1 90  ? 9.618   -9.467  1.266   1.00 30.85 ? 90  GLU A C   1 
ATOM   685  O O   . GLU A 1 90  ? 9.227   -10.004 0.246   1.00 31.96 ? 90  GLU A O   1 
ATOM   686  C CB  . GLU A 1 90  ? 11.932  -9.159  0.418   1.00 38.28 ? 90  GLU A CB  1 
ATOM   687  C CG  . GLU A 1 90  ? 13.226  -8.436  0.761   1.00 44.87 ? 90  GLU A CG  1 
ATOM   688  C CD  . GLU A 1 90  ? 13.342  -7.039  0.130   1.00 48.00 ? 90  GLU A CD  1 
ATOM   689  O OE1 . GLU A 1 90  ? 12.372  -6.538  -0.497  1.00 47.35 ? 90  GLU A OE1 1 
ATOM   690  O OE2 . GLU A 1 90  ? 14.429  -6.432  0.289   1.00 50.82 ? 90  GLU A OE2 1 
ATOM   691  N N   . THR A 1 91  ? 8.811   -8.868  2.133   1.00 25.89 ? 91  THR A N   1 
ATOM   692  C CA  . THR A 1 91  ? 7.378   -8.754  1.917   1.00 21.88 ? 91  THR A CA  1 
ATOM   693  C C   . THR A 1 91  ? 6.958   -7.280  1.898   1.00 18.40 ? 91  THR A C   1 
ATOM   694  O O   . THR A 1 91  ? 7.371   -6.503  2.753   1.00 15.83 ? 91  THR A O   1 
ATOM   695  C CB  . THR A 1 91  ? 6.586   -9.432  3.053   1.00 22.01 ? 91  THR A CB  1 
ATOM   696  O OG1 . THR A 1 91  ? 7.008   -10.789 3.196   1.00 21.34 ? 91  THR A OG1 1 
ATOM   697  C CG2 . THR A 1 91  ? 5.085   -9.392  2.769   1.00 20.88 ? 91  THR A CG2 1 
ATOM   698  N N   . TRP A 1 92  ? 6.150   -6.915  0.907   1.00 17.36 ? 92  TRP A N   1 
ATOM   699  C CA  . TRP A 1 92  ? 5.615   -5.565  0.788   1.00 16.62 ? 92  TRP A CA  1 
ATOM   700  C C   . TRP A 1 92  ? 4.115   -5.591  0.929   1.00 15.46 ? 92  TRP A C   1 
ATOM   701  O O   . TRP A 1 92  ? 3.423   -6.320  0.214   1.00 15.66 ? 92  TRP A O   1 
ATOM   702  C CB  . TRP A 1 92  ? 6.017   -4.899  -0.519  1.00 15.90 ? 92  TRP A CB  1 
ATOM   703  C CG  . TRP A 1 92  ? 7.445   -4.471  -0.476  1.00 18.52 ? 92  TRP A CG  1 
ATOM   704  C CD1 . TRP A 1 92  ? 8.545   -5.182  -0.908  1.00 19.09 ? 92  TRP A CD1 1 
ATOM   705  C CD2 . TRP A 1 92  ? 7.951   -3.259  0.102   1.00 17.95 ? 92  TRP A CD2 1 
ATOM   706  N NE1 . TRP A 1 92  ? 9.703   -4.482  -0.620  1.00 19.56 ? 92  TRP A NE1 1 
ATOM   707  C CE2 . TRP A 1 92  ? 9.368   -3.302  -0.003  1.00 19.87 ? 92  TRP A CE2 1 
ATOM   708  C CE3 . TRP A 1 92  ? 7.350   -2.138  0.694   1.00 16.84 ? 92  TRP A CE3 1 
ATOM   709  C CZ2 . TRP A 1 92  ? 10.186  -2.266  0.475   1.00 18.59 ? 92  TRP A CZ2 1 
ATOM   710  C CZ3 . TRP A 1 92  ? 8.166   -1.111  1.165   1.00 15.72 ? 92  TRP A CZ3 1 
ATOM   711  C CH2 . TRP A 1 92  ? 9.567   -1.184  1.053   1.00 16.65 ? 92  TRP A CH2 1 
ATOM   712  N N   . VAL A 1 93  ? 3.641   -4.867  1.944   1.00 16.36 ? 93  VAL A N   1 
ATOM   713  C CA  . VAL A 1 93  ? 2.218   -4.750  2.248   1.00 14.75 ? 93  VAL A CA  1 
ATOM   714  C C   . VAL A 1 93  ? 1.723   -3.601  1.392   1.00 13.91 ? 93  VAL A C   1 
ATOM   715  O O   . VAL A 1 93  ? 2.161   -2.466  1.525   1.00 14.83 ? 93  VAL A O   1 
ATOM   716  C CB  . VAL A 1 93  ? 1.977   -4.452  3.763   1.00 14.30 ? 93  VAL A CB  1 
ATOM   717  C CG1 . VAL A 1 93  ? 0.517   -4.099  4.009   1.00 15.62 ? 93  VAL A CG1 1 
ATOM   718  C CG2 . VAL A 1 93  ? 2.361   -5.665  4.603   1.00 12.79 ? 93  VAL A CG2 1 
ATOM   719  N N   . ILE A 1 94  ? 0.785   -3.896  0.512   1.00 14.18 ? 94  ILE A N   1 
ATOM   720  C CA  . ILE A 1 94  ? 0.295   -2.873  -0.383  1.00 14.82 ? 94  ILE A CA  1 
ATOM   721  C C   . ILE A 1 94  ? -1.129  -2.415  -0.083  1.00 15.19 ? 94  ILE A C   1 
ATOM   722  O O   . ILE A 1 94  ? -1.764  -1.754  -0.903  1.00 18.25 ? 94  ILE A O   1 
ATOM   723  C CB  . ILE A 1 94  ? 0.436   -3.365  -1.836  1.00 14.13 ? 94  ILE A CB  1 
ATOM   724  C CG1 . ILE A 1 94  ? -0.569  -4.488  -2.134  1.00 13.03 ? 94  ILE A CG1 1 
ATOM   725  C CG2 . ILE A 1 94  ? 1.861   -3.900  -2.034  1.00 11.59 ? 94  ILE A CG2 1 
ATOM   726  C CD1 . ILE A 1 94  ? -0.964  -4.568  -3.595  1.00 14.49 ? 94  ILE A CD1 1 
ATOM   727  N N   . GLY A 1 95  ? -1.692  -2.671  1.086   1.00 14.51 ? 95  GLY A N   1 
ATOM   728  C CA  . GLY A 1 95  ? -3.024  -2.182  1.370   1.00 15.39 ? 95  GLY A CA  1 
ATOM   729  C C   . GLY A 1 95  ? -4.009  -3.141  2.008   1.00 16.80 ? 95  GLY A C   1 
ATOM   730  O O   . GLY A 1 95  ? -3.593  -4.296  2.031   1.00 17.96 ? 95  GLY A O   1 
ATOM   731  N N   . GLY A 1 96  ? -5.154  -2.625  2.447   1.00 16.15 ? 96  GLY A N   1 
ATOM   732  C CA  . GLY A 1 96  ? -5.497  -1.214  2.495   1.00 15.01 ? 96  GLY A CA  1 
ATOM   733  C C   . GLY A 1 96  ? -5.318  -0.628  3.877   1.00 15.74 ? 96  GLY A C   1 
ATOM   734  O O   . GLY A 1 96  ? -4.377  -1.003  4.597   1.00 13.87 ? 96  GLY A O   1 
ATOM   735  N N   . GLY A 1 97  ? -6.228  0.277   4.252   1.00 14.68 ? 97  GLY A N   1 
ATOM   736  C CA  . GLY A 1 97  ? -6.149  0.911   5.558   1.00 15.37 ? 97  GLY A CA  1 
ATOM   737  C C   . GLY A 1 97  ? -6.022  -0.075  6.713   1.00 15.58 ? 97  GLY A C   1 
ATOM   738  O O   . GLY A 1 97  ? -5.126  0.044   7.560   1.00 15.26 ? 97  GLY A O   1 
ATOM   739  N N   . GLN A 1 98  ? -6.879  -1.093  6.714   1.00 15.67 ? 98  GLN A N   1 
ATOM   740  C CA  . GLN A 1 98  ? -6.862  -2.083  7.781   1.00 16.38 ? 98  GLN A CA  1 
ATOM   741  C C   . GLN A 1 98  ? -5.548  -2.840  7.855   1.00 17.19 ? 98  GLN A C   1 
ATOM   742  O O   . GLN A 1 98  ? -4.896  -2.905  8.911   1.00 17.13 ? 98  GLN A O   1 
ATOM   743  C CB  . GLN A 1 98  ? -7.995  -3.081  7.596   1.00 15.71 ? 98  GLN A CB  1 
ATOM   744  C CG  . GLN A 1 98  ? -9.386  -2.488  7.810   1.00 18.92 ? 98  GLN A CG  1 
ATOM   745  C CD  . GLN A 1 98  ? -10.491 -3.486  7.536   1.00 19.58 ? 98  GLN A CD  1 
ATOM   746  O OE1 . GLN A 1 98  ? -11.452 -3.186  6.837   1.00 22.70 ? 98  GLN A OE1 1 
ATOM   747  N NE2 . GLN A 1 98  ? -10.345 -4.691  8.065   1.00 17.63 ? 98  GLN A NE2 1 
ATOM   748  N N   . VAL A 1 99  ? -5.157  -3.400  6.719   1.00 16.25 ? 99  VAL A N   1 
ATOM   749  C CA  . VAL A 1 99  ? -3.938  -4.189  6.672   1.00 14.75 ? 99  VAL A CA  1 
ATOM   750  C C   . VAL A 1 99  ? -2.683  -3.384  6.984   1.00 13.97 ? 99  VAL A C   1 
ATOM   751  O O   . VAL A 1 99  ? -1.822  -3.878  7.673   1.00 14.93 ? 99  VAL A O   1 
ATOM   752  C CB  . VAL A 1 99  ? -3.872  -4.984  5.362   1.00 14.81 ? 99  VAL A CB  1 
ATOM   753  C CG1 . VAL A 1 99  ? -2.586  -5.755  5.246   1.00 13.48 ? 99  VAL A CG1 1 
ATOM   754  C CG2 . VAL A 1 99  ? -5.020  -5.954  5.341   1.00 13.90 ? 99  VAL A CG2 1 
ATOM   755  N N   . TYR A 1 100 ? -2.605  -2.127  6.553   1.00 14.24 ? 100 TYR A N   1 
ATOM   756  C CA  . TYR A 1 100 ? -1.435  -1.305  6.863   1.00 14.23 ? 100 TYR A CA  1 
ATOM   757  C C   . TYR A 1 100 ? -1.324  -1.162  8.378   1.00 15.49 ? 100 TYR A C   1 
ATOM   758  O O   . TYR A 1 100 ? -0.232  -1.251  8.939   1.00 15.88 ? 100 TYR A O   1 
ATOM   759  C CB  . TYR A 1 100 ? -1.560  0.104   6.276   1.00 13.95 ? 100 TYR A CB  1 
ATOM   760  C CG  . TYR A 1 100 ? -1.351  0.238   4.777   1.00 15.39 ? 100 TYR A CG  1 
ATOM   761  C CD1 . TYR A 1 100 ? -2.178  1.083   4.018   1.00 13.78 ? 100 TYR A CD1 1 
ATOM   762  C CD2 . TYR A 1 100 ? -0.318  -0.451  4.118   1.00 13.36 ? 100 TYR A CD2 1 
ATOM   763  C CE1 . TYR A 1 100 ? -2.000  1.240   2.658   1.00 13.00 ? 100 TYR A CE1 1 
ATOM   764  C CE2 . TYR A 1 100 ? -0.126  -0.293  2.747   1.00 13.79 ? 100 TYR A CE2 1 
ATOM   765  C CZ  . TYR A 1 100 ? -0.979  0.558   2.025   1.00 15.63 ? 100 TYR A CZ  1 
ATOM   766  O OH  . TYR A 1 100 ? -0.816  0.738   0.668   1.00 14.65 ? 100 TYR A OH  1 
ATOM   767  N N   . ALA A 1 101 ? -2.454  -0.896  9.028   1.00 15.61 ? 101 ALA A N   1 
ATOM   768  C CA  . ALA A 1 101 ? -2.479  -0.730  10.485  1.00 17.42 ? 101 ALA A CA  1 
ATOM   769  C C   . ALA A 1 101 ? -2.048  -2.013  11.183  1.00 18.07 ? 101 ALA A C   1 
ATOM   770  O O   . ALA A 1 101 ? -1.238  -2.004  12.113  1.00 18.69 ? 101 ALA A O   1 
ATOM   771  C CB  . ALA A 1 101 ? -3.873  -0.328  10.933  1.00 17.56 ? 101 ALA A CB  1 
ATOM   772  N N   . LEU A 1 102 ? -2.589  -3.123  10.709  1.00 18.68 ? 102 LEU A N   1 
ATOM   773  C CA  . LEU A 1 102 ? -2.280  -4.438  11.248  1.00 18.34 ? 102 LEU A CA  1 
ATOM   774  C C   . LEU A 1 102 ? -0.789  -4.790  11.086  1.00 18.24 ? 102 LEU A C   1 
ATOM   775  O O   . LEU A 1 102 ? -0.164  -5.350  11.981  1.00 16.64 ? 102 LEU A O   1 
ATOM   776  C CB  . LEU A 1 102 ? -3.107  -5.447  10.465  1.00 21.67 ? 102 LEU A CB  1 
ATOM   777  C CG  . LEU A 1 102 ? -3.491  -6.792  11.045  1.00 26.59 ? 102 LEU A CG  1 
ATOM   778  C CD1 . LEU A 1 102 ? -4.557  -6.608  12.175  1.00 25.55 ? 102 LEU A CD1 1 
ATOM   779  C CD2 . LEU A 1 102 ? -4.031  -7.627  9.867   1.00 25.99 ? 102 LEU A CD2 1 
ATOM   780  N N   . ALA A 1 103 ? -0.214  -4.461  9.935   1.00 16.16 ? 103 ALA A N   1 
ATOM   781  C CA  . ALA A 1 103 ? 1.173   -4.794  9.664   1.00 13.96 ? 103 ALA A CA  1 
ATOM   782  C C   . ALA A 1 103 ? 2.237   -3.816  10.116  1.00 13.38 ? 103 ALA A C   1 
ATOM   783  O O   . ALA A 1 103 ? 3.380   -4.188  10.203  1.00 13.88 ? 103 ALA A O   1 
ATOM   784  C CB  . ALA A 1 103 ? 1.349   -5.093  8.173   1.00 13.51 ? 103 ALA A CB  1 
ATOM   785  N N   . LEU A 1 104 ? 1.876   -2.571  10.371  1.00 14.45 ? 104 LEU A N   1 
ATOM   786  C CA  . LEU A 1 104 ? 2.841   -1.557  10.785  1.00 16.49 ? 104 LEU A CA  1 
ATOM   787  C C   . LEU A 1 104 ? 3.836   -2.051  11.856  1.00 16.91 ? 104 LEU A C   1 
ATOM   788  O O   . LEU A 1 104 ? 5.047   -1.882  11.695  1.00 15.40 ? 104 LEU A O   1 
ATOM   789  C CB  . LEU A 1 104 ? 2.108   -0.290  11.289  1.00 19.43 ? 104 LEU A CB  1 
ATOM   790  C CG  . LEU A 1 104 ? 2.690   1.097   10.960  1.00 22.59 ? 104 LEU A CG  1 
ATOM   791  C CD1 . LEU A 1 104 ? 2.273   2.124   11.986  1.00 21.74 ? 104 LEU A CD1 1 
ATOM   792  C CD2 . LEU A 1 104 ? 4.171   1.055   10.888  1.00 22.93 ? 104 LEU A CD2 1 
ATOM   793  N N   . PRO A 1 105 ? 3.338   -2.673  12.956  1.00 16.71 ? 105 PRO A N   1 
ATOM   794  C CA  . PRO A 1 105 ? 4.236   -3.167  14.013  1.00 16.33 ? 105 PRO A CA  1 
ATOM   795  C C   . PRO A 1 105 ? 5.355   -4.091  13.518  1.00 15.31 ? 105 PRO A C   1 
ATOM   796  O O   . PRO A 1 105 ? 6.425   -4.146  14.104  1.00 14.32 ? 105 PRO A O   1 
ATOM   797  C CB  . PRO A 1 105 ? 3.272   -3.906  14.963  1.00 14.24 ? 105 PRO A CB  1 
ATOM   798  C CG  . PRO A 1 105 ? 2.011   -3.115  14.840  1.00 15.14 ? 105 PRO A CG  1 
ATOM   799  C CD  . PRO A 1 105 ? 1.923   -2.863  13.345  1.00 15.43 ? 105 PRO A CD  1 
ATOM   800  N N   . TYR A 1 106 ? 5.096   -4.811  12.431  1.00 16.80 ? 106 TYR A N   1 
ATOM   801  C CA  . TYR A 1 106 ? 6.068   -5.749  11.861  1.00 16.71 ? 106 TYR A CA  1 
ATOM   802  C C   . TYR A 1 106 ? 7.032   -5.101  10.870  1.00 16.69 ? 106 TYR A C   1 
ATOM   803  O O   . TYR A 1 106 ? 8.066   -5.679  10.547  1.00 18.10 ? 106 TYR A O   1 
ATOM   804  C CB  . TYR A 1 106 ? 5.321   -6.891  11.139  1.00 15.35 ? 106 TYR A CB  1 
ATOM   805  C CG  . TYR A 1 106 ? 4.387   -7.672  12.033  1.00 15.66 ? 106 TYR A CG  1 
ATOM   806  C CD1 . TYR A 1 106 ? 3.137   -7.148  12.399  1.00 15.34 ? 106 TYR A CD1 1 
ATOM   807  C CD2 . TYR A 1 106 ? 4.788   -8.895  12.588  1.00 16.09 ? 106 TYR A CD2 1 
ATOM   808  C CE1 . TYR A 1 106 ? 2.309   -7.826  13.317  1.00 15.91 ? 106 TYR A CE1 1 
ATOM   809  C CE2 . TYR A 1 106 ? 3.976   -9.581  13.503  1.00 15.91 ? 106 TYR A CE2 1 
ATOM   810  C CZ  . TYR A 1 106 ? 2.744   -9.042  13.865  1.00 17.00 ? 106 TYR A CZ  1 
ATOM   811  O OH  . TYR A 1 106 ? 1.956   -9.708  14.780  1.00 17.32 ? 106 TYR A OH  1 
ATOM   812  N N   . ALA A 1 107 ? 6.709   -3.883  10.440  1.00 17.74 ? 107 ALA A N   1 
ATOM   813  C CA  . ALA A 1 107 ? 7.482   -3.154  9.429   1.00 19.70 ? 107 ALA A CA  1 
ATOM   814  C C   . ALA A 1 107 ? 8.723   -2.385  9.849   1.00 19.87 ? 107 ALA A C   1 
ATOM   815  O O   . ALA A 1 107 ? 8.737   -1.718  10.888  1.00 21.43 ? 107 ALA A O   1 
ATOM   816  C CB  . ALA A 1 107 ? 6.558   -2.220  8.666   1.00 17.44 ? 107 ALA A CB  1 
ATOM   817  N N   . THR A 1 108 ? 9.743   -2.444  8.993   1.00 19.98 ? 108 THR A N   1 
ATOM   818  C CA  . THR A 1 108 ? 10.982  -1.715  9.205   1.00 20.61 ? 108 THR A CA  1 
ATOM   819  C C   . THR A 1 108 ? 11.242  -0.729  8.059   1.00 21.26 ? 108 THR A C   1 
ATOM   820  O O   . THR A 1 108 ? 12.208  0.045   8.096   1.00 21.66 ? 108 THR A O   1 
ATOM   821  C CB  . THR A 1 108 ? 12.167  -2.647  9.397   1.00 20.83 ? 108 THR A CB  1 
ATOM   822  O OG1 . THR A 1 108 ? 12.148  -3.660  8.397   1.00 20.91 ? 108 THR A OG1 1 
ATOM   823  C CG2 . THR A 1 108 ? 12.105  -3.292  10.757  1.00 23.09 ? 108 THR A CG2 1 
ATOM   824  N N   . ARG A 1 109 ? 10.324  -0.713  7.089   1.00 20.97 ? 109 ARG A N   1 
ATOM   825  C CA  . ARG A 1 109 ? 10.390  0.189   5.942   1.00 19.76 ? 109 ARG A CA  1 
ATOM   826  C C   . ARG A 1 109 ? 8.996   0.650   5.496   1.00 19.40 ? 109 ARG A C   1 
ATOM   827  O O   . ARG A 1 109 ? 8.006   -0.079  5.632   1.00 17.23 ? 109 ARG A O   1 
ATOM   828  C CB  . ARG A 1 109 ? 11.074  -0.481  4.727   1.00 21.15 ? 109 ARG A CB  1 
ATOM   829  C CG  . ARG A 1 109 ? 12.593  -0.570  4.819   1.00 23.56 ? 109 ARG A CG  1 
ATOM   830  C CD  . ARG A 1 109 ? 13.223  -1.101  3.533   1.00 26.42 ? 109 ARG A CD  1 
ATOM   831  N NE  . ARG A 1 109 ? 13.063  -0.177  2.414   1.00 26.70 ? 109 ARG A NE  1 
ATOM   832  C CZ  . ARG A 1 109 ? 13.278  -0.498  1.139   1.00 26.43 ? 109 ARG A CZ  1 
ATOM   833  N NH1 . ARG A 1 109 ? 13.675  -1.727  0.821   1.00 26.07 ? 109 ARG A NH1 1 
ATOM   834  N NH2 . ARG A 1 109 ? 13.041  0.394   0.179   1.00 24.29 ? 109 ARG A NH2 1 
ATOM   835  N N   . CYS A 1 110 ? 8.934   1.884   5.000   1.00 16.70 ? 110 CYS A N   1 
ATOM   836  C CA  . CYS A 1 110 ? 7.712   2.444   4.431   1.00 16.70 ? 110 CYS A CA  1 
ATOM   837  C C   . CYS A 1 110 ? 8.141   3.316   3.266   1.00 17.11 ? 110 CYS A C   1 
ATOM   838  O O   . CYS A 1 110 ? 9.042   4.146   3.413   1.00 19.49 ? 110 CYS A O   1 
ATOM   839  C CB  . CYS A 1 110 ? 6.936   3.318   5.417   1.00 16.31 ? 110 CYS A CB  1 
ATOM   840  S SG  . CYS A 1 110 ? 6.165   2.486   6.811   1.00 18.93 ? 110 CYS A SG  1 
ATOM   841  N N   . GLU A 1 111 ? 7.529   3.089   2.108   1.00 16.51 ? 111 GLU A N   1 
ATOM   842  C CA  . GLU A 1 111 ? 7.772   3.869   0.893   1.00 17.05 ? 111 GLU A CA  1 
ATOM   843  C C   . GLU A 1 111 ? 6.465   4.607   0.700   1.00 17.13 ? 111 GLU A C   1 
ATOM   844  O O   . GLU A 1 111 ? 5.450   4.031   0.336   1.00 16.00 ? 111 GLU A O   1 
ATOM   845  C CB  . GLU A 1 111 ? 8.062   2.964   -0.302  1.00 16.12 ? 111 GLU A CB  1 
ATOM   846  C CG  . GLU A 1 111 ? 9.410   2.259   -0.194  1.00 21.03 ? 111 GLU A CG  1 
ATOM   847  C CD  . GLU A 1 111 ? 10.597  3.231   -0.101  1.00 24.28 ? 111 GLU A CD  1 
ATOM   848  O OE1 . GLU A 1 111 ? 10.516  4.349   -0.640  1.00 26.51 ? 111 GLU A OE1 1 
ATOM   849  O OE2 . GLU A 1 111 ? 11.620  2.874   0.506   1.00 27.69 ? 111 GLU A OE2 1 
ATOM   850  N N   . VAL A 1 112 ? 6.487   5.885   1.023   1.00 16.91 ? 112 VAL A N   1 
ATOM   851  C CA  . VAL A 1 112 ? 5.290   6.704   0.974   1.00 17.04 ? 112 VAL A CA  1 
ATOM   852  C C   . VAL A 1 112 ? 5.327   7.777   -0.111  1.00 18.51 ? 112 VAL A C   1 
ATOM   853  O O   . VAL A 1 112 ? 6.317   8.500   -0.262  1.00 19.03 ? 112 VAL A O   1 
ATOM   854  C CB  . VAL A 1 112 ? 5.084   7.418   2.360   1.00 16.60 ? 112 VAL A CB  1 
ATOM   855  C CG1 . VAL A 1 112 ? 3.787   8.244   2.372   1.00 15.37 ? 112 VAL A CG1 1 
ATOM   856  C CG2 . VAL A 1 112 ? 5.127   6.401   3.507   1.00 15.48 ? 112 VAL A CG2 1 
ATOM   857  N N   . THR A 1 113 ? 4.239   7.880   -0.861  1.00 18.47 ? 113 THR A N   1 
ATOM   858  C CA  . THR A 1 113 ? 4.136   8.918   -1.870  1.00 17.52 ? 113 THR A CA  1 
ATOM   859  C C   . THR A 1 113 ? 3.103   9.904   -1.327  1.00 18.13 ? 113 THR A C   1 
ATOM   860  O O   . THR A 1 113 ? 1.992   9.490   -0.990  1.00 15.99 ? 113 THR A O   1 
ATOM   861  C CB  . THR A 1 113 ? 3.619   8.370   -3.221  1.00 17.52 ? 113 THR A CB  1 
ATOM   862  O OG1 . THR A 1 113 ? 4.540   7.408   -3.743  1.00 18.89 ? 113 THR A OG1 1 
ATOM   863  C CG2 . THR A 1 113 ? 3.486   9.492   -4.230  1.00 17.07 ? 113 THR A CG2 1 
ATOM   864  N N   . GLU A 1 114 ? 3.486   11.172  -1.137  1.00 16.99 ? 114 GLU A N   1 
ATOM   865  C CA  . GLU A 1 114 ? 2.514   12.173  -0.690  1.00 17.20 ? 114 GLU A CA  1 
ATOM   866  C C   . GLU A 1 114 ? 1.950   12.916  -1.913  1.00 17.20 ? 114 GLU A C   1 
ATOM   867  O O   . GLU A 1 114 ? 2.710   13.380  -2.752  1.00 16.43 ? 114 GLU A O   1 
ATOM   868  C CB  . GLU A 1 114 ? 3.130   13.193  0.271   1.00 17.36 ? 114 GLU A CB  1 
ATOM   869  C CG  . GLU A 1 114 ? 2.099   14.283  0.708   1.00 20.39 ? 114 GLU A CG  1 
ATOM   870  C CD  . GLU A 1 114 ? 2.682   15.410  1.555   1.00 21.58 ? 114 GLU A CD  1 
ATOM   871  O OE1 . GLU A 1 114 ? 3.906   15.427  1.792   1.00 23.43 ? 114 GLU A OE1 1 
ATOM   872  O OE2 . GLU A 1 114 ? 1.911   16.294  1.986   1.00 22.05 ? 114 GLU A OE2 1 
ATOM   873  N N   . VAL A 1 115 ? 0.627   12.987  -2.016  1.00 17.84 ? 115 VAL A N   1 
ATOM   874  C CA  . VAL A 1 115 ? -0.060  13.679  -3.107  1.00 18.17 ? 115 VAL A CA  1 
ATOM   875  C C   . VAL A 1 115 ? -0.630  15.006  -2.567  1.00 21.32 ? 115 VAL A C   1 
ATOM   876  O O   . VAL A 1 115 ? -1.452  15.027  -1.629  1.00 17.70 ? 115 VAL A O   1 
ATOM   877  C CB  . VAL A 1 115 ? -1.187  12.816  -3.681  1.00 19.59 ? 115 VAL A CB  1 
ATOM   878  C CG1 . VAL A 1 115 ? -1.860  13.510  -4.850  1.00 16.60 ? 115 VAL A CG1 1 
ATOM   879  C CG2 . VAL A 1 115 ? -0.627  11.468  -4.105  1.00 18.28 ? 115 VAL A CG2 1 
ATOM   880  N N   . ASP A 1 116 ? -0.151  16.112  -3.145  1.00 21.91 ? 116 ASP A N   1 
ATOM   881  C CA  . ASP A 1 116 ? -0.555  17.458  -2.745  1.00 21.74 ? 116 ASP A CA  1 
ATOM   882  C C   . ASP A 1 116 ? -1.914  17.813  -3.333  1.00 23.20 ? 116 ASP A C   1 
ATOM   883  O O   . ASP A 1 116 ? -2.017  18.632  -4.246  1.00 24.54 ? 116 ASP A O   1 
ATOM   884  C CB  . ASP A 1 116 ? 0.530   18.464  -3.152  1.00 20.26 ? 116 ASP A CB  1 
ATOM   885  C CG  . ASP A 1 116 ? 0.246   19.888  -2.678  1.00 21.07 ? 116 ASP A CG  1 
ATOM   886  O OD1 . ASP A 1 116 ? -0.678  20.113  -1.867  1.00 19.73 ? 116 ASP A OD1 1 
ATOM   887  O OD2 . ASP A 1 116 ? 0.972   20.797  -3.129  1.00 21.13 ? 116 ASP A OD2 1 
ATOM   888  N N   . ILE A 1 117 ? -2.956  17.201  -2.774  1.00 23.15 ? 117 ILE A N   1 
ATOM   889  C CA  . ILE A 1 117 ? -4.338  17.396  -3.211  1.00 21.63 ? 117 ILE A CA  1 
ATOM   890  C C   . ILE A 1 117 ? -5.166  17.730  -1.981  1.00 22.60 ? 117 ILE A C   1 
ATOM   891  O O   . ILE A 1 117 ? -4.956  17.153  -0.917  1.00 23.06 ? 117 ILE A O   1 
ATOM   892  C CB  . ILE A 1 117 ? -4.878  16.103  -3.876  1.00 23.21 ? 117 ILE A CB  1 
ATOM   893  C CG1 . ILE A 1 117 ? -6.316  16.279  -4.346  1.00 22.95 ? 117 ILE A CG1 1 
ATOM   894  C CG2 . ILE A 1 117 ? -4.781  14.897  -2.907  1.00 23.08 ? 117 ILE A CG2 1 
ATOM   895  C CD1 . ILE A 1 117 ? -6.813  15.062  -5.090  1.00 23.19 ? 117 ILE A CD1 1 
ATOM   896  N N   . GLY A 1 118 ? -6.054  18.708  -2.113  1.00 22.77 ? 118 GLY A N   1 
ATOM   897  C CA  . GLY A 1 118 ? -6.915  19.115  -1.010  1.00 24.23 ? 118 GLY A CA  1 
ATOM   898  C C   . GLY A 1 118 ? -8.025  18.102  -0.886  1.00 24.76 ? 118 GLY A C   1 
ATOM   899  O O   . GLY A 1 118 ? -8.972  18.103  -1.669  1.00 24.48 ? 118 GLY A O   1 
ATOM   900  N N   . LEU A 1 119 ? -7.919  17.248  0.122   1.00 25.41 ? 119 LEU A N   1 
ATOM   901  C CA  . LEU A 1 119 ? -8.890  16.192  0.298   1.00 26.04 ? 119 LEU A CA  1 
ATOM   902  C C   . LEU A 1 119 ? -9.071  15.886  1.768   1.00 27.19 ? 119 LEU A C   1 
ATOM   903  O O   . LEU A 1 119 ? -8.496  14.928  2.291   1.00 26.76 ? 119 LEU A O   1 
ATOM   904  C CB  . LEU A 1 119 ? -8.374  14.956  -0.428  1.00 26.46 ? 119 LEU A CB  1 
ATOM   905  C CG  . LEU A 1 119 ? -9.290  13.808  -0.793  1.00 26.80 ? 119 LEU A CG  1 
ATOM   906  C CD1 . LEU A 1 119 ? -10.298 14.264  -1.829  1.00 27.72 ? 119 LEU A CD1 1 
ATOM   907  C CD2 . LEU A 1 119 ? -8.418  12.679  -1.330  1.00 26.99 ? 119 LEU A CD2 1 
ATOM   908  N N   . PRO A 1 120 ? -9.870  16.704  2.466   1.00 27.55 ? 120 PRO A N   1 
ATOM   909  C CA  . PRO A 1 120 ? -10.111 16.489  3.892   1.00 26.94 ? 120 PRO A CA  1 
ATOM   910  C C   . PRO A 1 120 ? -10.699 15.101  4.189   1.00 25.67 ? 120 PRO A C   1 
ATOM   911  O O   . PRO A 1 120 ? -11.528 14.560  3.434   1.00 25.67 ? 120 PRO A O   1 
ATOM   912  C CB  . PRO A 1 120 ? -11.116 17.598  4.243   1.00 25.62 ? 120 PRO A CB  1 
ATOM   913  C CG  . PRO A 1 120 ? -10.825 18.644  3.276   1.00 28.21 ? 120 PRO A CG  1 
ATOM   914  C CD  . PRO A 1 120 ? -10.606 17.882  1.988   1.00 27.88 ? 120 PRO A CD  1 
ATOM   915  N N   . ARG A 1 121 ? -10.218 14.532  5.284   1.00 25.15 ? 121 ARG A N   1 
ATOM   916  C CA  . ARG A 1 121 ? -10.628 13.234  5.803   1.00 26.03 ? 121 ARG A CA  1 
ATOM   917  C C   . ARG A 1 121 ? -12.164 13.234  5.996   1.00 24.95 ? 121 ARG A C   1 
ATOM   918  O O   . ARG A 1 121 ? -12.712 14.150  6.604   1.00 24.22 ? 121 ARG A O   1 
ATOM   919  C CB  . ARG A 1 121 ? -9.962  13.114  7.173   1.00 30.02 ? 121 ARG A CB  1 
ATOM   920  C CG  . ARG A 1 121 ? -9.427  11.800  7.618   1.00 38.08 ? 121 ARG A CG  1 
ATOM   921  C CD  . ARG A 1 121 ? -9.345  11.795  9.168   1.00 41.28 ? 121 ARG A CD  1 
ATOM   922  N NE  . ARG A 1 121 ? -10.542 11.173  9.744   1.00 45.57 ? 121 ARG A NE  1 
ATOM   923  C CZ  . ARG A 1 121 ? -11.247 11.636  10.777  1.00 47.61 ? 121 ARG A CZ  1 
ATOM   924  N NH1 . ARG A 1 121 ? -10.901 12.755  11.411  1.00 48.77 ? 121 ARG A NH1 1 
ATOM   925  N NH2 . ARG A 1 121 ? -12.335 10.981  11.155  1.00 47.98 ? 121 ARG A NH2 1 
ATOM   926  N N   . GLU A 1 122 ? -12.858 12.241  5.457   1.00 22.39 ? 122 GLU A N   1 
ATOM   927  C CA  . GLU A 1 122 ? -14.311 12.125  5.642   1.00 22.26 ? 122 GLU A CA  1 
ATOM   928  C C   . GLU A 1 122 ? -14.548 10.798  6.368   1.00 21.79 ? 122 GLU A C   1 
ATOM   929  O O   . GLU A 1 122 ? -13.730 9.899   6.275   1.00 20.18 ? 122 GLU A O   1 
ATOM   930  C CB  . GLU A 1 122 ? -15.055 12.121  4.304   1.00 23.96 ? 122 GLU A CB  1 
ATOM   931  C CG  . GLU A 1 122 ? -15.068 13.477  3.594   1.00 26.23 ? 122 GLU A CG  1 
ATOM   932  C CD  . GLU A 1 122 ? -15.615 13.420  2.175   1.00 27.57 ? 122 GLU A CD  1 
ATOM   933  O OE1 . GLU A 1 122 ? -15.544 14.451  1.473   1.00 30.00 ? 122 GLU A OE1 1 
ATOM   934  O OE2 . GLU A 1 122 ? -16.107 12.353  1.748   1.00 29.36 ? 122 GLU A OE2 1 
ATOM   935  N N   . ALA A 1 123 ? -15.656 10.670  7.089   1.00 21.63 ? 123 ALA A N   1 
ATOM   936  C CA  . ALA A 1 123 ? -15.931 9.441   7.832   1.00 21.58 ? 123 ALA A CA  1 
ATOM   937  C C   . ALA A 1 123 ? -16.049 8.222   6.913   1.00 20.18 ? 123 ALA A C   1 
ATOM   938  O O   . ALA A 1 123 ? -16.720 8.276   5.884   1.00 20.92 ? 123 ALA A O   1 
ATOM   939  C CB  . ALA A 1 123 ? -17.182 9.610   8.680   1.00 19.80 ? 123 ALA A CB  1 
ATOM   940  N N   . GLY A 1 124 ? -15.364 7.138   7.274   1.00 19.77 ? 124 GLY A N   1 
ATOM   941  C CA  . GLY A 1 124 ? -15.390 5.935   6.459   1.00 19.97 ? 124 GLY A CA  1 
ATOM   942  C C   . GLY A 1 124 ? -14.253 5.790   5.438   1.00 21.72 ? 124 GLY A C   1 
ATOM   943  O O   . GLY A 1 124 ? -14.167 4.759   4.754   1.00 22.95 ? 124 GLY A O   1 
ATOM   944  N N   . ASP A 1 125 ? -13.390 6.805   5.329   1.00 19.13 ? 125 ASP A N   1 
ATOM   945  C CA  . ASP A 1 125 ? -12.260 6.799   4.396   1.00 19.68 ? 125 ASP A CA  1 
ATOM   946  C C   . ASP A 1 125 ? -11.230 5.770   4.793   1.00 20.60 ? 125 ASP A C   1 
ATOM   947  O O   . ASP A 1 125 ? -11.147 5.423   5.967   1.00 23.85 ? 125 ASP A O   1 
ATOM   948  C CB  . ASP A 1 125 ? -11.513 8.132   4.457   1.00 16.15 ? 125 ASP A CB  1 
ATOM   949  C CG  . ASP A 1 125 ? -12.151 9.223   3.618   1.00 18.83 ? 125 ASP A CG  1 
ATOM   950  O OD1 . ASP A 1 125 ? -13.106 8.971   2.851   1.00 17.42 ? 125 ASP A OD1 1 
ATOM   951  O OD2 . ASP A 1 125 ? -11.668 10.363  3.726   1.00 20.72 ? 125 ASP A OD2 1 
ATOM   952  N N   . ALA A 1 126 ? -10.438 5.278   3.838   1.00 18.33 ? 126 ALA A N   1 
ATOM   953  C CA  . ALA A 1 126 ? -9.343  4.375   4.221   1.00 17.20 ? 126 ALA A CA  1 
ATOM   954  C C   . ALA A 1 126 ? -8.211  5.375   4.490   1.00 15.68 ? 126 ALA A C   1 
ATOM   955  O O   . ALA A 1 126 ? -8.036  6.340   3.741   1.00 15.75 ? 126 ALA A O   1 
ATOM   956  C CB  . ALA A 1 126 ? -8.972  3.394   3.092   1.00 16.50 ? 126 ALA A CB  1 
ATOM   957  N N   . LEU A 1 127 ? -7.512  5.201   5.601   1.00 14.60 ? 127 LEU A N   1 
ATOM   958  C CA  . LEU A 1 127 ? -6.451  6.109   5.968   1.00 14.86 ? 127 LEU A CA  1 
ATOM   959  C C   . LEU A 1 127 ? -5.080  5.457   6.102   1.00 15.25 ? 127 LEU A C   1 
ATOM   960  O O   . LEU A 1 127 ? -4.949  4.264   6.394   1.00 15.31 ? 127 LEU A O   1 
ATOM   961  C CB  . LEU A 1 127 ? -6.810  6.823   7.275   1.00 17.83 ? 127 LEU A CB  1 
ATOM   962  C CG  . LEU A 1 127 ? -8.049  7.735   7.305   1.00 20.53 ? 127 LEU A CG  1 
ATOM   963  C CD1 . LEU A 1 127 ? -8.240  8.203   8.745   1.00 22.16 ? 127 LEU A CD1 1 
ATOM   964  C CD2 . LEU A 1 127 ? -7.878  8.932   6.362   1.00 18.33 ? 127 LEU A CD2 1 
ATOM   965  N N   . ALA A 1 128 ? -4.050  6.268   5.887   1.00 15.43 ? 128 ALA A N   1 
ATOM   966  C CA  . ALA A 1 128 ? -2.673  5.813   5.983   1.00 16.24 ? 128 ALA A CA  1 
ATOM   967  C C   . ALA A 1 128 ? -2.253  5.707   7.442   1.00 18.51 ? 128 ALA A C   1 
ATOM   968  O O   . ALA A 1 128 ? -2.844  6.356   8.315   1.00 17.73 ? 128 ALA A O   1 
ATOM   969  C CB  . ALA A 1 128 ? -1.752  6.785   5.266   1.00 13.66 ? 128 ALA A CB  1 
ATOM   970  N N   . PRO A 1 129 ? -1.308  4.796   7.744   1.00 18.22 ? 129 PRO A N   1 
ATOM   971  C CA  . PRO A 1 129 ? -0.883  4.711   9.138   1.00 20.45 ? 129 PRO A CA  1 
ATOM   972  C C   . PRO A 1 129 ? -0.019  5.946   9.453   1.00 22.07 ? 129 PRO A C   1 
ATOM   973  O O   . PRO A 1 129 ? 0.556   6.550   8.563   1.00 22.30 ? 129 PRO A O   1 
ATOM   974  C CB  . PRO A 1 129 ? -0.092  3.401   9.165   1.00 20.64 ? 129 PRO A CB  1 
ATOM   975  C CG  . PRO A 1 129 ? 0.414   3.267   7.771   1.00 18.98 ? 129 PRO A CG  1 
ATOM   976  C CD  . PRO A 1 129 ? -0.749  3.698   6.939   1.00 16.78 ? 129 PRO A CD  1 
ATOM   977  N N   . VAL A 1 130 ? -0.062  6.408   10.696  1.00 25.38 ? 130 VAL A N   1 
ATOM   978  C CA  . VAL A 1 130 ? 0.727   7.561   11.131  1.00 28.19 ? 130 VAL A CA  1 
ATOM   979  C C   . VAL A 1 130 ? 2.061   7.051   11.676  1.00 28.17 ? 130 VAL A C   1 
ATOM   980  O O   . VAL A 1 130 ? 2.083   6.206   12.565  1.00 29.69 ? 130 VAL A O   1 
ATOM   981  C CB  . VAL A 1 130 ? -0.006  8.362   12.249  1.00 31.37 ? 130 VAL A CB  1 
ATOM   982  C CG1 . VAL A 1 130 ? 0.965   9.368   12.910  1.00 32.00 ? 130 VAL A CG1 1 
ATOM   983  C CG2 . VAL A 1 130 ? -1.231  9.101   11.661  1.00 29.79 ? 130 VAL A CG2 1 
ATOM   984  N N   . LEU A 1 131 ? 3.164   7.545   11.122  1.00 27.67 ? 131 LEU A N   1 
ATOM   985  C CA  . LEU A 1 131 ? 4.486   7.103   11.549  1.00 26.34 ? 131 LEU A CA  1 
ATOM   986  C C   . LEU A 1 131 ? 4.982   7.970   12.701  1.00 27.71 ? 131 LEU A C   1 
ATOM   987  O O   . LEU A 1 131 ? 5.014   9.197   12.604  1.00 28.11 ? 131 LEU A O   1 
ATOM   988  C CB  . LEU A 1 131 ? 5.460   7.132   10.363  1.00 23.77 ? 131 LEU A CB  1 
ATOM   989  C CG  . LEU A 1 131 ? 5.002   6.372   9.104   1.00 22.84 ? 131 LEU A CG  1 
ATOM   990  C CD1 . LEU A 1 131 ? 6.096   6.367   8.067   1.00 21.41 ? 131 LEU A CD1 1 
ATOM   991  C CD2 . LEU A 1 131 ? 4.633   4.944   9.439   1.00 19.87 ? 131 LEU A CD2 1 
ATOM   992  N N   . ASP A 1 132 ? 5.285   7.332   13.821  1.00 29.23 ? 132 ASP A N   1 
ATOM   993  C CA  . ASP A 1 132 ? 5.765   8.065   14.982  1.00 31.05 ? 132 ASP A CA  1 
ATOM   994  C C   . ASP A 1 132 ? 7.279   8.286   14.876  1.00 33.49 ? 132 ASP A C   1 
ATOM   995  O O   . ASP A 1 132 ? 7.853   8.180   13.782  1.00 34.05 ? 132 ASP A O   1 
ATOM   996  C CB  . ASP A 1 132 ? 5.343   7.364   16.292  1.00 28.88 ? 132 ASP A CB  1 
ATOM   997  C CG  . ASP A 1 132 ? 5.967   5.976   16.467  1.00 28.34 ? 132 ASP A CG  1 
ATOM   998  O OD1 . ASP A 1 132 ? 5.400   5.154   17.218  1.00 28.68 ? 132 ASP A OD1 1 
ATOM   999  O OD2 . ASP A 1 132 ? 7.030   5.694   15.886  1.00 28.53 ? 132 ASP A OD2 1 
ATOM   1000 N N   . GLU A 1 133 ? 7.934   8.561   16.003  1.00 36.48 ? 133 GLU A N   1 
ATOM   1001 C CA  . GLU A 1 133 ? 9.371   8.821   15.994  1.00 36.51 ? 133 GLU A CA  1 
ATOM   1002 C C   . GLU A 1 133 ? 10.355  7.674   16.013  1.00 35.95 ? 133 GLU A C   1 
ATOM   1003 O O   . GLU A 1 133 ? 11.554  7.906   16.133  1.00 35.51 ? 133 GLU A O   1 
ATOM   1004 C CB  . GLU A 1 133 ? 9.748   9.899   17.008  1.00 39.40 ? 133 GLU A CB  1 
ATOM   1005 C CG  . GLU A 1 133 ? 9.386   11.294  16.498  1.00 46.83 ? 133 GLU A CG  1 
ATOM   1006 C CD  . GLU A 1 133 ? 9.805   11.502  15.028  1.00 52.37 ? 133 GLU A CD  1 
ATOM   1007 O OE1 . GLU A 1 133 ? 8.922   11.418  14.132  1.00 56.62 ? 133 GLU A OE1 1 
ATOM   1008 O OE2 . GLU A 1 133 ? 11.015  11.720  14.759  1.00 54.07 ? 133 GLU A OE2 1 
ATOM   1009 N N   . THR A 1 134 ? 9.867   6.444   15.849  1.00 35.42 ? 134 THR A N   1 
ATOM   1010 C CA  . THR A 1 134 ? 10.759  5.286   15.792  1.00 32.85 ? 134 THR A CA  1 
ATOM   1011 C C   . THR A 1 134 ? 11.304  5.257   14.359  1.00 33.70 ? 134 THR A C   1 
ATOM   1012 O O   . THR A 1 134 ? 12.317  4.606   14.078  1.00 34.11 ? 134 THR A O   1 
ATOM   1013 C CB  . THR A 1 134 ? 10.028  3.931   16.110  1.00 32.95 ? 134 THR A CB  1 
ATOM   1014 O OG1 . THR A 1 134 ? 8.895   3.769   15.248  1.00 31.83 ? 134 THR A OG1 1 
ATOM   1015 C CG2 . THR A 1 134 ? 9.561   3.883   17.564  1.00 30.61 ? 134 THR A CG2 1 
ATOM   1016 N N   . TRP A 1 135 ? 10.660  6.038   13.486  1.00 32.51 ? 135 TRP A N   1 
ATOM   1017 C CA  . TRP A 1 135 ? 11.010  6.137   12.066  1.00 32.95 ? 135 TRP A CA  1 
ATOM   1018 C C   . TRP A 1 135 ? 11.948  7.284   11.711  1.00 33.96 ? 135 TRP A C   1 
ATOM   1019 O O   . TRP A 1 135 ? 11.738  8.412   12.140  1.00 34.51 ? 135 TRP A O   1 
ATOM   1020 C CB  . TRP A 1 135 ? 9.734   6.283   11.230  1.00 28.36 ? 135 TRP A CB  1 
ATOM   1021 C CG  . TRP A 1 135 ? 8.811   5.106   11.354  1.00 25.33 ? 135 TRP A CG  1 
ATOM   1022 C CD1 . TRP A 1 135 ? 7.729   4.990   12.186  1.00 22.95 ? 135 TRP A CD1 1 
ATOM   1023 C CD2 . TRP A 1 135 ? 8.872   3.881   10.602  1.00 22.34 ? 135 TRP A CD2 1 
ATOM   1024 N NE1 . TRP A 1 135 ? 7.114   3.779   11.993  1.00 21.23 ? 135 TRP A NE1 1 
ATOM   1025 C CE2 . TRP A 1 135 ? 7.791   3.082   11.024  1.00 21.06 ? 135 TRP A CE2 1 
ATOM   1026 C CE3 . TRP A 1 135 ? 9.726   3.390   9.611   1.00 20.40 ? 135 TRP A CE3 1 
ATOM   1027 C CZ2 . TRP A 1 135 ? 7.539   1.819   10.481  1.00 19.31 ? 135 TRP A CZ2 1 
ATOM   1028 C CZ3 . TRP A 1 135 ? 9.472   2.133   9.070   1.00 18.92 ? 135 TRP A CZ3 1 
ATOM   1029 C CH2 . TRP A 1 135 ? 8.390   1.365   9.509   1.00 17.65 ? 135 TRP A CH2 1 
ATOM   1030 N N   . ARG A 1 136 ? 12.979  6.971   10.932  1.00 36.34 ? 136 ARG A N   1 
ATOM   1031 C CA  . ARG A 1 136 ? 13.952  7.951   10.444  1.00 38.75 ? 136 ARG A CA  1 
ATOM   1032 C C   . ARG A 1 136 ? 13.634  8.043   8.943   1.00 39.71 ? 136 ARG A C   1 
ATOM   1033 O O   . ARG A 1 136 ? 13.674  7.033   8.226   1.00 39.39 ? 136 ARG A O   1 
ATOM   1034 C CB  . ARG A 1 136 ? 15.387  7.437   10.644  1.00 40.45 ? 136 ARG A CB  1 
ATOM   1035 C CG  . ARG A 1 136 ? 15.745  7.135   12.098  1.00 45.58 ? 136 ARG A CG  1 
ATOM   1036 C CD  . ARG A 1 136 ? 17.104  6.425   12.268  1.00 47.80 ? 136 ARG A CD  1 
ATOM   1037 N NE  . ARG A 1 136 ? 17.068  4.967   12.543  1.00 52.30 ? 136 ARG A NE  1 
ATOM   1038 C CZ  . ARG A 1 136 ? 16.193  4.311   13.327  1.00 53.53 ? 136 ARG A CZ  1 
ATOM   1039 N NH1 . ARG A 1 136 ? 15.198  4.943   13.949  1.00 53.23 ? 136 ARG A NH1 1 
ATOM   1040 N NH2 . ARG A 1 136 ? 16.383  3.012   13.588  1.00 52.38 ? 136 ARG A NH2 1 
ATOM   1041 N N   . GLY A 1 137 ? 13.285  9.235   8.467   1.00 40.63 ? 137 GLY A N   1 
ATOM   1042 C CA  . GLY A 1 137 ? 12.940  9.388   7.059   1.00 41.65 ? 137 GLY A CA  1 
ATOM   1043 C C   . GLY A 1 137 ? 13.837  10.221  6.155   1.00 42.32 ? 137 GLY A C   1 
ATOM   1044 O O   . GLY A 1 137 ? 14.713  10.956  6.612   1.00 42.85 ? 137 GLY A O   1 
ATOM   1045 N N   . GLU A 1 138 ? 13.603  10.100  4.852   1.00 41.96 ? 138 GLU A N   1 
ATOM   1046 C CA  . GLU A 1 138 ? 14.347  10.828  3.829   1.00 41.89 ? 138 GLU A CA  1 
ATOM   1047 C C   . GLU A 1 138 ? 13.262  11.323  2.882   1.00 39.63 ? 138 GLU A C   1 
ATOM   1048 O O   . GLU A 1 138 ? 12.539  10.522  2.278   1.00 37.68 ? 138 GLU A O   1 
ATOM   1049 C CB  . GLU A 1 138 ? 15.305  9.876   3.101   1.00 46.24 ? 138 GLU A CB  1 
ATOM   1050 C CG  . GLU A 1 138 ? 15.783  8.697   3.985   1.00 53.15 ? 138 GLU A CG  1 
ATOM   1051 C CD  . GLU A 1 138 ? 16.737  7.727   3.285   1.00 57.38 ? 138 GLU A CD  1 
ATOM   1052 O OE1 . GLU A 1 138 ? 16.441  7.275   2.149   1.00 59.79 ? 138 GLU A OE1 1 
ATOM   1053 O OE2 . GLU A 1 138 ? 17.785  7.403   3.894   1.00 60.42 ? 138 GLU A OE2 1 
ATOM   1054 N N   . THR A 1 139 ? 13.095  12.640  2.824   1.00 37.68 ? 139 THR A N   1 
ATOM   1055 C CA  . THR A 1 139 ? 12.082  13.267  1.975   1.00 36.27 ? 139 THR A CA  1 
ATOM   1056 C C   . THR A 1 139 ? 12.595  13.694  0.585   1.00 35.72 ? 139 THR A C   1 
ATOM   1057 O O   . THR A 1 139 ? 13.654  14.309  0.466   1.00 35.59 ? 139 THR A O   1 
ATOM   1058 C CB  . THR A 1 139 ? 11.463  14.466  2.696   1.00 36.78 ? 139 THR A CB  1 
ATOM   1059 O OG1 . THR A 1 139 ? 11.001  14.041  3.986   1.00 39.76 ? 139 THR A OG1 1 
ATOM   1060 C CG2 . THR A 1 139 ? 10.278  15.016  1.908   1.00 37.02 ? 139 THR A CG2 1 
ATOM   1061 N N   . GLY A 1 140 ? 11.853  13.341  -0.463  1.00 33.54 ? 140 GLY A N   1 
ATOM   1062 C CA  . GLY A 1 140 ? 12.262  13.697  -1.815  1.00 31.72 ? 140 GLY A CA  1 
ATOM   1063 C C   . GLY A 1 140 ? 11.731  15.044  -2.270  1.00 30.58 ? 140 GLY A C   1 
ATOM   1064 O O   . GLY A 1 140 ? 11.000  15.701  -1.537  1.00 29.89 ? 140 GLY A O   1 
ATOM   1065 N N   . GLU A 1 141 ? 12.091  15.449  -3.486  1.00 30.70 ? 141 GLU A N   1 
ATOM   1066 C CA  . GLU A 1 141 ? 11.650  16.727  -4.052  1.00 31.53 ? 141 GLU A CA  1 
ATOM   1067 C C   . GLU A 1 141 ? 10.249  16.620  -4.634  1.00 29.92 ? 141 GLU A C   1 
ATOM   1068 O O   . GLU A 1 141 ? 9.876   15.578  -5.156  1.00 32.47 ? 141 GLU A O   1 
ATOM   1069 C CB  . GLU A 1 141 ? 12.592  17.177  -5.181  1.00 34.05 ? 141 GLU A CB  1 
ATOM   1070 C CG  . GLU A 1 141 ? 14.025  17.402  -4.765  1.00 39.04 ? 141 GLU A CG  1 
ATOM   1071 C CD  . GLU A 1 141 ? 14.169  18.465  -3.683  1.00 43.52 ? 141 GLU A CD  1 
ATOM   1072 O OE1 . GLU A 1 141 ? 15.142  18.381  -2.898  1.00 46.69 ? 141 GLU A OE1 1 
ATOM   1073 O OE2 . GLU A 1 141 ? 13.317  19.381  -3.607  1.00 45.75 ? 141 GLU A OE2 1 
ATOM   1074 N N   . TRP A 1 142 ? 9.487   17.698  -4.571  1.00 28.42 ? 142 TRP A N   1 
ATOM   1075 C CA  . TRP A 1 142 ? 8.143   17.704  -5.126  1.00 29.61 ? 142 TRP A CA  1 
ATOM   1076 C C   . TRP A 1 142 ? 8.226   17.603  -6.647  1.00 30.47 ? 142 TRP A C   1 
ATOM   1077 O O   . TRP A 1 142 ? 9.153   18.140  -7.248  1.00 31.47 ? 142 TRP A O   1 
ATOM   1078 C CB  . TRP A 1 142 ? 7.434   19.007  -4.762  1.00 29.40 ? 142 TRP A CB  1 
ATOM   1079 C CG  . TRP A 1 142 ? 6.902   19.063  -3.362  1.00 30.36 ? 142 TRP A CG  1 
ATOM   1080 C CD1 . TRP A 1 142 ? 7.379   19.822  -2.331  1.00 30.10 ? 142 TRP A CD1 1 
ATOM   1081 C CD2 . TRP A 1 142 ? 5.726   18.405  -2.866  1.00 29.58 ? 142 TRP A CD2 1 
ATOM   1082 N NE1 . TRP A 1 142 ? 6.562   19.690  -1.228  1.00 30.41 ? 142 TRP A NE1 1 
ATOM   1083 C CE2 . TRP A 1 142 ? 5.541   18.827  -1.532  1.00 28.70 ? 142 TRP A CE2 1 
ATOM   1084 C CE3 . TRP A 1 142 ? 4.809   17.508  -3.424  1.00 27.16 ? 142 TRP A CE3 1 
ATOM   1085 C CZ2 . TRP A 1 142 ? 4.479   18.388  -0.754  1.00 27.86 ? 142 TRP A CZ2 1 
ATOM   1086 C CZ3 . TRP A 1 142 ? 3.757   17.073  -2.651  1.00 27.67 ? 142 TRP A CZ3 1 
ATOM   1087 C CH2 . TRP A 1 142 ? 3.600   17.514  -1.326  1.00 28.38 ? 142 TRP A CH2 1 
ATOM   1088 N N   . ARG A 1 143 ? 7.270   16.920  -7.267  1.00 31.20 ? 143 ARG A N   1 
ATOM   1089 C CA  . ARG A 1 143 ? 7.244   16.792  -8.724  1.00 32.63 ? 143 ARG A CA  1 
ATOM   1090 C C   . ARG A 1 143 ? 5.824   17.060  -9.196  1.00 32.09 ? 143 ARG A C   1 
ATOM   1091 O O   . ARG A 1 143 ? 4.882   17.004  -8.415  1.00 31.36 ? 143 ARG A O   1 
ATOM   1092 C CB  . ARG A 1 143 ? 7.662   15.376  -9.168  1.00 35.90 ? 143 ARG A CB  1 
ATOM   1093 C CG  . ARG A 1 143 ? 8.960   14.855  -8.549  1.00 41.29 ? 143 ARG A CG  1 
ATOM   1094 C CD  . ARG A 1 143 ? 9.132   13.355  -8.772  1.00 46.71 ? 143 ARG A CD  1 
ATOM   1095 N NE  . ARG A 1 143 ? 10.233  12.779  -7.985  1.00 49.32 ? 143 ARG A NE  1 
ATOM   1096 C CZ  . ARG A 1 143 ? 10.354  11.477  -7.695  1.00 50.53 ? 143 ARG A CZ  1 
ATOM   1097 N NH1 . ARG A 1 143 ? 9.435   10.607  -8.121  1.00 48.78 ? 143 ARG A NH1 1 
ATOM   1098 N NH2 . ARG A 1 143 ? 11.410  11.030  -7.007  1.00 47.94 ? 143 ARG A NH2 1 
ATOM   1099 N N   . PHE A 1 144 ? 5.677   17.410  -10.464 1.00 31.28 ? 144 PHE A N   1 
ATOM   1100 C CA  . PHE A 1 144 ? 4.357   17.626  -11.029 1.00 31.41 ? 144 PHE A CA  1 
ATOM   1101 C C   . PHE A 1 144 ? 4.022   16.405  -11.881 1.00 31.97 ? 144 PHE A C   1 
ATOM   1102 O O   . PHE A 1 144 ? 4.866   15.889  -12.616 1.00 33.63 ? 144 PHE A O   1 
ATOM   1103 C CB  . PHE A 1 144 ? 4.299   18.896  -11.888 1.00 29.02 ? 144 PHE A CB  1 
ATOM   1104 C CG  . PHE A 1 144 ? 3.778   20.080  -11.161 1.00 28.24 ? 144 PHE A CG  1 
ATOM   1105 C CD1 . PHE A 1 144 ? 4.640   21.093  -10.754 1.00 27.38 ? 144 PHE A CD1 1 
ATOM   1106 C CD2 . PHE A 1 144 ? 2.433   20.152  -10.813 1.00 26.78 ? 144 PHE A CD2 1 
ATOM   1107 C CE1 . PHE A 1 144 ? 4.171   22.166  -9.993  1.00 28.18 ? 144 PHE A CE1 1 
ATOM   1108 C CE2 . PHE A 1 144 ? 1.945   21.216  -10.054 1.00 27.33 ? 144 PHE A CE2 1 
ATOM   1109 C CZ  . PHE A 1 144 ? 2.813   22.230  -9.636  1.00 27.92 ? 144 PHE A CZ  1 
ATOM   1110 N N   . SER A 1 145 ? 2.796   15.927  -11.717 1.00 31.77 ? 145 SER A N   1 
ATOM   1111 C CA  . SER A 1 145 ? 2.261   14.791  -12.444 1.00 31.58 ? 145 SER A CA  1 
ATOM   1112 C C   . SER A 1 145 ? 1.564   15.342  -13.689 1.00 32.37 ? 145 SER A C   1 
ATOM   1113 O O   . SER A 1 145 ? 1.170   16.519  -13.700 1.00 32.59 ? 145 SER A O   1 
ATOM   1114 C CB  . SER A 1 145 ? 1.226   14.126  -11.545 1.00 30.24 ? 145 SER A CB  1 
ATOM   1115 O OG  . SER A 1 145 ? 0.390   13.254  -12.273 1.00 36.27 ? 145 SER A OG  1 
ATOM   1116 N N   . ARG A 1 146 ? 1.395   14.538  -14.735 1.00 31.65 ? 146 ARG A N   1 
ATOM   1117 C CA  . ARG A 1 146 ? 0.689   15.081  -15.883 1.00 35.15 ? 146 ARG A CA  1 
ATOM   1118 C C   . ARG A 1 146 ? -0.765  15.319  -15.487 1.00 34.50 ? 146 ARG A C   1 
ATOM   1119 O O   . ARG A 1 146 ? -1.475  16.061  -16.142 1.00 35.03 ? 146 ARG A O   1 
ATOM   1120 C CB  . ARG A 1 146 ? 0.813   14.231  -17.160 1.00 37.35 ? 146 ARG A CB  1 
ATOM   1121 C CG  . ARG A 1 146 ? 0.327   12.827  -17.069 1.00 42.32 ? 146 ARG A CG  1 
ATOM   1122 C CD  . ARG A 1 146 ? 1.476   11.876  -17.428 1.00 47.46 ? 146 ARG A CD  1 
ATOM   1123 N NE  . ARG A 1 146 ? 1.053   10.476  -17.440 1.00 49.04 ? 146 ARG A NE  1 
ATOM   1124 C CZ  . ARG A 1 146 ? 1.861   9.444   -17.217 1.00 50.64 ? 146 ARG A CZ  1 
ATOM   1125 N NH1 . ARG A 1 146 ? 3.149   9.639   -16.959 1.00 51.24 ? 146 ARG A NH1 1 
ATOM   1126 N NH2 . ARG A 1 146 ? 1.372   8.210   -17.262 1.00 53.26 ? 146 ARG A NH2 1 
ATOM   1127 N N   . SER A 1 147 ? -1.163  14.759  -14.348 1.00 34.85 ? 147 SER A N   1 
ATOM   1128 C CA  . SER A 1 147 ? -2.515  14.912  -13.801 1.00 33.94 ? 147 SER A CA  1 
ATOM   1129 C C   . SER A 1 147 ? -2.701  16.333  -13.225 1.00 32.99 ? 147 SER A C   1 
ATOM   1130 O O   . SER A 1 147 ? -3.824  16.777  -12.966 1.00 32.45 ? 147 SER A O   1 
ATOM   1131 C CB  . SER A 1 147 ? -2.719  13.876  -12.686 1.00 37.01 ? 147 SER A CB  1 
ATOM   1132 O OG  . SER A 1 147 ? -4.002  13.987  -12.105 1.00 42.48 ? 147 SER A OG  1 
ATOM   1133 N N   . GLY A 1 148 ? -1.586  17.031  -13.020 1.00 30.67 ? 148 GLY A N   1 
ATOM   1134 C CA  . GLY A 1 148 ? -1.631  18.373  -12.472 1.00 28.77 ? 148 GLY A CA  1 
ATOM   1135 C C   . GLY A 1 148 ? -1.307  18.397  -10.989 1.00 27.98 ? 148 GLY A C   1 
ATOM   1136 O O   . GLY A 1 148 ? -1.074  19.458  -10.408 1.00 27.22 ? 148 GLY A O   1 
ATOM   1137 N N   . LEU A 1 149 ? -1.275  17.223  -10.370 1.00 26.02 ? 149 LEU A N   1 
ATOM   1138 C CA  . LEU A 1 149 ? -0.992  17.130  -8.943  1.00 24.55 ? 149 LEU A CA  1 
ATOM   1139 C C   . LEU A 1 149 ? 0.495   17.075  -8.628  1.00 23.19 ? 149 LEU A C   1 
ATOM   1140 O O   . LEU A 1 149 ? 1.275   16.451  -9.341  1.00 24.39 ? 149 LEU A O   1 
ATOM   1141 C CB  . LEU A 1 149 ? -1.703  15.911  -8.343  1.00 24.18 ? 149 LEU A CB  1 
ATOM   1142 C CG  . LEU A 1 149 ? -3.222  15.888  -8.508  1.00 23.55 ? 149 LEU A CG  1 
ATOM   1143 C CD1 . LEU A 1 149 ? -3.739  14.539  -8.112  1.00 25.84 ? 149 LEU A CD1 1 
ATOM   1144 C CD2 . LEU A 1 149 ? -3.881  16.985  -7.690  1.00 22.91 ? 149 LEU A CD2 1 
ATOM   1145 N N   . ARG A 1 150 ? 0.888   17.811  -7.593  1.00 22.55 ? 150 ARG A N   1 
ATOM   1146 C CA  . ARG A 1 150 ? 2.267   17.828  -7.115  1.00 22.45 ? 150 ARG A CA  1 
ATOM   1147 C C   . ARG A 1 150 ? 2.396   16.591  -6.185  1.00 23.02 ? 150 ARG A C   1 
ATOM   1148 O O   . ARG A 1 150 ? 1.443   16.219  -5.493  1.00 23.15 ? 150 ARG A O   1 
ATOM   1149 C CB  . ARG A 1 150 ? 2.477   19.117  -6.330  1.00 24.74 ? 150 ARG A CB  1 
ATOM   1150 C CG  . ARG A 1 150 ? 3.832   19.724  -6.414  1.00 27.30 ? 150 ARG A CG  1 
ATOM   1151 C CD  . ARG A 1 150 ? 3.779   21.172  -5.955  1.00 29.97 ? 150 ARG A CD  1 
ATOM   1152 N NE  . ARG A 1 150 ? 3.394   21.296  -4.554  1.00 32.93 ? 150 ARG A NE  1 
ATOM   1153 C CZ  . ARG A 1 150 ? 4.237   21.580  -3.569  1.00 33.24 ? 150 ARG A CZ  1 
ATOM   1154 N NH1 . ARG A 1 150 ? 5.521   21.771  -3.828  1.00 31.36 ? 150 ARG A NH1 1 
ATOM   1155 N NH2 . ARG A 1 150 ? 3.794   21.677  -2.324  1.00 32.96 ? 150 ARG A NH2 1 
ATOM   1156 N N   . TYR A 1 151 ? 3.538   15.918  -6.207  1.00 21.94 ? 151 TYR A N   1 
ATOM   1157 C CA  . TYR A 1 151 ? 3.720   14.743  -5.367  1.00 21.33 ? 151 TYR A CA  1 
ATOM   1158 C C   . TYR A 1 151 ? 5.203   14.550  -5.056  1.00 23.02 ? 151 TYR A C   1 
ATOM   1159 O O   . TYR A 1 151 ? 6.067   15.059  -5.777  1.00 22.22 ? 151 TYR A O   1 
ATOM   1160 C CB  . TYR A 1 151 ? 3.115   13.472  -6.038  1.00 20.07 ? 151 TYR A CB  1 
ATOM   1161 C CG  . TYR A 1 151 ? 3.889   12.937  -7.230  1.00 22.28 ? 151 TYR A CG  1 
ATOM   1162 C CD1 . TYR A 1 151 ? 4.861   11.941  -7.067  1.00 23.14 ? 151 TYR A CD1 1 
ATOM   1163 C CD2 . TYR A 1 151 ? 3.713   13.483  -8.512  1.00 23.54 ? 151 TYR A CD2 1 
ATOM   1164 C CE1 . TYR A 1 151 ? 5.656   11.510  -8.140  1.00 22.67 ? 151 TYR A CE1 1 
ATOM   1165 C CE2 . TYR A 1 151 ? 4.497   13.055  -9.591  1.00 23.40 ? 151 TYR A CE2 1 
ATOM   1166 C CZ  . TYR A 1 151 ? 5.473   12.075  -9.388  1.00 23.52 ? 151 TYR A CZ  1 
ATOM   1167 O OH  . TYR A 1 151 ? 6.299   11.705  -10.419 1.00 25.59 ? 151 TYR A OH  1 
ATOM   1168 N N   . ARG A 1 152 ? 5.483   13.901  -3.923  1.00 23.43 ? 152 ARG A N   1 
ATOM   1169 C CA  . ARG A 1 152 ? 6.847   13.597  -3.512  1.00 21.81 ? 152 ARG A CA  1 
ATOM   1170 C C   . ARG A 1 152 ? 6.925   12.250  -2.824  1.00 22.46 ? 152 ARG A C   1 
ATOM   1171 O O   . ARG A 1 152 ? 5.913   11.697  -2.392  1.00 21.38 ? 152 ARG A O   1 
ATOM   1172 C CB  . ARG A 1 152 ? 7.431   14.668  -2.598  1.00 21.99 ? 152 ARG A CB  1 
ATOM   1173 C CG  . ARG A 1 152 ? 6.735   14.840  -1.295  1.00 21.42 ? 152 ARG A CG  1 
ATOM   1174 C CD  . ARG A 1 152 ? 7.494   15.816  -0.436  1.00 23.38 ? 152 ARG A CD  1 
ATOM   1175 N NE  . ARG A 1 152 ? 6.605   16.405  0.552   1.00 27.34 ? 152 ARG A NE  1 
ATOM   1176 C CZ  . ARG A 1 152 ? 6.946   17.376  1.390   1.00 31.01 ? 152 ARG A CZ  1 
ATOM   1177 N NH1 . ARG A 1 152 ? 8.173   17.873  1.379   1.00 28.37 ? 152 ARG A NH1 1 
ATOM   1178 N NH2 . ARG A 1 152 ? 6.034   17.900  2.196   1.00 31.22 ? 152 ARG A NH2 1 
ATOM   1179 N N   . LEU A 1 153 ? 8.144   11.740  -2.713  1.00 23.72 ? 153 LEU A N   1 
ATOM   1180 C CA  . LEU A 1 153 ? 8.400   10.452  -2.098  1.00 25.17 ? 153 LEU A CA  1 
ATOM   1181 C C   . LEU A 1 153 ? 9.189   10.489  -0.803  1.00 25.45 ? 153 LEU A C   1 
ATOM   1182 O O   . LEU A 1 153 ? 10.134  11.273  -0.652  1.00 24.31 ? 153 LEU A O   1 
ATOM   1183 C CB  . LEU A 1 153 ? 9.134   9.569   -3.079  1.00 29.02 ? 153 LEU A CB  1 
ATOM   1184 C CG  . LEU A 1 153 ? 8.214   8.504   -3.622  1.00 35.24 ? 153 LEU A CG  1 
ATOM   1185 C CD1 . LEU A 1 153 ? 8.463   8.335   -5.121  1.00 38.59 ? 153 LEU A CD1 1 
ATOM   1186 C CD2 . LEU A 1 153 ? 8.412   7.215   -2.776  1.00 36.51 ? 153 LEU A CD2 1 
ATOM   1187 N N   . TYR A 1 154 ? 8.779   9.641   0.133   1.00 24.79 ? 154 TYR A N   1 
ATOM   1188 C CA  . TYR A 1 154 ? 9.458   9.514   1.410   1.00 24.51 ? 154 TYR A CA  1 
ATOM   1189 C C   . TYR A 1 154 ? 9.893   8.076   1.563   1.00 25.56 ? 154 TYR A C   1 
ATOM   1190 O O   . TYR A 1 154 ? 9.160   7.157   1.186   1.00 24.58 ? 154 TYR A O   1 
ATOM   1191 C CB  . TYR A 1 154 ? 8.525   9.803   2.566   1.00 24.66 ? 154 TYR A CB  1 
ATOM   1192 C CG  . TYR A 1 154 ? 8.049   11.227  2.725   1.00 26.04 ? 154 TYR A CG  1 
ATOM   1193 C CD1 . TYR A 1 154 ? 7.046   11.747  1.897   1.00 26.12 ? 154 TYR A CD1 1 
ATOM   1194 C CD2 . TYR A 1 154 ? 8.480   12.001  3.813   1.00 24.81 ? 154 TYR A CD2 1 
ATOM   1195 C CE1 . TYR A 1 154 ? 6.476   12.992  2.165   1.00 25.83 ? 154 TYR A CE1 1 
ATOM   1196 C CE2 . TYR A 1 154 ? 7.914   13.236  4.082   1.00 23.83 ? 154 TYR A CE2 1 
ATOM   1197 C CZ  . TYR A 1 154 ? 6.913   13.718  3.267   1.00 24.28 ? 154 TYR A CZ  1 
ATOM   1198 O OH  . TYR A 1 154 ? 6.301   14.894  3.597   1.00 26.98 ? 154 TYR A OH  1 
ATOM   1199 N N   . SER A 1 155 ? 11.094  7.887   2.095   1.00 25.91 ? 155 SER A N   1 
ATOM   1200 C CA  . SER A 1 155 ? 11.615  6.554   2.379   1.00 26.91 ? 155 SER A CA  1 
ATOM   1201 C C   . SER A 1 155 ? 11.911  6.503   3.865   1.00 27.96 ? 155 SER A C   1 
ATOM   1202 O O   . SER A 1 155 ? 12.801  7.209   4.353   1.00 27.68 ? 155 SER A O   1 
ATOM   1203 C CB  . SER A 1 155 ? 12.884  6.268   1.595   1.00 27.45 ? 155 SER A CB  1 
ATOM   1204 O OG  . SER A 1 155 ? 12.575  6.063   0.238   1.00 29.72 ? 155 SER A OG  1 
ATOM   1205 N N   . TYR A 1 156 ? 11.133  5.696   4.587   1.00 27.97 ? 156 TYR A N   1 
ATOM   1206 C CA  . TYR A 1 156 ? 11.294  5.554   6.027   1.00 27.40 ? 156 TYR A CA  1 
ATOM   1207 C C   . TYR A 1 156 ? 11.908  4.230   6.391   1.00 27.71 ? 156 TYR A C   1 
ATOM   1208 O O   . TYR A 1 156 ? 11.636  3.213   5.761   1.00 25.77 ? 156 TYR A O   1 
ATOM   1209 C CB  . TYR A 1 156 ? 9.958   5.678   6.750   1.00 27.13 ? 156 TYR A CB  1 
ATOM   1210 C CG  . TYR A 1 156 ? 9.307   7.035   6.689   1.00 26.70 ? 156 TYR A CG  1 
ATOM   1211 C CD1 . TYR A 1 156 ? 8.294   7.296   5.763   1.00 27.09 ? 156 TYR A CD1 1 
ATOM   1212 C CD2 . TYR A 1 156 ? 9.638   8.032   7.610   1.00 27.79 ? 156 TYR A CD2 1 
ATOM   1213 C CE1 . TYR A 1 156 ? 7.618   8.495   5.760   1.00 25.13 ? 156 TYR A CE1 1 
ATOM   1214 C CE2 . TYR A 1 156 ? 8.967   9.249   7.615   1.00 28.33 ? 156 TYR A CE2 1 
ATOM   1215 C CZ  . TYR A 1 156 ? 7.955   9.467   6.680   1.00 27.79 ? 156 TYR A CZ  1 
ATOM   1216 O OH  . TYR A 1 156 ? 7.269   10.652  6.663   1.00 28.68 ? 156 TYR A OH  1 
ATOM   1217 N N   . HIS A 1 157 ? 12.711  4.265   7.451   1.00 30.87 ? 157 HIS A N   1 
ATOM   1218 C CA  . HIS A 1 157 ? 13.410  3.104   7.972   1.00 33.87 ? 157 HIS A CA  1 
ATOM   1219 C C   . HIS A 1 157 ? 13.386  3.136   9.504   1.00 35.03 ? 157 HIS A C   1 
ATOM   1220 O O   . HIS A 1 157 ? 13.142  4.174   10.128  1.00 35.71 ? 157 HIS A O   1 
ATOM   1221 C CB  . HIS A 1 157 ? 14.879  3.129   7.525   1.00 37.74 ? 157 HIS A CB  1 
ATOM   1222 C CG  . HIS A 1 157 ? 15.066  3.422   6.066   1.00 44.36 ? 157 HIS A CG  1 
ATOM   1223 N ND1 . HIS A 1 157 ? 15.056  2.439   5.095   1.00 46.82 ? 157 HIS A ND1 1 
ATOM   1224 C CD2 . HIS A 1 157 ? 15.249  4.597   5.408   1.00 46.05 ? 157 HIS A CD2 1 
ATOM   1225 C CE1 . HIS A 1 157 ? 15.218  2.992   3.904   1.00 45.60 ? 157 HIS A CE1 1 
ATOM   1226 N NE2 . HIS A 1 157 ? 15.338  4.300   4.067   1.00 48.07 ? 157 HIS A NE2 1 
ATOM   1227 N N   . ARG A 1 158 ? 13.548  1.956   10.084  1.00 35.74 ? 158 ARG A N   1 
ATOM   1228 C CA  . ARG A 1 158 ? 13.652  1.765   11.526  1.00 35.69 ? 158 ARG A CA  1 
ATOM   1229 C C   . ARG A 1 158 ? 14.258  0.371   11.668  1.00 37.28 ? 158 ARG A C   1 
ATOM   1230 O O   . ARG A 1 158 ? 13.919  -0.549  10.912  1.00 37.06 ? 158 ARG A O   1 
ATOM   1231 C CB  . ARG A 1 158 ? 12.319  1.939   12.269  1.00 33.77 ? 158 ARG A CB  1 
ATOM   1232 C CG  . ARG A 1 158 ? 11.356  0.781   12.258  1.00 29.66 ? 158 ARG A CG  1 
ATOM   1233 C CD  . ARG A 1 158 ? 10.227  1.067   13.229  1.00 24.73 ? 158 ARG A CD  1 
ATOM   1234 N NE  . ARG A 1 158 ? 9.115   0.157   12.994  1.00 24.75 ? 158 ARG A NE  1 
ATOM   1235 C CZ  . ARG A 1 158 ? 7.927   0.249   13.581  1.00 23.83 ? 158 ARG A CZ  1 
ATOM   1236 N NH1 . ARG A 1 158 ? 7.687   1.211   14.459  1.00 24.70 ? 158 ARG A NH1 1 
ATOM   1237 N NH2 . ARG A 1 158 ? 6.960   -0.596  13.258  1.00 20.68 ? 158 ARG A NH2 1 
ATOM   1238 N N   . SER A 1 159 ? 15.251  0.256   12.545  1.00 38.73 ? 159 SER A N   1 
ATOM   1239 C CA  . SER A 1 159 ? 15.945  -1.015  12.734  1.00 39.90 ? 159 SER A CA  1 
ATOM   1240 C C   . SER A 1 159 ? 15.289  -1.943  13.750  1.00 40.37 ? 159 SER A C   1 
ATOM   1241 O O   . SER A 1 159 ? 15.385  -3.175  13.566  1.00 39.41 ? 159 SER A O   1 
ATOM   1242 C CB  . SER A 1 159 ? 17.405  -0.755  13.103  1.00 40.84 ? 159 SER A CB  1 
ATOM   1243 O OG  . SER A 1 159 ? 18.068  -0.029  12.077  1.00 45.29 ? 159 SER A OG  1 
ATOM   1244 O OXT . SER A 1 159 ? 14.680  -1.431  14.712  1.00 41.19 ? 159 SER A OXT 1 
HETATM 1245 P PA  . NDP B 2 .   ? -8.272  -3.731  3.212   1.00 20.19 ? 160 NDP A PA  1 
HETATM 1246 O O1A . NDP B 2 .   ? -7.241  -3.504  4.265   1.00 18.27 ? 160 NDP A O1A 1 
HETATM 1247 O O2A . NDP B 2 .   ? -7.689  -3.772  1.839   1.00 22.67 ? 160 NDP A O2A 1 
HETATM 1248 O O5B . NDP B 2 .   ? -9.036  -5.095  3.444   1.00 21.84 ? 160 NDP A O5B 1 
HETATM 1249 C C5B . NDP B 2 .   ? -9.744  -5.305  4.693   1.00 22.84 ? 160 NDP A C5B 1 
HETATM 1250 C C4B . NDP B 2 .   ? -10.139 -6.800  4.540   1.00 24.81 ? 160 NDP A C4B 1 
HETATM 1251 O O4B . NDP B 2 .   ? -8.956  -7.581  4.830   1.00 22.06 ? 160 NDP A O4B 1 
HETATM 1252 C C3B . NDP B 2 .   ? -11.199 -7.277  5.555   1.00 26.00 ? 160 NDP A C3B 1 
HETATM 1253 O O3B . NDP B 2 .   ? -12.460 -6.901  5.042   1.00 23.86 ? 160 NDP A O3B 1 
HETATM 1254 C C2B . NDP B 2 .   ? -10.832 -8.806  5.565   1.00 26.82 ? 160 NDP A C2B 1 
HETATM 1255 O O2B . NDP B 2 .   ? -11.279 -9.553  4.469   1.00 30.03 ? 160 NDP A O2B 1 
HETATM 1256 C C1B . NDP B 2 .   ? -9.357  -8.738  5.576   1.00 25.79 ? 160 NDP A C1B 1 
HETATM 1257 N N9A . NDP B 2 .   ? -8.787  -8.621  6.877   1.00 26.12 ? 160 NDP A N9A 1 
HETATM 1258 C C8A . NDP B 2 .   ? -8.496  -7.481  7.575   1.00 25.87 ? 160 NDP A C8A 1 
HETATM 1259 N N7A . NDP B 2 .   ? -7.919  -7.724  8.733   1.00 26.60 ? 160 NDP A N7A 1 
HETATM 1260 C C5A . NDP B 2 .   ? -7.832  -9.094  8.767   1.00 26.56 ? 160 NDP A C5A 1 
HETATM 1261 C C6A . NDP B 2 .   ? -7.297  -9.971  9.756   1.00 28.28 ? 160 NDP A C6A 1 
HETATM 1262 N N6A . NDP B 2 .   ? -6.753  -9.463  10.885  1.00 29.18 ? 160 NDP A N6A 1 
HETATM 1263 N N1A . NDP B 2 .   ? -7.367  -11.314 9.498   1.00 27.07 ? 160 NDP A N1A 1 
HETATM 1264 C C2A . NDP B 2 .   ? -7.949  -11.731 8.314   1.00 24.92 ? 160 NDP A C2A 1 
HETATM 1265 N N3A . NDP B 2 .   ? -8.462  -11.003 7.360   1.00 25.68 ? 160 NDP A N3A 1 
HETATM 1266 C C4A . NDP B 2 .   ? -8.354  -9.670  7.651   1.00 26.43 ? 160 NDP A C4A 1 
HETATM 1267 O O3  . NDP B 2 .   ? -9.371  -2.699  3.280   1.00 19.60 ? 160 NDP A O3  1 
HETATM 1268 P PN  . NDP B 2 .   ? -9.632  -1.168  3.496   1.00 19.96 ? 160 NDP A PN  1 
HETATM 1269 O O1N . NDP B 2 .   ? -11.080 -0.887  3.400   1.00 19.09 ? 160 NDP A O1N 1 
HETATM 1270 O O2N . NDP B 2 .   ? -9.034  -0.684  4.769   1.00 18.80 ? 160 NDP A O2N 1 
HETATM 1271 O O5D . NDP B 2 .   ? -8.789  -0.483  2.281   1.00 20.23 ? 160 NDP A O5D 1 
HETATM 1272 C C5D . NDP B 2 .   ? -9.326  -0.604  0.952   1.00 20.98 ? 160 NDP A C5D 1 
HETATM 1273 C C4D . NDP B 2 .   ? -9.164  0.804   0.381   1.00 24.37 ? 160 NDP A C4D 1 
HETATM 1274 O O4D . NDP B 2 .   ? -7.744  1.139   0.330   1.00 23.91 ? 160 NDP A O4D 1 
HETATM 1275 C C3D . NDP B 2 .   ? -9.704  0.926   -1.048  1.00 25.28 ? 160 NDP A C3D 1 
HETATM 1276 O O3D . NDP B 2 .   ? -10.468 2.127   -1.069  1.00 23.46 ? 160 NDP A O3D 1 
HETATM 1277 C C2D . NDP B 2 .   ? -8.372  0.930   -1.864  1.00 26.39 ? 160 NDP A C2D 1 
HETATM 1278 O O2D . NDP B 2 .   ? -8.550  1.536   -3.151  1.00 29.41 ? 160 NDP A O2D 1 
HETATM 1279 C C1D . NDP B 2 .   ? -7.430  1.703   -0.936  1.00 25.00 ? 160 NDP A C1D 1 
HETATM 1280 N N1N . NDP B 2 .   ? -5.974  1.461   -1.212  1.00 22.33 ? 160 NDP A N1N 1 
HETATM 1281 C C2N . NDP B 2 .   ? -5.187  2.627   -1.357  1.00 20.71 ? 160 NDP A C2N 1 
HETATM 1282 C C3N . NDP B 2 .   ? -3.843  2.445   -1.595  1.00 17.78 ? 160 NDP A C3N 1 
HETATM 1283 C C7N . NDP B 2 .   ? -2.979  3.757   -1.746  1.00 16.73 ? 160 NDP A C7N 1 
HETATM 1284 O O7N . NDP B 2 .   ? -1.766  3.629   -1.761  1.00 16.02 ? 160 NDP A O7N 1 
HETATM 1285 N N7N . NDP B 2 .   ? -3.661  4.951   -1.846  1.00 14.48 ? 160 NDP A N7N 1 
HETATM 1286 C C4N . NDP B 2 .   ? -3.195  1.176   -1.712  1.00 19.51 ? 160 NDP A C4N 1 
HETATM 1287 C C5N . NDP B 2 .   ? -4.120  0.087   -1.544  1.00 21.09 ? 160 NDP A C5N 1 
HETATM 1288 C C6N . NDP B 2 .   ? -5.447  0.183   -1.305  1.00 21.75 ? 160 NDP A C6N 1 
HETATM 1289 P P2B . NDP B 2 .   ? -12.837 -10.214 4.570   1.00 31.61 ? 160 NDP A P2B 1 
HETATM 1290 O O1X . NDP B 2 .   ? -13.727 -9.083  4.722   1.00 28.85 ? 160 NDP A O1X 1 
HETATM 1291 O O2X . NDP B 2 .   ? -12.804 -10.876 3.212   1.00 29.99 ? 160 NDP A O2X 1 
HETATM 1292 O O3X . NDP B 2 .   ? -12.715 -11.120 5.750   1.00 28.51 ? 160 NDP A O3X 1 
HETATM 1293 C C1  . GOL C 3 .   ? -13.011 3.202   1.590   1.00 31.68 ? 161 GOL A C1  1 
HETATM 1294 O O1  . GOL C 3 .   ? -12.526 3.157   0.206   1.00 25.36 ? 161 GOL A O1  1 
HETATM 1295 C C2  . GOL C 3 .   ? -12.977 1.758   2.187   1.00 33.75 ? 161 GOL A C2  1 
HETATM 1296 O O2  . GOL C 3 .   ? -11.877 0.948   1.830   1.00 35.08 ? 161 GOL A O2  1 
HETATM 1297 C C3  . GOL C 3 .   ? -14.288 0.966   2.313   1.00 34.77 ? 161 GOL A C3  1 
HETATM 1298 O O3  . GOL C 3 .   ? -15.199 1.266   1.288   1.00 39.58 ? 161 GOL A O3  1 
HETATM 1299 C C1  . GOL D 3 .   ? -10.957 1.614   5.689   1.00 25.25 ? 162 GOL A C1  1 
HETATM 1300 O O1  . GOL D 3 .   ? -9.734  1.247   6.363   1.00 21.17 ? 162 GOL A O1  1 
HETATM 1301 C C2  . GOL D 3 .   ? -12.125 1.265   6.632   1.00 27.64 ? 162 GOL A C2  1 
HETATM 1302 O O2  . GOL D 3 .   ? -12.221 -0.090  7.024   1.00 29.13 ? 162 GOL A O2  1 
HETATM 1303 C C3  . GOL D 3 .   ? -13.473 1.943   6.367   1.00 30.25 ? 162 GOL A C3  1 
HETATM 1304 O O3  . GOL D 3 .   ? -14.438 1.628   7.342   1.00 31.81 ? 162 GOL A O3  1 
HETATM 1305 C C1  . GOL E 3 .   ? 2.474   13.234  4.220   1.00 45.94 ? 163 GOL A C1  1 
HETATM 1306 O O1  . GOL E 3 .   ? 1.593   14.164  4.951   1.00 48.83 ? 163 GOL A O1  1 
HETATM 1307 C C2  . GOL E 3 .   ? 3.405   12.526  5.245   1.00 45.38 ? 163 GOL A C2  1 
HETATM 1308 O O2  . GOL E 3 .   ? 4.044   13.318  6.223   1.00 46.68 ? 163 GOL A O2  1 
HETATM 1309 C C3  . GOL E 3 .   ? 4.183   11.277  4.826   1.00 43.33 ? 163 GOL A C3  1 
HETATM 1310 O O3  . GOL E 3 .   ? 4.348   10.389  5.913   1.00 43.31 ? 163 GOL A O3  1 
HETATM 1311 C C1  . GOL F 3 .   ? -16.446 0.772   4.961   1.00 49.79 ? 164 GOL A C1  1 
HETATM 1312 O O1  . GOL F 3 .   ? -17.175 0.030   3.939   1.00 50.12 ? 164 GOL A O1  1 
HETATM 1313 C C2  . GOL F 3 .   ? -16.881 2.280   4.923   1.00 49.54 ? 164 GOL A C2  1 
HETATM 1314 O O2  . GOL F 3 .   ? -16.260 3.151   3.979   1.00 49.77 ? 164 GOL A O2  1 
HETATM 1315 C C3  . GOL F 3 .   ? -17.368 2.962   6.232   1.00 47.54 ? 164 GOL A C3  1 
HETATM 1316 O O3  . GOL F 3 .   ? -18.427 3.883   6.004   1.00 43.17 ? 164 GOL A O3  1 
HETATM 1317 C C1  . GOL G 3 .   ? -2.231  -1.398  -7.915  1.00 60.28 ? 165 GOL A C1  1 
HETATM 1318 O O1  . GOL G 3 .   ? -1.661  -0.804  -9.130  1.00 57.61 ? 165 GOL A O1  1 
HETATM 1319 C C2  . GOL G 3 .   ? -2.019  -0.442  -6.680  1.00 60.99 ? 165 GOL A C2  1 
HETATM 1320 O O2  . GOL G 3 .   ? -0.688  -0.099  -6.334  1.00 62.36 ? 165 GOL A O2  1 
HETATM 1321 C C3  . GOL G 3 .   ? -2.992  -0.531  -5.468  1.00 60.21 ? 165 GOL A C3  1 
HETATM 1322 O O3  . GOL G 3 .   ? -2.318  -0.655  -4.226  1.00 58.22 ? 165 GOL A O3  1 
HETATM 1323 O O   . HOH H 4 .   ? 4.733   -0.021  15.189  1.00 11.08 ? 166 HOH A O   1 
HETATM 1324 O O   . HOH H 4 .   ? -11.897 9.001   8.397   1.00 26.13 ? 167 HOH A O   1 
HETATM 1325 O O   . HOH H 4 .   ? 10.122  12.872  -4.458  1.00 17.93 ? 168 HOH A O   1 
HETATM 1326 O O   . HOH H 4 .   ? 0.564   -14.755 -7.059  1.00 18.08 ? 169 HOH A O   1 
HETATM 1327 O O   . HOH H 4 .   ? -3.833  2.281   7.835   1.00 19.87 ? 170 HOH A O   1 
HETATM 1328 O O   . HOH H 4 .   ? -0.992  19.584  -6.301  1.00 19.08 ? 171 HOH A O   1 
HETATM 1329 O O   . HOH H 4 .   ? -14.640 10.015  10.904  1.00 30.41 ? 172 HOH A O   1 
HETATM 1330 O O   . HOH H 4 .   ? 12.090  2.704   2.973   1.00 22.36 ? 173 HOH A O   1 
HETATM 1331 O O   . HOH H 4 .   ? -1.878  -10.668 -14.140 1.00 28.85 ? 174 HOH A O   1 
HETATM 1332 O O   . HOH H 4 .   ? -8.652  3.379   7.599   1.00 18.20 ? 175 HOH A O   1 
HETATM 1333 O O   . HOH H 4 .   ? 5.096   5.101   -2.438  1.00 21.93 ? 176 HOH A O   1 
HETATM 1334 O O   . HOH H 4 .   ? 10.453  -5.805  9.111   1.00 18.42 ? 177 HOH A O   1 
HETATM 1335 O O   . HOH H 4 .   ? 3.068   18.522  2.960   1.00 32.05 ? 178 HOH A O   1 
HETATM 1336 O O   . HOH H 4 .   ? -5.012  16.498  1.653   1.00 24.75 ? 179 HOH A O   1 
HETATM 1337 O O   . HOH H 4 .   ? -4.540  18.292  4.317   1.00 29.00 ? 180 HOH A O   1 
HETATM 1338 O O   . HOH H 4 .   ? -15.469 7.983   3.103   1.00 27.47 ? 181 HOH A O   1 
HETATM 1339 O O   . HOH H 4 .   ? 4.395   -19.729 2.313   1.00 22.96 ? 182 HOH A O   1 
HETATM 1340 O O   . HOH H 4 .   ? -3.794  3.096   10.506  1.00 23.33 ? 183 HOH A O   1 
HETATM 1341 O O   . HOH H 4 .   ? -0.866  0.046   13.622  1.00 20.76 ? 184 HOH A O   1 
HETATM 1342 O O   . HOH H 4 .   ? -3.966  6.280   10.670  1.00 24.82 ? 185 HOH A O   1 
HETATM 1343 O O   . HOH H 4 .   ? 5.097   4.033   13.693  1.00 31.41 ? 186 HOH A O   1 
HETATM 1344 O O   . HOH H 4 .   ? 1.125   8.908   7.461   1.00 32.70 ? 187 HOH A O   1 
HETATM 1345 O O   . HOH H 4 .   ? 5.231   -12.887 3.155   1.00 27.53 ? 188 HOH A O   1 
HETATM 1346 O O   . HOH H 4 .   ? -3.294  9.478   7.839   1.00 55.74 ? 189 HOH A O   1 
HETATM 1347 O O   . HOH H 4 .   ? -6.268  -3.430  11.262  1.00 28.13 ? 190 HOH A O   1 
HETATM 1348 O O   . HOH H 4 .   ? -13.467 -9.877  8.153   1.00 27.70 ? 191 HOH A O   1 
HETATM 1349 O O   . HOH H 4 .   ? 4.943   5.585   -13.386 1.00 58.98 ? 192 HOH A O   1 
HETATM 1350 O O   . HOH H 4 .   ? 7.043   20.728  3.714   1.00 35.77 ? 193 HOH A O   1 
HETATM 1351 O O   . HOH H 4 .   ? 2.692   3.893   -4.192  1.00 30.99 ? 194 HOH A O   1 
HETATM 1352 O O   . HOH H 4 .   ? 12.202  -0.801  14.680  1.00 32.65 ? 195 HOH A O   1 
HETATM 1353 O O   . HOH H 4 .   ? -8.264  16.167  7.157   1.00 30.05 ? 196 HOH A O   1 
HETATM 1354 O O   . HOH H 4 .   ? 12.019  -4.878  -7.228  1.00 32.85 ? 197 HOH A O   1 
HETATM 1355 O O   . HOH H 4 .   ? 10.310  17.992  -0.584  1.00 25.13 ? 198 HOH A O   1 
HETATM 1356 O O   . HOH H 4 .   ? -0.821  -5.354  14.548  1.00 29.51 ? 199 HOH A O   1 
HETATM 1357 O O   . HOH H 4 .   ? 3.767   -13.680 -12.108 1.00 39.15 ? 200 HOH A O   1 
HETATM 1358 O O   . HOH H 4 .   ? 8.188   8.560   19.143  1.00 39.51 ? 201 HOH A O   1 
HETATM 1359 O O   . HOH H 4 .   ? -12.434 15.345  1.128   1.00 32.62 ? 202 HOH A O   1 
HETATM 1360 O O   . HOH H 4 .   ? -7.897  -5.847  10.730  1.00 35.25 ? 203 HOH A O   1 
HETATM 1361 O O   . HOH H 4 .   ? -15.595 -1.337  7.063   1.00 31.34 ? 204 HOH A O   1 
HETATM 1362 O O   . HOH H 4 .   ? -16.956 9.878   1.993   1.00 27.49 ? 205 HOH A O   1 
HETATM 1363 O O   . HOH H 4 .   ? -1.495  2.691   12.065  1.00 29.47 ? 206 HOH A O   1 
HETATM 1364 O O   . HOH H 4 .   ? -9.228  -4.898  -16.187 1.00 39.34 ? 207 HOH A O   1 
HETATM 1365 O O   . HOH H 4 .   ? 5.708   -21.647 3.566   1.00 37.25 ? 208 HOH A O   1 
HETATM 1366 O O   . HOH H 4 .   ? 8.796   -8.285  10.984  1.00 26.50 ? 209 HOH A O   1 
HETATM 1367 O O   . HOH H 4 .   ? -15.006 -5.875  -18.130 1.00 61.73 ? 210 HOH A O   1 
HETATM 1368 O O   . HOH H 4 .   ? -13.543 -4.955  6.501   1.00 30.04 ? 211 HOH A O   1 
HETATM 1369 O O   . HOH H 4 .   ? -4.419  -11.566 12.156  1.00 35.16 ? 212 HOH A O   1 
HETATM 1370 O O   . HOH H 4 .   ? -6.614  -12.852 11.449  1.00 44.08 ? 213 HOH A O   1 
HETATM 1371 O O   . HOH H 4 .   ? -6.679  -18.741 -3.759  1.00 35.48 ? 214 HOH A O   1 
HETATM 1372 O O   . HOH H 4 .   ? -16.860 13.159  7.749   1.00 43.39 ? 215 HOH A O   1 
HETATM 1373 O O   . HOH H 4 .   ? -5.204  -3.047  13.732  1.00 37.72 ? 216 HOH A O   1 
HETATM 1374 O O   . HOH H 4 .   ? -12.808 -7.675  -17.963 1.00 39.14 ? 217 HOH A O   1 
HETATM 1375 O O   . HOH H 4 .   ? 12.433  11.392  -4.590  1.00 36.33 ? 218 HOH A O   1 
HETATM 1376 O O   . HOH H 4 .   ? -15.864 5.529   1.553   1.00 31.88 ? 219 HOH A O   1 
HETATM 1377 O O   . HOH H 4 .   ? -14.572 12.276  -3.028  1.00 37.03 ? 220 HOH A O   1 
HETATM 1378 O O   . HOH H 4 .   ? 6.439   2.980   16.394  1.00 52.73 ? 221 HOH A O   1 
HETATM 1379 O O   . HOH H 4 .   ? 1.408   -13.265 -10.212 1.00 40.66 ? 222 HOH A O   1 
HETATM 1380 O O   . HOH H 4 .   ? -15.243 -11.378 -0.177  1.00 40.76 ? 223 HOH A O   1 
HETATM 1381 O O   . HOH H 4 .   ? -1.563  -14.493 13.415  1.00 56.10 ? 224 HOH A O   1 
HETATM 1382 O O   . HOH H 4 .   ? -10.196 -6.972  -18.459 1.00 45.99 ? 225 HOH A O   1 
HETATM 1383 O O   . HOH H 4 .   ? -0.027  4.931   13.125  1.00 54.39 ? 226 HOH A O   1 
HETATM 1384 O O   . HOH H 4 .   ? -11.764 4.650   8.444   1.00 30.00 ? 227 HOH A O   1 
HETATM 1385 O O   . HOH H 4 .   ? -14.334 15.602  5.412   1.00 63.99 ? 228 HOH A O   1 
HETATM 1386 O O   . HOH H 4 .   ? -10.299 -13.350 -8.898  1.00 44.80 ? 229 HOH A O   1 
HETATM 1387 O O   . HOH H 4 .   ? 7.423   21.385  1.029   1.00 35.27 ? 230 HOH A O   1 
HETATM 1388 O O   . HOH H 4 .   ? -10.358 -17.569 7.228   1.00 59.39 ? 231 HOH A O   1 
HETATM 1389 O O   . HOH H 4 .   ? -16.917 -5.166  1.627   1.00 22.56 ? 232 HOH A O   1 
HETATM 1390 O O   . HOH H 4 .   ? 2.696   -16.555 2.651   1.00 28.11 ? 233 HOH A O   1 
HETATM 1391 O O   . HOH H 4 .   ? 2.518   -2.841  -10.888 1.00 35.27 ? 234 HOH A O   1 
HETATM 1392 O O   . HOH H 4 .   ? 12.388  -11.323 -2.336  1.00 38.49 ? 235 HOH A O   1 
HETATM 1393 O O   . HOH H 4 .   ? 13.865  13.785  -4.635  1.00 29.00 ? 236 HOH A O   1 
HETATM 1394 O O   . HOH H 4 .   ? -1.507  6.841   -6.423  1.00 25.40 ? 237 HOH A O   1 
HETATM 1395 O O   . HOH H 4 .   ? -12.574 7.850   -4.604  1.00 47.30 ? 238 HOH A O   1 
HETATM 1396 O O   . HOH H 4 .   ? 7.976   -14.477 -3.251  1.00 35.56 ? 239 HOH A O   1 
HETATM 1397 O O   . HOH H 4 .   ? -6.260  4.016   12.440  1.00 32.27 ? 240 HOH A O   1 
HETATM 1398 O O   . HOH H 4 .   ? 0.496   2.401   -3.536  1.00 36.62 ? 241 HOH A O   1 
HETATM 1399 O O   . HOH H 4 .   ? -12.089 -6.266  8.982   1.00 30.58 ? 242 HOH A O   1 
HETATM 1400 O O   . HOH H 4 .   ? 6.525   10.792  10.803  1.00 40.19 ? 243 HOH A O   1 
HETATM 1401 O O   . HOH H 4 .   ? -19.418 0.601   6.845   1.00 39.05 ? 244 HOH A O   1 
HETATM 1402 O O   . HOH H 4 .   ? 10.619  20.013  -2.761  1.00 35.39 ? 245 HOH A O   1 
HETATM 1403 O O   . HOH H 4 .   ? -14.059 12.498  9.607   1.00 49.58 ? 246 HOH A O   1 
HETATM 1404 O O   . HOH H 4 .   ? 13.772  -4.905  14.872  1.00 67.48 ? 247 HOH A O   1 
HETATM 1405 O O   . HOH H 4 .   ? 11.608  17.383  -8.812  1.00 44.88 ? 248 HOH A O   1 
HETATM 1406 O O   . HOH H 4 .   ? -13.096 -0.708  -0.471  1.00 43.33 ? 249 HOH A O   1 
HETATM 1407 O O   . HOH H 4 .   ? -9.433  3.206   -7.480  1.00 49.54 ? 250 HOH A O   1 
HETATM 1408 O O   . HOH H 4 .   ? 14.168  -5.605  -5.155  1.00 37.40 ? 251 HOH A O   1 
HETATM 1409 O O   . HOH H 4 .   ? 14.784  -3.994  2.139   1.00 41.82 ? 252 HOH A O   1 
HETATM 1410 O O   . HOH H 4 .   ? -9.487  -17.120 4.415   1.00 41.28 ? 253 HOH A O   1 
HETATM 1411 O O   . HOH H 4 .   ? 0.499   0.679   16.496  1.00 38.81 ? 254 HOH A O   1 
HETATM 1412 O O   . HOH H 4 .   ? 15.158  14.324  4.504   1.00 38.25 ? 255 HOH A O   1 
HETATM 1413 O O   . HOH H 4 .   ? -9.035  -12.602 13.941  1.00 41.97 ? 256 HOH A O   1 
HETATM 1414 O O   . HOH H 4 .   ? 6.349   13.674  -12.615 1.00 41.36 ? 257 HOH A O   1 
HETATM 1415 O O   . HOH H 4 .   ? -4.814  7.643   13.656  1.00 41.22 ? 258 HOH A O   1 
HETATM 1416 O O   . HOH H 4 .   ? -11.898 -4.699  -13.564 1.00 44.79 ? 259 HOH A O   1 
HETATM 1417 O O   . HOH H 4 .   ? 5.553   12.420  -15.531 1.00 57.09 ? 260 HOH A O   1 
HETATM 1418 O O   . HOH H 4 .   ? 13.001  -12.083 -6.321  1.00 40.81 ? 261 HOH A O   1 
# 
